data_7PP3
#
_entry.id   7PP3
#
_cell.length_a   102.937
_cell.length_b   102.937
_cell.length_c   331.823
_cell.angle_alpha   90.000
_cell.angle_beta   90.000
_cell.angle_gamma   90.000
#
_symmetry.space_group_name_H-M   'P 43 2 2'
#
loop_
_entity.id
_entity.type
_entity.pdbx_description
1 polymer Esterase
2 non-polymer DI(HYDROXYETHYL)ETHER
3 non-polymer GLYCEROL
4 non-polymer 'CHLORIDE ION'
5 water water
#
_entity_poly.entity_id   1
_entity_poly.type   'polypeptide(L)'
_entity_poly.pdbx_seq_one_letter_code
;MHHHHHHHHHHLEVLFQGPSEFPMAQSNIIAGMDLNRLDRIAEHLDRAYLHPGKLAGTMTLVARRGEVVYCQAQGLRDVE
RQLPVERDTLFRIYSMTKPITSIALMQLYEQGRFLLDEPVHKYIPTWKNLRVYKTGSHPQMLTTAPQRPMTIRDLLTHQS
GLTYGFMNRTNVDAAYRSLKLDGGPGHTLDRLIDELARLPLEFSPGTAWNYSVATDVCGYLVQLLSGMSLDDYFSKHIFQ
PLGMPDTFFTVPAEKLSRFAACYEYQPGDSFSLQDDPQGSAFAKAHGYLSGGGGLVSCVDDYYRFAQALANGGELDGARI
IGRKTLEFMRMNHLPDNKGLPDVAIGSFSETPYDGTGFGLGFSVKLDVAKSQTVGSVGEYGWGGMASTNFFIDPEEDLLM
VFMTQLIPSSTYAVRQELRAIINGALVDA
;
_entity_poly.pdbx_strand_id   A,B,C,D
#
# COMPACT_ATOMS: atom_id res chain seq x y z
N SER A 27 28.74 10.12 -25.40
CA SER A 27 27.33 9.62 -25.21
C SER A 27 27.05 8.41 -26.12
N ASN A 28 27.36 7.21 -25.62
CA ASN A 28 27.06 5.90 -26.28
C ASN A 28 26.02 5.17 -25.44
N ILE A 29 24.76 5.16 -25.88
CA ILE A 29 23.61 4.65 -25.08
C ILE A 29 22.91 3.54 -25.85
N ILE A 30 22.64 2.42 -25.17
CA ILE A 30 21.73 1.37 -25.70
C ILE A 30 20.71 1.07 -24.60
N ALA A 31 19.42 1.03 -24.97
CA ALA A 31 18.32 0.63 -24.08
C ALA A 31 18.40 1.41 -22.75
N GLY A 32 18.69 2.71 -22.82
CA GLY A 32 18.73 3.63 -21.66
C GLY A 32 19.89 3.36 -20.72
N MET A 33 20.87 2.61 -21.19
CA MET A 33 22.13 2.29 -20.46
C MET A 33 23.29 3.02 -21.14
N ASP A 34 24.11 3.69 -20.34
CA ASP A 34 25.36 4.35 -20.81
C ASP A 34 26.47 3.30 -20.88
N LEU A 35 26.96 2.99 -22.07
CA LEU A 35 28.00 1.95 -22.30
C LEU A 35 29.33 2.38 -21.68
N ASN A 36 29.64 3.67 -21.72
CA ASN A 36 30.87 4.23 -21.11
C ASN A 36 30.83 3.96 -19.60
N ARG A 37 29.65 4.11 -18.97
CA ARG A 37 29.48 3.84 -17.51
C ARG A 37 29.67 2.34 -17.29
N LEU A 38 29.21 1.50 -18.21
CA LEU A 38 29.31 0.03 -18.06
C LEU A 38 30.75 -0.45 -18.18
N ASP A 39 31.62 0.29 -18.88
CA ASP A 39 33.06 -0.05 -18.98
C ASP A 39 33.66 -0.02 -17.58
N ARG A 40 33.04 0.68 -16.62
CA ARG A 40 33.46 0.64 -15.18
C ARG A 40 33.47 -0.78 -14.64
N ILE A 41 32.68 -1.70 -15.22
CA ILE A 41 32.68 -3.13 -14.81
C ILE A 41 34.09 -3.70 -15.01
N ALA A 42 34.59 -3.67 -16.24
CA ALA A 42 35.93 -4.23 -16.58
C ALA A 42 37.00 -3.59 -15.69
N GLU A 43 36.97 -2.27 -15.57
CA GLU A 43 37.98 -1.47 -14.81
C GLU A 43 37.96 -1.94 -13.35
N HIS A 44 36.76 -2.12 -12.81
CA HIS A 44 36.57 -2.49 -11.38
C HIS A 44 37.05 -3.93 -11.16
N LEU A 45 36.67 -4.87 -12.03
CA LEU A 45 37.05 -6.29 -11.85
C LEU A 45 38.58 -6.42 -11.97
N ASP A 46 39.19 -5.69 -12.90
CA ASP A 46 40.67 -5.64 -13.09
C ASP A 46 41.32 -5.16 -11.79
N ARG A 47 40.94 -3.97 -11.34
CA ARG A 47 41.65 -3.23 -10.28
C ARG A 47 41.41 -3.91 -8.92
N ALA A 48 40.24 -4.48 -8.69
CA ALA A 48 39.82 -4.95 -7.35
C ALA A 48 39.99 -6.46 -7.17
N TYR A 49 40.01 -7.24 -8.26
CA TYR A 49 39.96 -8.71 -8.18
C TYR A 49 41.07 -9.38 -9.02
N LEU A 50 41.23 -9.00 -10.29
CA LEU A 50 42.10 -9.75 -11.23
C LEU A 50 43.57 -9.37 -11.03
N HIS A 51 43.91 -8.09 -11.13
CA HIS A 51 45.29 -7.58 -10.97
C HIS A 51 45.84 -7.98 -9.60
N PRO A 52 45.11 -7.81 -8.48
CA PRO A 52 45.58 -8.29 -7.18
C PRO A 52 45.48 -9.79 -6.91
N GLY A 53 44.97 -10.61 -7.84
CA GLY A 53 44.96 -12.08 -7.70
C GLY A 53 43.91 -12.61 -6.72
N LYS A 54 42.75 -11.98 -6.65
CA LYS A 54 41.61 -12.45 -5.80
C LYS A 54 40.71 -13.40 -6.59
N LEU A 55 40.55 -13.17 -7.89
CA LEU A 55 39.79 -14.08 -8.81
C LEU A 55 40.70 -14.45 -9.98
N ALA A 56 40.50 -15.64 -10.55
CA ALA A 56 41.24 -16.15 -11.73
C ALA A 56 40.80 -15.37 -12.98
N GLY A 57 39.49 -15.28 -13.17
CA GLY A 57 38.89 -14.67 -14.37
C GLY A 57 37.38 -14.54 -14.21
N THR A 58 36.79 -13.69 -15.04
CA THR A 58 35.37 -13.31 -14.95
C THR A 58 34.77 -13.29 -16.35
N MET A 59 33.48 -13.59 -16.43
CA MET A 59 32.62 -13.34 -17.61
C MET A 59 31.39 -12.58 -17.11
N THR A 60 31.17 -11.38 -17.61
CA THR A 60 30.05 -10.51 -17.18
C THR A 60 29.19 -10.15 -18.38
N LEU A 61 27.87 -10.38 -18.25
CA LEU A 61 26.90 -9.97 -19.29
C LEU A 61 25.84 -9.12 -18.62
N VAL A 62 25.45 -8.03 -19.27
CA VAL A 62 24.32 -7.17 -18.82
C VAL A 62 23.40 -7.01 -20.01
N ALA A 63 22.09 -7.09 -19.79
CA ALA A 63 21.07 -6.89 -20.83
C ALA A 63 19.93 -6.06 -20.25
N ARG A 64 19.31 -5.25 -21.08
CA ARG A 64 18.13 -4.44 -20.71
C ARG A 64 17.21 -4.39 -21.91
N ARG A 65 15.92 -4.66 -21.68
CA ARG A 65 14.84 -4.65 -22.70
C ARG A 65 15.21 -5.59 -23.86
N GLY A 66 15.87 -6.70 -23.56
CA GLY A 66 16.24 -7.74 -24.56
C GLY A 66 17.43 -7.36 -25.42
N GLU A 67 18.12 -6.26 -25.09
CA GLU A 67 19.40 -5.90 -25.76
C GLU A 67 20.56 -6.23 -24.81
N VAL A 68 21.54 -7.02 -25.28
CA VAL A 68 22.80 -7.29 -24.56
C VAL A 68 23.60 -6.00 -24.66
N VAL A 69 23.87 -5.35 -23.54
CA VAL A 69 24.51 -4.01 -23.57
C VAL A 69 25.96 -4.13 -23.10
N TYR A 70 26.32 -5.27 -22.53
CA TYR A 70 27.69 -5.49 -22.01
C TYR A 70 27.96 -6.99 -22.01
N CYS A 71 29.15 -7.36 -22.47
CA CYS A 71 29.61 -8.77 -22.57
C CYS A 71 31.14 -8.74 -22.64
N GLN A 72 31.77 -9.10 -21.53
CA GLN A 72 33.24 -9.00 -21.38
C GLN A 72 33.79 -10.19 -20.61
N ALA A 73 34.70 -10.90 -21.25
CA ALA A 73 35.58 -11.91 -20.62
C ALA A 73 36.83 -11.19 -20.17
N GLN A 74 37.34 -11.54 -18.99
CA GLN A 74 38.58 -10.96 -18.42
C GLN A 74 39.37 -12.07 -17.72
N GLY A 75 40.69 -11.96 -17.74
CA GLY A 75 41.60 -12.87 -17.00
C GLY A 75 41.52 -14.27 -17.54
N LEU A 76 41.71 -15.26 -16.66
CA LEU A 76 42.06 -16.66 -17.03
C LEU A 76 40.95 -17.60 -16.53
N ARG A 77 40.58 -18.57 -17.37
CA ARG A 77 39.69 -19.68 -16.98
C ARG A 77 40.51 -20.78 -16.32
N ASP A 78 41.80 -20.88 -16.66
CA ASP A 78 42.73 -21.91 -16.13
C ASP A 78 44.11 -21.27 -15.98
N VAL A 79 44.46 -20.91 -14.74
CA VAL A 79 45.71 -20.16 -14.42
C VAL A 79 46.92 -21.04 -14.73
N GLU A 80 46.88 -22.30 -14.29
CA GLU A 80 47.98 -23.30 -14.42
C GLU A 80 48.34 -23.44 -15.91
N ARG A 81 47.33 -23.53 -16.78
CA ARG A 81 47.54 -23.71 -18.24
C ARG A 81 47.52 -22.38 -18.97
N GLN A 82 47.38 -21.25 -18.26
CA GLN A 82 47.45 -19.89 -18.86
C GLN A 82 46.40 -19.75 -19.97
N LEU A 83 45.21 -20.33 -19.79
CA LEU A 83 44.08 -20.23 -20.74
C LEU A 83 43.16 -19.08 -20.37
N PRO A 84 42.81 -18.17 -21.32
CA PRO A 84 41.98 -17.03 -21.03
C PRO A 84 40.50 -17.41 -20.91
N VAL A 85 39.75 -16.61 -20.15
CA VAL A 85 38.26 -16.63 -20.19
C VAL A 85 37.87 -16.16 -21.58
N GLU A 86 36.99 -16.92 -22.22
CA GLU A 86 36.34 -16.56 -23.52
C GLU A 86 34.83 -16.50 -23.28
N ARG A 87 34.12 -15.87 -24.20
CA ARG A 87 32.63 -15.77 -24.18
C ARG A 87 32.05 -17.16 -23.97
N ASP A 88 32.65 -18.19 -24.55
CA ASP A 88 32.11 -19.57 -24.61
C ASP A 88 32.70 -20.42 -23.47
N THR A 89 33.44 -19.84 -22.54
CA THR A 89 34.00 -20.61 -21.40
C THR A 89 32.84 -21.24 -20.63
N LEU A 90 33.01 -22.47 -20.17
CA LEU A 90 32.03 -23.22 -19.36
C LEU A 90 32.37 -23.06 -17.88
N PHE A 91 31.33 -22.87 -17.06
CA PHE A 91 31.44 -22.58 -15.61
C PHE A 91 30.54 -23.52 -14.83
N ARG A 92 31.01 -23.94 -13.65
CA ARG A 92 30.16 -24.63 -12.65
C ARG A 92 29.25 -23.55 -12.07
N ILE A 93 27.94 -23.59 -12.34
CA ILE A 93 27.00 -22.52 -11.88
C ILE A 93 26.41 -22.90 -10.52
N TYR A 94 26.62 -24.15 -10.18
CA TYR A 94 26.19 -24.62 -8.86
C TYR A 94 24.72 -24.28 -8.61
N SER A 95 24.40 -23.54 -7.52
CA SER A 95 23.00 -23.33 -7.07
C SER A 95 22.23 -22.43 -8.03
N MET A 96 22.87 -21.85 -9.04
CA MET A 96 22.15 -21.27 -10.20
C MET A 96 21.49 -22.39 -11.02
N THR A 97 21.70 -23.65 -10.62
CA THR A 97 20.90 -24.81 -11.09
C THR A 97 19.48 -24.74 -10.51
N LYS A 98 19.34 -24.19 -9.30
CA LYS A 98 18.09 -24.30 -8.50
C LYS A 98 16.94 -23.64 -9.24
N PRO A 99 17.09 -22.44 -9.82
CA PRO A 99 15.98 -21.82 -10.52
C PRO A 99 15.54 -22.67 -11.71
N ILE A 100 16.48 -23.39 -12.32
CA ILE A 100 16.18 -24.23 -13.51
C ILE A 100 15.31 -25.41 -13.04
N THR A 101 15.73 -26.10 -11.98
CA THR A 101 14.95 -27.18 -11.34
C THR A 101 13.57 -26.66 -10.94
N SER A 102 13.51 -25.45 -10.39
CA SER A 102 12.27 -24.84 -9.85
C SER A 102 11.29 -24.61 -11.01
N ILE A 103 11.79 -24.09 -12.13
CA ILE A 103 10.98 -23.95 -13.37
C ILE A 103 10.53 -25.34 -13.84
N ALA A 104 11.42 -26.32 -13.88
CA ALA A 104 11.10 -27.70 -14.32
C ALA A 104 9.90 -28.21 -13.52
N LEU A 105 9.94 -28.08 -12.19
CA LEU A 105 8.85 -28.60 -11.35
C LEU A 105 7.57 -27.77 -11.55
N MET A 106 7.68 -26.46 -11.73
CA MET A 106 6.46 -25.62 -11.91
C MET A 106 5.88 -25.83 -13.32
N GLN A 107 6.65 -26.36 -14.27
CA GLN A 107 6.09 -26.79 -15.59
C GLN A 107 5.03 -27.88 -15.33
N LEU A 108 5.31 -28.79 -14.39
CA LEU A 108 4.41 -29.91 -14.04
C LEU A 108 3.23 -29.40 -13.21
N TYR A 109 3.43 -28.35 -12.41
CA TYR A 109 2.33 -27.66 -11.69
C TYR A 109 1.31 -27.15 -12.71
N GLU A 110 1.79 -26.53 -13.78
CA GLU A 110 0.96 -26.02 -14.90
C GLU A 110 0.17 -27.12 -15.60
N GLN A 111 0.53 -28.38 -15.39
CA GLN A 111 -0.14 -29.55 -16.02
C GLN A 111 -1.09 -30.23 -15.03
N GLY A 112 -1.21 -29.69 -13.83
CA GLY A 112 -2.13 -30.22 -12.80
C GLY A 112 -1.55 -31.41 -12.06
N ARG A 113 -0.23 -31.62 -12.13
CA ARG A 113 0.40 -32.87 -11.62
C ARG A 113 0.48 -32.89 -10.08
N PHE A 114 0.54 -31.73 -9.43
CA PHE A 114 0.58 -31.62 -7.95
C PHE A 114 0.10 -30.23 -7.56
N LEU A 115 -0.16 -30.05 -6.27
CA LEU A 115 -0.42 -28.71 -5.68
C LEU A 115 0.65 -28.40 -4.63
N LEU A 116 0.96 -27.12 -4.44
CA LEU A 116 2.02 -26.67 -3.51
C LEU A 116 1.69 -27.07 -2.07
N ASP A 117 0.40 -27.15 -1.73
CA ASP A 117 -0.03 -27.38 -0.33
C ASP A 117 -0.25 -28.88 -0.10
N GLU A 118 0.13 -29.72 -1.05
CA GLU A 118 0.10 -31.20 -0.87
C GLU A 118 1.31 -31.61 -0.04
N PRO A 119 1.13 -32.59 0.88
CA PRO A 119 2.24 -33.15 1.63
C PRO A 119 3.21 -33.85 0.68
N VAL A 120 4.52 -33.68 0.93
CA VAL A 120 5.55 -34.40 0.10
C VAL A 120 5.27 -35.91 0.19
N HIS A 121 4.76 -36.40 1.31
CA HIS A 121 4.62 -37.86 1.53
C HIS A 121 3.56 -38.44 0.59
N LYS A 122 2.69 -37.63 0.00
CA LYS A 122 1.76 -38.12 -1.03
C LYS A 122 2.58 -38.77 -2.16
N TYR A 123 3.71 -38.18 -2.52
CA TYR A 123 4.54 -38.59 -3.67
C TYR A 123 5.70 -39.47 -3.17
N ILE A 124 6.11 -39.28 -1.92
CA ILE A 124 7.21 -40.06 -1.28
C ILE A 124 6.66 -40.64 0.01
N PRO A 125 5.92 -41.77 -0.03
CA PRO A 125 5.16 -42.22 1.14
C PRO A 125 6.03 -42.61 2.36
N THR A 126 7.28 -42.97 2.13
CA THR A 126 8.25 -43.29 3.23
C THR A 126 8.57 -42.04 4.05
N TRP A 127 8.18 -40.84 3.59
CA TRP A 127 8.47 -39.56 4.28
C TRP A 127 7.32 -39.15 5.21
N LYS A 128 6.30 -39.99 5.36
CA LYS A 128 5.06 -39.64 6.09
C LYS A 128 5.37 -39.34 7.55
N ASN A 129 6.35 -40.01 8.12
CA ASN A 129 6.63 -40.03 9.57
C ASN A 129 7.94 -39.28 9.86
N LEU A 130 8.37 -38.39 8.97
CA LEU A 130 9.52 -37.49 9.27
C LEU A 130 9.24 -36.73 10.57
N ARG A 131 10.23 -36.68 11.45
CA ARG A 131 10.09 -36.01 12.77
C ARG A 131 11.21 -34.97 12.88
N VAL A 132 11.14 -34.16 13.92
CA VAL A 132 12.01 -32.98 14.16
C VAL A 132 13.11 -33.38 15.14
N TYR A 133 14.36 -33.02 14.83
CA TYR A 133 15.55 -33.31 15.68
C TYR A 133 15.30 -32.78 17.09
N LYS A 134 15.49 -33.61 18.11
CA LYS A 134 15.52 -33.14 19.53
C LYS A 134 16.94 -33.24 20.05
N THR A 135 17.54 -34.43 20.00
CA THR A 135 18.91 -34.63 20.55
C THR A 135 19.49 -35.95 20.08
N GLY A 136 20.79 -36.13 20.29
CA GLY A 136 21.53 -37.37 20.00
C GLY A 136 22.36 -37.24 18.75
N SER A 137 23.35 -38.12 18.62
CA SER A 137 24.20 -38.25 17.42
C SER A 137 23.67 -39.42 16.58
N HIS A 138 23.70 -39.26 15.26
CA HIS A 138 23.51 -40.36 14.28
C HIS A 138 24.36 -41.56 14.69
N PRO A 139 23.82 -42.81 14.75
CA PRO A 139 22.46 -43.13 14.29
C PRO A 139 21.39 -43.24 15.39
N GLN A 140 21.56 -42.56 16.53
CA GLN A 140 20.63 -42.64 17.68
C GLN A 140 20.08 -41.25 17.98
N MET A 141 19.50 -40.62 16.96
CA MET A 141 18.89 -39.28 17.08
C MET A 141 17.44 -39.43 17.57
N LEU A 142 17.09 -38.74 18.65
CA LEU A 142 15.71 -38.64 19.17
C LEU A 142 15.04 -37.43 18.53
N THR A 143 13.72 -37.52 18.35
CA THR A 143 12.92 -36.63 17.48
C THR A 143 11.59 -36.34 18.14
N THR A 144 10.93 -35.26 17.72
CA THR A 144 9.58 -34.86 18.19
C THR A 144 8.65 -34.76 16.98
N ALA A 145 7.34 -34.92 17.22
CA ALA A 145 6.28 -34.78 16.20
C ALA A 145 6.31 -33.37 15.60
N PRO A 146 6.28 -33.25 14.27
CA PRO A 146 6.12 -31.96 13.61
C PRO A 146 4.68 -31.47 13.80
N GLN A 147 4.44 -30.14 13.77
CA GLN A 147 3.08 -29.56 13.83
C GLN A 147 2.28 -30.06 12.61
N ARG A 148 2.92 -30.14 11.44
CA ARG A 148 2.22 -30.57 10.18
C ARG A 148 3.26 -31.23 9.28
N PRO A 149 2.84 -32.11 8.35
CA PRO A 149 3.78 -32.69 7.39
C PRO A 149 4.34 -31.63 6.43
N MET A 150 5.54 -31.91 5.96
CA MET A 150 6.25 -31.13 4.93
C MET A 150 5.38 -31.06 3.66
N THR A 151 5.36 -29.92 2.97
CA THR A 151 4.65 -29.72 1.69
C THR A 151 5.64 -29.46 0.57
N ILE A 152 5.15 -29.50 -0.67
CA ILE A 152 5.95 -29.18 -1.88
C ILE A 152 6.41 -27.72 -1.78
N ARG A 153 5.51 -26.83 -1.35
CA ARG A 153 5.84 -25.39 -1.19
C ARG A 153 7.03 -25.25 -0.23
N ASP A 154 7.05 -26.02 0.86
CA ASP A 154 8.20 -26.04 1.80
C ASP A 154 9.47 -26.41 1.05
N LEU A 155 9.42 -27.41 0.15
CA LEU A 155 10.64 -27.82 -0.61
C LEU A 155 11.08 -26.67 -1.51
N LEU A 156 10.14 -26.06 -2.21
CA LEU A 156 10.49 -25.01 -3.20
C LEU A 156 11.03 -23.75 -2.50
N THR A 157 10.75 -23.59 -1.21
CA THR A 157 11.09 -22.34 -0.46
C THR A 157 12.18 -22.58 0.57
N HIS A 158 12.70 -23.80 0.69
CA HIS A 158 13.69 -24.19 1.73
C HIS A 158 13.12 -23.92 3.14
N GLN A 159 11.84 -24.21 3.33
CA GLN A 159 11.17 -24.13 4.64
C GLN A 159 10.81 -25.55 5.13
N SER A 160 11.34 -26.59 4.50
CA SER A 160 10.96 -28.01 4.75
C SER A 160 11.56 -28.56 6.05
N GLY A 161 12.69 -28.01 6.51
CA GLY A 161 13.44 -28.56 7.65
C GLY A 161 14.64 -29.38 7.20
N LEU A 162 14.77 -29.62 5.90
CA LEU A 162 15.96 -30.33 5.36
C LEU A 162 17.15 -29.39 5.51
N THR A 163 18.35 -29.93 5.36
CA THR A 163 19.55 -29.08 5.42
C THR A 163 20.55 -29.53 4.34
N TYR A 164 21.81 -29.18 4.55
CA TYR A 164 22.98 -29.52 3.72
C TYR A 164 24.12 -29.97 4.63
N GLY A 165 24.84 -31.03 4.23
CA GLY A 165 26.05 -31.49 4.92
C GLY A 165 27.00 -30.35 5.19
N PHE A 166 27.26 -29.50 4.20
CA PHE A 166 28.30 -28.45 4.28
C PHE A 166 27.91 -27.35 5.31
N MET A 167 26.68 -27.34 5.84
CA MET A 167 26.27 -26.30 6.81
C MET A 167 27.23 -26.36 8.01
N ASN A 168 27.55 -27.55 8.50
CA ASN A 168 28.54 -27.76 9.60
C ASN A 168 28.06 -27.00 10.84
N ARG A 169 26.76 -27.07 11.16
CA ARG A 169 26.16 -26.31 12.28
C ARG A 169 25.48 -27.23 13.30
N THR A 170 24.92 -28.36 12.86
CA THR A 170 24.08 -29.23 13.72
C THR A 170 24.41 -30.70 13.54
N ASN A 171 23.92 -31.52 14.48
CA ASN A 171 24.06 -32.98 14.46
C ASN A 171 23.30 -33.54 13.25
N VAL A 172 22.28 -32.84 12.74
CA VAL A 172 21.53 -33.29 11.53
C VAL A 172 22.48 -33.16 10.33
N ASP A 173 23.14 -32.01 10.14
CA ASP A 173 24.07 -31.88 9.00
C ASP A 173 25.31 -32.77 9.20
N ALA A 174 25.70 -33.09 10.44
CA ALA A 174 26.77 -34.10 10.74
C ALA A 174 26.36 -35.46 10.16
N ALA A 175 25.10 -35.84 10.35
CA ALA A 175 24.54 -37.10 9.81
C ALA A 175 24.55 -37.07 8.28
N TYR A 176 24.21 -35.95 7.64
CA TYR A 176 24.26 -35.82 6.17
C TYR A 176 25.70 -36.10 5.72
N ARG A 177 26.69 -35.52 6.39
CA ARG A 177 28.12 -35.63 5.98
C ARG A 177 28.55 -37.10 6.11
N SER A 178 28.17 -37.75 7.20
CA SER A 178 28.55 -39.16 7.45
C SER A 178 27.87 -40.07 6.42
N LEU A 179 26.74 -39.67 5.85
CA LEU A 179 26.04 -40.47 4.81
C LEU A 179 26.34 -39.95 3.41
N LYS A 180 27.13 -38.88 3.27
CA LYS A 180 27.56 -38.32 1.96
C LYS A 180 26.35 -37.93 1.10
N LEU A 181 25.35 -37.30 1.68
CA LEU A 181 24.10 -36.97 0.95
C LEU A 181 24.33 -35.83 -0.04
N ASP A 182 25.41 -35.06 0.12
CA ASP A 182 25.72 -33.90 -0.75
C ASP A 182 26.42 -34.39 -2.02
N GLY A 183 27.00 -35.59 -1.99
CA GLY A 183 27.70 -36.21 -3.13
C GLY A 183 28.70 -37.25 -2.67
N GLY A 184 28.91 -38.29 -3.46
CA GLY A 184 29.92 -39.34 -3.21
C GLY A 184 29.83 -40.43 -4.27
N PRO A 185 30.80 -41.38 -4.32
CA PRO A 185 30.76 -42.48 -5.28
C PRO A 185 29.51 -43.36 -5.11
N GLY A 186 28.79 -43.63 -6.20
CA GLY A 186 27.55 -44.45 -6.20
C GLY A 186 26.32 -43.66 -5.77
N HIS A 187 26.45 -42.38 -5.39
CA HIS A 187 25.33 -41.54 -4.90
C HIS A 187 24.36 -41.26 -6.05
N THR A 188 23.06 -41.48 -5.81
CA THR A 188 21.95 -41.23 -6.75
C THR A 188 20.84 -40.46 -6.01
N LEU A 189 19.93 -39.83 -6.74
CA LEU A 189 18.73 -39.20 -6.13
C LEU A 189 17.92 -40.24 -5.35
N ASP A 190 17.78 -41.46 -5.89
CA ASP A 190 17.02 -42.54 -5.21
C ASP A 190 17.63 -42.77 -3.82
N ARG A 191 18.96 -42.71 -3.72
CA ARG A 191 19.70 -42.91 -2.44
C ARG A 191 19.40 -41.73 -1.52
N LEU A 192 19.51 -40.49 -2.02
CA LEU A 192 19.22 -39.26 -1.24
C LEU A 192 17.86 -39.40 -0.57
N ILE A 193 16.85 -39.80 -1.35
CA ILE A 193 15.45 -39.90 -0.88
C ILE A 193 15.32 -41.03 0.15
N ASP A 194 15.96 -42.17 -0.12
CA ASP A 194 15.95 -43.35 0.79
C ASP A 194 16.57 -42.92 2.14
N GLU A 195 17.70 -42.21 2.12
CA GLU A 195 18.45 -41.83 3.37
C GLU A 195 17.70 -40.71 4.10
N LEU A 196 17.14 -39.74 3.38
CA LEU A 196 16.37 -38.63 4.01
C LEU A 196 15.15 -39.17 4.74
N ALA A 197 14.59 -40.29 4.29
CA ALA A 197 13.36 -40.89 4.89
C ALA A 197 13.63 -41.25 6.35
N ARG A 198 14.89 -41.42 6.71
CA ARG A 198 15.28 -41.99 8.02
C ARG A 198 15.97 -40.93 8.88
N LEU A 199 16.05 -39.67 8.41
CA LEU A 199 16.73 -38.59 9.16
C LEU A 199 15.74 -37.57 9.69
N PRO A 200 16.10 -36.91 10.81
CA PRO A 200 15.28 -35.85 11.36
C PRO A 200 15.41 -34.54 10.57
N LEU A 201 14.38 -33.71 10.70
CA LEU A 201 14.33 -32.33 10.18
C LEU A 201 14.90 -31.38 11.25
N GLU A 202 15.42 -30.23 10.81
CA GLU A 202 15.98 -29.18 11.69
C GLU A 202 14.87 -28.50 12.48
N PHE A 203 13.66 -28.45 11.94
CA PHE A 203 12.51 -27.77 12.56
C PHE A 203 11.22 -28.27 11.92
N SER A 204 10.10 -27.94 12.54
CA SER A 204 8.75 -28.32 12.06
C SER A 204 8.50 -27.62 10.73
N PRO A 205 8.14 -28.38 9.67
CA PRO A 205 8.06 -27.81 8.33
C PRO A 205 7.30 -26.49 8.27
N GLY A 206 7.90 -25.49 7.61
CA GLY A 206 7.26 -24.17 7.40
C GLY A 206 7.55 -23.18 8.50
N THR A 207 8.21 -23.57 9.59
CA THR A 207 8.32 -22.67 10.78
C THR A 207 9.63 -21.89 10.71
N ALA A 208 10.48 -22.17 9.73
CA ALA A 208 11.76 -21.46 9.54
C ALA A 208 12.24 -21.68 8.11
N TRP A 209 13.39 -21.10 7.79
CA TRP A 209 14.06 -21.23 6.49
C TRP A 209 15.48 -21.74 6.74
N ASN A 210 15.90 -22.73 5.96
CA ASN A 210 17.27 -23.26 6.02
C ASN A 210 17.63 -23.79 4.62
N TYR A 211 18.70 -23.25 4.05
CA TYR A 211 19.21 -23.65 2.72
C TYR A 211 19.49 -25.15 2.76
N SER A 212 19.12 -25.90 1.73
CA SER A 212 18.95 -27.37 1.87
C SER A 212 19.03 -28.12 0.54
N VAL A 213 19.13 -29.44 0.65
CA VAL A 213 18.98 -30.42 -0.46
C VAL A 213 17.54 -30.46 -0.99
N ALA A 214 16.64 -29.59 -0.51
CA ALA A 214 15.20 -29.58 -0.92
C ALA A 214 15.08 -29.59 -2.45
N THR A 215 15.93 -28.83 -3.09
CA THR A 215 15.88 -28.63 -4.55
C THR A 215 16.40 -29.88 -5.27
N ASP A 216 17.33 -30.63 -4.69
CA ASP A 216 17.72 -31.96 -5.24
C ASP A 216 16.48 -32.86 -5.18
N VAL A 217 15.68 -32.71 -4.12
CA VAL A 217 14.42 -33.48 -3.93
C VAL A 217 13.42 -33.02 -4.99
N CYS A 218 13.37 -31.73 -5.25
CA CYS A 218 12.51 -31.18 -6.33
C CYS A 218 12.90 -31.87 -7.64
N GLY A 219 14.20 -32.01 -7.93
CA GLY A 219 14.65 -32.74 -9.13
C GLY A 219 14.14 -34.15 -9.13
N TYR A 220 14.21 -34.83 -7.97
CA TYR A 220 13.66 -36.20 -7.83
C TYR A 220 12.19 -36.18 -8.21
N LEU A 221 11.45 -35.15 -7.79
CA LEU A 221 9.96 -35.09 -8.03
C LEU A 221 9.68 -34.83 -9.52
N VAL A 222 10.52 -34.06 -10.19
CA VAL A 222 10.42 -33.84 -11.67
C VAL A 222 10.54 -35.21 -12.37
N GLN A 223 11.50 -36.04 -11.95
CA GLN A 223 11.73 -37.39 -12.54
C GLN A 223 10.49 -38.26 -12.28
N LEU A 224 10.07 -38.34 -11.02
CA LEU A 224 8.89 -39.11 -10.59
C LEU A 224 7.67 -38.68 -11.41
N LEU A 225 7.42 -37.39 -11.60
CA LEU A 225 6.16 -36.92 -12.21
C LEU A 225 6.25 -37.01 -13.74
N SER A 226 7.40 -36.73 -14.34
CA SER A 226 7.58 -36.71 -15.81
C SER A 226 7.86 -38.14 -16.33
N GLY A 227 8.38 -39.02 -15.48
CA GLY A 227 8.93 -40.33 -15.87
C GLY A 227 10.22 -40.20 -16.65
N MET A 228 10.84 -39.02 -16.69
CA MET A 228 12.13 -38.78 -17.38
C MET A 228 13.25 -38.61 -16.34
N SER A 229 14.47 -38.94 -16.70
CA SER A 229 15.69 -38.61 -15.93
C SER A 229 15.90 -37.09 -16.02
N LEU A 230 16.42 -36.46 -14.96
CA LEU A 230 16.40 -34.98 -14.83
C LEU A 230 17.16 -34.32 -16.00
N ASP A 231 18.25 -34.94 -16.44
CA ASP A 231 19.08 -34.42 -17.57
C ASP A 231 18.24 -34.41 -18.85
N ASP A 232 17.45 -35.45 -19.08
CA ASP A 232 16.58 -35.55 -20.28
C ASP A 232 15.42 -34.54 -20.14
N TYR A 233 14.83 -34.39 -18.95
CA TYR A 233 13.69 -33.43 -18.76
C TYR A 233 14.22 -32.05 -19.10
N PHE A 234 15.32 -31.64 -18.46
CA PHE A 234 15.92 -30.30 -18.66
C PHE A 234 16.14 -30.08 -20.16
N SER A 235 16.74 -31.07 -20.80
CA SER A 235 17.19 -30.95 -22.21
C SER A 235 15.95 -30.73 -23.08
N LYS A 236 14.90 -31.52 -22.86
CA LYS A 236 13.69 -31.52 -23.70
C LYS A 236 12.85 -30.27 -23.43
N HIS A 237 12.69 -29.90 -22.17
CA HIS A 237 11.65 -28.93 -21.75
C HIS A 237 12.26 -27.54 -21.48
N ILE A 238 13.59 -27.42 -21.44
CA ILE A 238 14.22 -26.11 -21.17
C ILE A 238 15.33 -25.81 -22.17
N PHE A 239 16.38 -26.63 -22.25
CA PHE A 239 17.63 -26.27 -22.97
C PHE A 239 17.42 -26.26 -24.49
N GLN A 240 16.84 -27.32 -25.07
CA GLN A 240 16.55 -27.39 -26.53
C GLN A 240 15.64 -26.22 -26.91
N PRO A 241 14.47 -26.02 -26.27
CA PRO A 241 13.58 -24.92 -26.62
C PRO A 241 14.22 -23.53 -26.51
N LEU A 242 15.07 -23.29 -25.51
CA LEU A 242 15.70 -21.96 -25.33
C LEU A 242 16.98 -21.82 -26.16
N GLY A 243 17.45 -22.88 -26.81
CA GLY A 243 18.70 -22.80 -27.58
C GLY A 243 19.89 -22.72 -26.65
N MET A 244 19.97 -23.60 -25.66
CA MET A 244 21.06 -23.67 -24.64
C MET A 244 21.85 -24.97 -24.85
N PRO A 245 22.77 -25.02 -25.86
CA PRO A 245 23.45 -26.27 -26.20
C PRO A 245 24.66 -26.58 -25.30
N ASP A 246 25.01 -25.64 -24.41
CA ASP A 246 26.25 -25.68 -23.62
C ASP A 246 25.88 -25.68 -22.12
N THR A 247 24.81 -26.41 -21.76
CA THR A 247 24.35 -26.55 -20.37
C THR A 247 24.05 -28.02 -20.12
N PHE A 248 24.68 -28.61 -19.12
CA PHE A 248 24.67 -30.07 -18.89
C PHE A 248 25.22 -30.40 -17.52
N PHE A 249 24.85 -31.59 -17.02
CA PHE A 249 25.39 -32.19 -15.77
C PHE A 249 26.77 -32.80 -16.01
N THR A 250 27.06 -33.24 -17.24
CA THR A 250 28.38 -33.80 -17.64
C THR A 250 28.93 -32.98 -18.81
N VAL A 251 30.15 -32.43 -18.67
CA VAL A 251 30.84 -31.74 -19.78
C VAL A 251 31.28 -32.79 -20.81
N PRO A 252 30.80 -32.74 -22.06
CA PRO A 252 31.26 -33.67 -23.09
C PRO A 252 32.75 -33.46 -23.40
N ALA A 253 33.42 -34.53 -23.78
CA ALA A 253 34.89 -34.56 -24.02
C ALA A 253 35.27 -33.45 -25.00
N GLU A 254 34.49 -33.23 -26.07
CA GLU A 254 34.84 -32.23 -27.14
C GLU A 254 34.64 -30.80 -26.63
N LYS A 255 34.04 -30.59 -25.45
CA LYS A 255 33.85 -29.23 -24.87
C LYS A 255 34.76 -29.02 -23.66
N LEU A 256 35.53 -30.03 -23.27
CA LEU A 256 36.36 -29.98 -22.04
C LEU A 256 37.44 -28.90 -22.16
N SER A 257 37.91 -28.63 -23.38
CA SER A 257 38.91 -27.57 -23.65
C SER A 257 38.35 -26.21 -23.21
N ARG A 258 37.03 -26.04 -23.17
CA ARG A 258 36.36 -24.74 -22.83
C ARG A 258 36.07 -24.64 -21.33
N PHE A 259 36.30 -25.71 -20.56
CA PHE A 259 35.88 -25.80 -19.14
C PHE A 259 36.88 -25.07 -18.24
N ALA A 260 36.37 -24.13 -17.46
CA ALA A 260 37.17 -23.35 -16.49
C ALA A 260 37.65 -24.27 -15.36
N ALA A 261 38.79 -23.93 -14.78
CA ALA A 261 39.24 -24.46 -13.47
C ALA A 261 38.36 -23.82 -12.39
N CYS A 262 38.20 -24.51 -11.27
CA CYS A 262 37.59 -23.93 -10.05
C CYS A 262 38.66 -23.70 -8.99
N TYR A 263 38.60 -22.53 -8.36
CA TYR A 263 39.54 -22.06 -7.31
C TYR A 263 38.75 -21.86 -6.01
N GLU A 264 39.47 -21.95 -4.88
CA GLU A 264 38.92 -21.70 -3.53
C GLU A 264 39.76 -20.64 -2.83
N TYR A 265 39.13 -19.92 -1.92
CA TYR A 265 39.73 -18.77 -1.21
C TYR A 265 40.91 -19.27 -0.37
N GLN A 266 41.96 -18.45 -0.27
CA GLN A 266 43.12 -18.67 0.64
C GLN A 266 43.42 -17.35 1.35
N PRO A 267 43.83 -17.39 2.64
CA PRO A 267 44.11 -16.17 3.40
C PRO A 267 45.01 -15.20 2.61
N GLY A 268 44.85 -13.91 2.88
CA GLY A 268 45.52 -12.82 2.15
C GLY A 268 44.84 -12.52 0.82
N ASP A 269 43.55 -12.86 0.70
CA ASP A 269 42.76 -12.60 -0.54
C ASP A 269 43.47 -13.21 -1.74
N SER A 270 43.77 -14.49 -1.64
CA SER A 270 44.42 -15.31 -2.70
C SER A 270 43.53 -16.52 -2.94
N PHE A 271 43.96 -17.42 -3.82
CA PHE A 271 43.17 -18.63 -4.16
C PHE A 271 44.10 -19.77 -4.55
N SER A 272 43.60 -21.00 -4.40
CA SER A 272 44.31 -22.24 -4.77
C SER A 272 43.38 -23.06 -5.68
N LEU A 273 43.98 -23.91 -6.52
CA LEU A 273 43.27 -24.84 -7.42
C LEU A 273 42.38 -25.75 -6.58
N GLN A 274 41.10 -25.77 -6.92
CA GLN A 274 40.11 -26.61 -6.19
C GLN A 274 39.60 -27.73 -7.13
N ASP A 275 39.44 -27.46 -8.42
CA ASP A 275 39.04 -28.49 -9.43
C ASP A 275 39.78 -28.21 -10.72
N ASP A 276 40.66 -29.13 -11.12
CA ASP A 276 41.29 -29.22 -12.48
C ASP A 276 40.21 -29.65 -13.47
N PRO A 277 39.94 -28.85 -14.53
CA PRO A 277 38.94 -29.21 -15.53
C PRO A 277 39.26 -30.55 -16.22
N GLN A 278 40.54 -30.84 -16.44
CA GLN A 278 41.01 -32.18 -16.94
C GLN A 278 41.05 -33.11 -15.72
N GLY A 279 40.21 -34.14 -15.71
CA GLY A 279 40.02 -35.04 -14.56
C GLY A 279 39.08 -34.46 -13.50
N SER A 280 38.06 -33.70 -13.91
CA SER A 280 36.98 -33.22 -13.01
C SER A 280 35.86 -34.26 -12.94
N ALA A 281 35.18 -34.36 -11.80
CA ALA A 281 33.94 -35.17 -11.63
C ALA A 281 32.84 -34.67 -12.59
N PHE A 282 32.87 -33.39 -12.96
CA PHE A 282 31.88 -32.77 -13.91
C PHE A 282 32.07 -33.34 -15.32
N ALA A 283 33.19 -34.01 -15.60
CA ALA A 283 33.52 -34.59 -16.94
C ALA A 283 33.13 -36.08 -17.00
N LYS A 284 32.71 -36.67 -15.87
CA LYS A 284 32.28 -38.09 -15.79
C LYS A 284 30.77 -38.13 -15.67
N ALA A 285 30.13 -39.13 -16.28
CA ALA A 285 28.69 -39.40 -16.13
C ALA A 285 28.51 -40.34 -14.95
N HIS A 286 28.81 -39.87 -13.74
CA HIS A 286 28.46 -40.56 -12.47
C HIS A 286 26.93 -40.49 -12.34
N GLY A 287 26.34 -41.18 -11.36
CA GLY A 287 24.88 -41.43 -11.33
C GLY A 287 24.05 -40.33 -10.66
N TYR A 288 24.64 -39.23 -10.19
CA TYR A 288 23.95 -38.21 -9.35
C TYR A 288 23.64 -36.96 -10.18
N LEU A 289 22.35 -36.70 -10.40
CA LEU A 289 21.88 -35.48 -11.11
C LEU A 289 21.32 -34.51 -10.07
N SER A 290 22.14 -33.54 -9.69
CA SER A 290 21.88 -32.60 -8.57
C SER A 290 21.08 -31.41 -9.06
N GLY A 291 19.76 -31.43 -8.85
CA GLY A 291 18.88 -30.30 -9.20
C GLY A 291 19.21 -29.08 -8.38
N GLY A 292 19.99 -29.31 -7.38
CA GLY A 292 20.45 -28.25 -6.49
C GLY A 292 21.73 -27.59 -6.95
N GLY A 293 22.72 -28.34 -7.49
CA GLY A 293 24.00 -27.70 -7.88
C GLY A 293 24.80 -28.41 -8.96
N GLY A 294 24.20 -29.22 -9.83
CA GLY A 294 24.99 -30.10 -10.71
C GLY A 294 25.44 -29.45 -12.02
N LEU A 295 24.80 -28.38 -12.48
CA LEU A 295 24.93 -27.96 -13.89
C LEU A 295 26.24 -27.22 -14.16
N VAL A 296 26.76 -27.47 -15.35
CA VAL A 296 27.77 -26.58 -15.99
C VAL A 296 27.03 -25.81 -17.08
N SER A 297 27.34 -24.54 -17.22
CA SER A 297 26.73 -23.66 -18.25
C SER A 297 27.78 -22.66 -18.72
N CYS A 298 27.36 -21.76 -19.58
CA CYS A 298 28.12 -20.61 -20.04
C CYS A 298 27.21 -19.39 -19.98
N VAL A 299 27.77 -18.22 -20.19
CA VAL A 299 27.05 -16.93 -20.01
C VAL A 299 25.93 -16.80 -21.06
N ASP A 300 26.14 -17.27 -22.29
CA ASP A 300 25.11 -17.15 -23.36
C ASP A 300 23.91 -18.01 -22.97
N ASP A 301 24.14 -19.25 -22.56
CA ASP A 301 23.06 -20.18 -22.16
C ASP A 301 22.29 -19.58 -20.98
N TYR A 302 22.98 -19.14 -19.91
CA TYR A 302 22.27 -18.66 -18.70
C TYR A 302 21.58 -17.35 -19.09
N TYR A 303 22.17 -16.55 -19.97
CA TYR A 303 21.57 -15.30 -20.47
C TYR A 303 20.20 -15.63 -21.09
N ARG A 304 20.16 -16.67 -21.91
CA ARG A 304 18.93 -17.00 -22.66
C ARG A 304 17.86 -17.46 -21.66
N PHE A 305 18.26 -18.23 -20.66
CA PHE A 305 17.36 -18.64 -19.55
C PHE A 305 16.82 -17.39 -18.84
N ALA A 306 17.71 -16.52 -18.39
CA ALA A 306 17.36 -15.28 -17.64
C ALA A 306 16.46 -14.41 -18.52
N GLN A 307 16.82 -14.23 -19.79
CA GLN A 307 16.06 -13.36 -20.73
C GLN A 307 14.67 -13.95 -20.91
N ALA A 308 14.57 -15.28 -21.02
CA ALA A 308 13.25 -15.93 -21.11
C ALA A 308 12.43 -15.55 -19.87
N LEU A 309 13.02 -15.59 -18.68
CA LEU A 309 12.28 -15.26 -17.43
C LEU A 309 11.88 -13.80 -17.46
N ALA A 310 12.79 -12.92 -17.84
CA ALA A 310 12.57 -11.46 -17.94
C ALA A 310 11.40 -11.17 -18.89
N ASN A 311 11.18 -12.02 -19.89
CA ASN A 311 10.12 -11.84 -20.91
C ASN A 311 8.79 -12.43 -20.46
N GLY A 312 8.71 -12.97 -19.24
CA GLY A 312 7.52 -13.68 -18.75
C GLY A 312 7.48 -15.13 -19.21
N GLY A 313 8.64 -15.73 -19.54
CA GLY A 313 8.81 -17.18 -19.72
C GLY A 313 8.94 -17.62 -21.17
N GLU A 314 9.16 -16.69 -22.09
CA GLU A 314 9.18 -16.94 -23.55
C GLU A 314 10.45 -16.30 -24.12
N LEU A 315 11.09 -16.94 -25.09
CA LEU A 315 12.19 -16.33 -25.88
C LEU A 315 12.14 -16.87 -27.31
N ASP A 316 12.07 -15.99 -28.30
CA ASP A 316 12.13 -16.36 -29.75
C ASP A 316 11.14 -17.47 -30.05
N GLY A 317 9.90 -17.36 -29.56
CA GLY A 317 8.82 -18.31 -29.88
C GLY A 317 8.75 -19.52 -28.96
N ALA A 318 9.76 -19.75 -28.12
CA ALA A 318 9.74 -20.91 -27.20
C ALA A 318 9.34 -20.45 -25.80
N ARG A 319 8.37 -21.12 -25.19
CA ARG A 319 7.89 -20.82 -23.82
C ARG A 319 8.27 -21.97 -22.89
N ILE A 320 8.97 -21.66 -21.79
CA ILE A 320 9.39 -22.65 -20.76
C ILE A 320 8.42 -22.60 -19.58
N ILE A 321 7.72 -21.48 -19.36
CA ILE A 321 6.77 -21.36 -18.22
C ILE A 321 5.73 -20.29 -18.59
N GLY A 322 4.54 -20.44 -18.04
CA GLY A 322 3.49 -19.41 -18.16
C GLY A 322 3.93 -18.14 -17.46
N ARG A 323 3.57 -16.99 -18.04
CA ARG A 323 3.79 -15.62 -17.49
C ARG A 323 3.28 -15.54 -16.04
N LYS A 324 2.12 -16.11 -15.77
CA LYS A 324 1.42 -15.95 -14.48
C LYS A 324 2.09 -16.87 -13.45
N THR A 325 2.49 -18.05 -13.88
CA THR A 325 3.16 -19.05 -13.02
C THR A 325 4.46 -18.44 -12.51
N LEU A 326 5.20 -17.78 -13.40
CA LEU A 326 6.48 -17.13 -13.07
C LEU A 326 6.24 -15.98 -12.08
N GLU A 327 5.23 -15.15 -12.36
CA GLU A 327 4.81 -14.07 -11.41
C GLU A 327 4.62 -14.68 -10.02
N PHE A 328 3.92 -15.80 -9.94
CA PHE A 328 3.64 -16.55 -8.68
C PHE A 328 4.97 -17.00 -8.03
N MET A 329 5.90 -17.53 -8.83
CA MET A 329 7.22 -18.02 -8.34
C MET A 329 8.07 -16.85 -7.82
N ARG A 330 7.89 -15.66 -8.39
CA ARG A 330 8.66 -14.43 -8.08
C ARG A 330 8.18 -13.75 -6.80
N MET A 331 6.98 -14.08 -6.34
CA MET A 331 6.41 -13.46 -5.12
C MET A 331 7.23 -13.94 -3.91
N ASN A 332 7.26 -13.13 -2.85
CA ASN A 332 7.75 -13.56 -1.52
C ASN A 332 6.79 -14.63 -0.98
N HIS A 333 7.27 -15.84 -0.73
CA HIS A 333 6.46 -16.97 -0.20
C HIS A 333 6.74 -17.19 1.29
N LEU A 334 7.55 -16.35 1.91
CA LEU A 334 7.80 -16.44 3.36
C LEU A 334 6.57 -15.93 4.08
N PRO A 335 6.30 -16.42 5.31
CA PRO A 335 5.11 -16.04 6.06
C PRO A 335 5.11 -14.53 6.35
N ASP A 336 3.94 -13.93 6.19
CA ASP A 336 3.65 -12.53 6.60
C ASP A 336 4.61 -11.59 5.87
N ASN A 337 4.98 -11.95 4.63
CA ASN A 337 5.87 -11.14 3.76
C ASN A 337 7.15 -10.77 4.52
N LYS A 338 7.64 -11.67 5.38
CA LYS A 338 8.93 -11.48 6.09
C LYS A 338 10.11 -11.67 5.14
N GLY A 339 11.26 -11.08 5.49
CA GLY A 339 12.56 -11.28 4.82
C GLY A 339 13.32 -12.46 5.41
N LEU A 340 14.32 -12.95 4.68
CA LEU A 340 15.12 -14.10 5.11
C LEU A 340 15.62 -13.93 6.55
N PRO A 341 16.14 -12.76 6.96
CA PRO A 341 16.69 -12.63 8.31
C PRO A 341 15.64 -12.87 9.42
N ASP A 342 14.37 -12.67 9.13
CA ASP A 342 13.29 -12.88 10.13
C ASP A 342 12.99 -14.38 10.28
N VAL A 343 13.43 -15.25 9.35
CA VAL A 343 13.05 -16.69 9.40
C VAL A 343 14.26 -17.61 9.29
N ALA A 344 15.40 -17.14 8.79
CA ALA A 344 16.55 -18.00 8.43
C ALA A 344 17.32 -18.35 9.70
N ILE A 345 17.92 -19.54 9.75
CA ILE A 345 18.63 -20.05 10.96
C ILE A 345 20.15 -20.02 10.72
N GLY A 346 20.61 -19.69 9.49
CA GLY A 346 22.02 -19.78 9.08
C GLY A 346 22.62 -18.43 8.75
N SER A 347 23.55 -18.39 7.78
CA SER A 347 24.24 -17.16 7.27
C SER A 347 23.30 -16.29 6.42
N PHE A 348 22.17 -16.87 6.00
CA PHE A 348 21.11 -16.17 5.22
C PHE A 348 20.30 -15.25 6.14
N SER A 349 20.56 -15.31 7.45
CA SER A 349 19.95 -14.44 8.48
C SER A 349 20.78 -13.16 8.67
N GLU A 350 21.91 -13.03 7.97
CA GLU A 350 22.86 -11.92 8.18
C GLU A 350 22.46 -10.71 7.30
N THR A 351 23.09 -9.57 7.62
CA THR A 351 22.78 -8.19 7.14
C THR A 351 22.64 -8.12 5.60
N PRO A 352 23.46 -8.82 4.79
CA PRO A 352 23.28 -8.80 3.33
C PRO A 352 21.98 -9.36 2.74
N TYR A 353 21.15 -10.02 3.55
CA TYR A 353 19.85 -10.60 3.14
C TYR A 353 18.71 -9.76 3.77
N ASP A 354 19.06 -8.67 4.46
CA ASP A 354 18.09 -7.68 5.00
C ASP A 354 17.31 -7.11 3.82
N GLY A 355 15.98 -7.12 3.92
CA GLY A 355 15.08 -6.61 2.88
C GLY A 355 14.97 -7.53 1.68
N THR A 356 15.37 -8.80 1.78
CA THR A 356 15.18 -9.79 0.67
C THR A 356 14.35 -10.98 1.19
N GLY A 357 13.29 -11.34 0.44
CA GLY A 357 12.48 -12.53 0.71
C GLY A 357 12.89 -13.71 -0.17
N PHE A 358 12.01 -14.69 -0.30
CA PHE A 358 12.24 -15.91 -1.10
C PHE A 358 10.91 -16.45 -1.60
N GLY A 359 10.86 -16.70 -2.92
CA GLY A 359 9.73 -17.35 -3.57
C GLY A 359 10.07 -18.79 -3.89
N LEU A 360 9.63 -19.26 -5.05
CA LEU A 360 9.74 -20.66 -5.46
C LEU A 360 11.03 -20.82 -6.24
N GLY A 361 12.17 -20.62 -5.58
CA GLY A 361 13.51 -20.82 -6.16
C GLY A 361 14.21 -19.53 -6.53
N PHE A 362 13.64 -18.37 -6.17
CA PHE A 362 14.30 -17.06 -6.36
C PHE A 362 14.26 -16.31 -5.03
N SER A 363 15.29 -15.53 -4.77
CA SER A 363 15.25 -14.45 -3.74
C SER A 363 14.43 -13.31 -4.35
N VAL A 364 13.76 -12.50 -3.53
CA VAL A 364 12.96 -11.33 -4.01
C VAL A 364 13.32 -10.13 -3.16
N LYS A 365 13.77 -9.04 -3.78
CA LYS A 365 14.03 -7.80 -3.00
C LYS A 365 12.69 -7.21 -2.56
N LEU A 366 12.54 -7.02 -1.24
CA LEU A 366 11.30 -6.45 -0.62
C LEU A 366 11.48 -4.96 -0.34
N ASP A 367 12.70 -4.54 0.02
CA ASP A 367 12.93 -3.20 0.65
C ASP A 367 14.34 -2.76 0.27
N VAL A 368 14.45 -1.81 -0.65
CA VAL A 368 15.77 -1.49 -1.27
C VAL A 368 16.65 -0.83 -0.20
N ALA A 369 16.15 0.20 0.48
CA ALA A 369 16.93 0.95 1.49
C ALA A 369 17.47 -0.03 2.55
N LYS A 370 16.62 -0.95 2.99
CA LYS A 370 16.98 -1.92 4.06
C LYS A 370 18.11 -2.85 3.57
N SER A 371 18.11 -3.22 2.29
CA SER A 371 19.17 -4.06 1.68
C SER A 371 20.50 -3.30 1.65
N GLN A 372 20.45 -1.97 1.65
CA GLN A 372 21.63 -1.06 1.63
C GLN A 372 22.32 -1.17 0.26
N THR A 373 21.63 -1.73 -0.72
CA THR A 373 22.18 -1.98 -2.09
C THR A 373 21.19 -1.47 -3.12
N VAL A 374 21.66 -0.64 -4.05
CA VAL A 374 20.81 -0.06 -5.11
C VAL A 374 20.16 -1.20 -5.90
N GLY A 375 18.92 -0.98 -6.33
CA GLY A 375 18.11 -1.93 -7.08
C GLY A 375 16.65 -1.54 -7.01
N SER A 376 15.78 -2.45 -7.42
CA SER A 376 14.32 -2.27 -7.40
C SER A 376 13.69 -3.35 -6.52
N VAL A 377 12.57 -3.00 -5.92
CA VAL A 377 11.60 -3.97 -5.33
C VAL A 377 11.28 -5.00 -6.42
N GLY A 378 11.37 -6.27 -6.07
CA GLY A 378 11.04 -7.42 -6.93
C GLY A 378 12.25 -7.96 -7.68
N GLU A 379 13.42 -7.34 -7.52
CA GLU A 379 14.69 -7.91 -8.06
C GLU A 379 14.73 -9.37 -7.66
N TYR A 380 14.93 -10.29 -8.60
CA TYR A 380 14.93 -11.73 -8.30
C TYR A 380 16.09 -12.43 -9.01
N GLY A 381 16.55 -13.50 -8.38
CA GLY A 381 17.68 -14.29 -8.87
C GLY A 381 18.22 -15.19 -7.81
N TRP A 382 19.43 -15.67 -8.05
CA TRP A 382 20.13 -16.54 -7.10
C TRP A 382 21.59 -16.58 -7.55
N GLY A 383 22.43 -17.32 -6.82
CA GLY A 383 23.87 -17.38 -7.06
C GLY A 383 24.38 -18.79 -6.93
N GLY A 384 25.67 -18.97 -7.19
CA GLY A 384 26.34 -20.27 -7.07
C GLY A 384 27.44 -20.21 -6.04
N MET A 385 27.76 -21.35 -5.42
CA MET A 385 28.81 -21.53 -4.40
C MET A 385 30.16 -20.99 -4.89
N ALA A 386 30.42 -20.98 -6.20
CA ALA A 386 31.70 -20.55 -6.81
C ALA A 386 31.62 -19.09 -7.24
N SER A 387 30.63 -18.36 -6.72
CA SER A 387 30.51 -16.88 -6.84
C SER A 387 29.93 -16.46 -8.20
N THR A 388 29.24 -17.39 -8.88
CA THR A 388 28.37 -17.06 -10.03
C THR A 388 27.15 -16.33 -9.47
N ASN A 389 26.57 -15.40 -10.24
CA ASN A 389 25.40 -14.63 -9.76
C ASN A 389 24.59 -14.18 -10.97
N PHE A 390 23.27 -14.13 -10.81
CA PHE A 390 22.39 -13.46 -11.80
C PHE A 390 21.26 -12.75 -11.05
N PHE A 391 20.76 -11.69 -11.64
CA PHE A 391 19.49 -11.07 -11.19
C PHE A 391 18.74 -10.53 -12.39
N ILE A 392 17.43 -10.47 -12.21
CA ILE A 392 16.47 -9.80 -13.12
C ILE A 392 15.75 -8.74 -12.29
N ASP A 393 15.79 -7.51 -12.75
CA ASP A 393 15.01 -6.38 -12.20
C ASP A 393 13.79 -6.20 -13.10
N PRO A 394 12.59 -6.63 -12.68
CA PRO A 394 11.41 -6.55 -13.51
C PRO A 394 10.88 -5.11 -13.65
N GLU A 395 11.25 -4.21 -12.73
CA GLU A 395 10.86 -2.77 -12.82
C GLU A 395 11.67 -2.11 -13.93
N GLU A 396 12.97 -2.43 -14.04
CA GLU A 396 13.89 -1.76 -14.99
C GLU A 396 14.08 -2.59 -16.27
N ASP A 397 13.53 -3.82 -16.33
CA ASP A 397 13.67 -4.76 -17.47
C ASP A 397 15.15 -5.02 -17.72
N LEU A 398 15.91 -5.24 -16.65
CA LEU A 398 17.38 -5.25 -16.65
C LEU A 398 17.83 -6.58 -16.03
N LEU A 399 18.90 -7.18 -16.54
CA LEU A 399 19.45 -8.42 -15.93
C LEU A 399 20.96 -8.47 -16.09
N MET A 400 21.58 -9.21 -15.17
CA MET A 400 23.03 -9.47 -15.17
C MET A 400 23.26 -10.95 -15.02
N VAL A 401 24.24 -11.46 -15.75
CA VAL A 401 24.83 -12.80 -15.49
C VAL A 401 26.32 -12.59 -15.24
N PHE A 402 26.78 -13.01 -14.08
CA PHE A 402 28.19 -12.91 -13.67
C PHE A 402 28.72 -14.31 -13.38
N MET A 403 29.84 -14.64 -14.02
CA MET A 403 30.52 -15.95 -13.87
C MET A 403 31.96 -15.71 -13.42
N THR A 404 32.37 -16.46 -12.41
CA THR A 404 33.76 -16.64 -11.96
C THR A 404 33.79 -17.99 -11.27
N GLN A 405 34.96 -18.48 -10.87
CA GLN A 405 35.07 -19.76 -10.11
C GLN A 405 35.93 -19.49 -8.88
N LEU A 406 35.29 -19.06 -7.80
CA LEU A 406 35.92 -18.81 -6.48
C LEU A 406 34.93 -19.25 -5.40
N ILE A 407 35.19 -20.41 -4.82
CA ILE A 407 34.45 -20.95 -3.64
C ILE A 407 35.10 -20.37 -2.40
N PRO A 408 34.34 -19.92 -1.37
CA PRO A 408 32.88 -19.80 -1.45
C PRO A 408 32.37 -18.43 -1.92
N SER A 409 31.07 -18.37 -2.25
CA SER A 409 30.38 -17.17 -2.77
C SER A 409 30.27 -16.09 -1.70
N SER A 410 30.39 -16.47 -0.43
CA SER A 410 30.39 -15.53 0.73
C SER A 410 31.70 -14.72 0.81
N THR A 411 32.73 -15.07 0.05
CA THR A 411 34.07 -14.44 0.19
C THR A 411 33.97 -12.94 -0.11
N TYR A 412 33.50 -12.54 -1.30
CA TYR A 412 33.56 -11.13 -1.76
C TYR A 412 32.16 -10.59 -2.05
N ALA A 413 32.04 -9.26 -2.05
CA ALA A 413 30.79 -8.51 -2.28
C ALA A 413 30.74 -7.99 -3.73
N VAL A 414 31.43 -8.66 -4.63
CA VAL A 414 31.51 -8.25 -6.06
C VAL A 414 30.10 -8.18 -6.67
N ARG A 415 29.16 -9.04 -6.28
CA ARG A 415 27.81 -9.03 -6.89
C ARG A 415 27.11 -7.70 -6.57
N GLN A 416 27.44 -7.11 -5.41
CA GLN A 416 26.88 -5.82 -4.93
C GLN A 416 27.59 -4.66 -5.64
N GLU A 417 28.90 -4.76 -5.82
CA GLU A 417 29.68 -3.73 -6.56
C GLU A 417 29.18 -3.67 -8.01
N LEU A 418 28.86 -4.84 -8.59
CA LEU A 418 28.37 -4.89 -9.99
C LEU A 418 26.99 -4.22 -10.05
N ARG A 419 26.14 -4.45 -9.07
CA ARG A 419 24.79 -3.81 -9.02
C ARG A 419 24.98 -2.30 -8.94
N ALA A 420 25.95 -1.83 -8.15
CA ALA A 420 26.23 -0.38 -7.98
C ALA A 420 26.54 0.21 -9.36
N ILE A 421 27.42 -0.47 -10.10
CA ILE A 421 27.91 0.04 -11.41
C ILE A 421 26.77 -0.03 -12.43
N ILE A 422 26.06 -1.17 -12.45
CA ILE A 422 25.02 -1.43 -13.49
C ILE A 422 23.88 -0.45 -13.27
N ASN A 423 23.42 -0.31 -12.03
CA ASN A 423 22.33 0.64 -11.70
C ASN A 423 22.77 2.06 -12.02
N GLY A 424 24.04 2.37 -11.77
CA GLY A 424 24.55 3.73 -12.02
C GLY A 424 24.56 4.07 -13.51
N ALA A 425 24.46 3.07 -14.39
CA ALA A 425 24.55 3.26 -15.85
C ALA A 425 23.14 3.52 -16.43
N LEU A 426 22.07 3.42 -15.64
CA LEU A 426 20.71 3.82 -16.08
C LEU A 426 20.67 5.34 -16.25
N VAL A 427 20.46 5.83 -17.49
CA VAL A 427 20.51 7.29 -17.79
C VAL A 427 19.26 7.74 -18.51
N ASP A 428 18.17 7.00 -18.43
CA ASP A 428 16.88 7.42 -19.04
C ASP A 428 15.98 7.93 -17.91
N ASN B 28 -2.01 -21.98 -30.98
CA ASN B 28 -3.15 -21.08 -31.27
C ASN B 28 -3.57 -20.34 -30.00
N ILE B 29 -3.69 -19.02 -30.13
CA ILE B 29 -3.88 -18.08 -29.00
C ILE B 29 -5.16 -17.29 -29.20
N ILE B 30 -6.01 -17.25 -28.19
CA ILE B 30 -7.24 -16.41 -28.17
C ILE B 30 -7.24 -15.67 -26.85
N ALA B 31 -7.45 -14.35 -26.91
CA ALA B 31 -7.58 -13.48 -25.71
C ALA B 31 -6.38 -13.71 -24.78
N GLY B 32 -5.17 -13.85 -25.34
CA GLY B 32 -3.91 -13.99 -24.58
C GLY B 32 -3.80 -15.33 -23.87
N MET B 33 -4.63 -16.30 -24.25
CA MET B 33 -4.57 -17.68 -23.70
C MET B 33 -4.13 -18.64 -24.81
N ASP B 34 -3.23 -19.55 -24.46
CA ASP B 34 -2.76 -20.63 -25.36
C ASP B 34 -3.74 -21.79 -25.27
N LEU B 35 -4.46 -22.10 -26.35
CA LEU B 35 -5.49 -23.18 -26.40
C LEU B 35 -4.84 -24.55 -26.18
N ASN B 36 -3.63 -24.76 -26.71
CA ASN B 36 -2.89 -26.03 -26.54
C ASN B 36 -2.63 -26.25 -25.04
N ARG B 37 -2.30 -25.20 -24.30
CA ARG B 37 -2.08 -25.32 -22.83
C ARG B 37 -3.41 -25.61 -22.15
N LEU B 38 -4.51 -25.05 -22.65
CA LEU B 38 -5.84 -25.29 -22.03
C LEU B 38 -6.28 -26.74 -22.24
N ASP B 39 -5.84 -27.40 -23.31
CA ASP B 39 -6.15 -28.83 -23.55
C ASP B 39 -5.65 -29.67 -22.38
N ARG B 40 -4.68 -29.17 -21.61
CA ARG B 40 -4.20 -29.83 -20.35
C ARG B 40 -5.35 -30.06 -19.38
N ILE B 41 -6.43 -29.28 -19.47
CA ILE B 41 -7.65 -29.48 -18.61
C ILE B 41 -8.21 -30.87 -18.86
N ALA B 42 -8.59 -31.18 -20.11
CA ALA B 42 -9.19 -32.47 -20.50
C ALA B 42 -8.24 -33.60 -20.11
N GLU B 43 -6.96 -33.45 -20.42
CA GLU B 43 -5.91 -34.48 -20.18
C GLU B 43 -5.87 -34.75 -18.68
N HIS B 44 -5.90 -33.69 -17.88
CA HIS B 44 -5.80 -33.78 -16.41
C HIS B 44 -7.05 -34.45 -15.84
N LEU B 45 -8.24 -34.02 -16.27
CA LEU B 45 -9.49 -34.58 -15.70
C LEU B 45 -9.60 -36.07 -16.07
N ASP B 46 -9.18 -36.45 -17.28
CA ASP B 46 -9.12 -37.86 -17.73
C ASP B 46 -8.20 -38.64 -16.80
N ARG B 47 -6.95 -38.21 -16.72
CA ARG B 47 -5.82 -38.97 -16.11
C ARG B 47 -6.04 -39.06 -14.58
N ALA B 48 -6.57 -38.01 -13.95
CA ALA B 48 -6.56 -37.87 -12.49
C ALA B 48 -7.91 -38.22 -11.87
N TYR B 49 -9.02 -38.12 -12.62
CA TYR B 49 -10.38 -38.26 -12.06
C TYR B 49 -11.24 -39.29 -12.81
N LEU B 50 -11.32 -39.20 -14.14
CA LEU B 50 -12.30 -39.98 -14.93
C LEU B 50 -11.80 -41.42 -15.13
N HIS B 51 -10.60 -41.59 -15.71
CA HIS B 51 -10.01 -42.93 -15.98
C HIS B 51 -9.91 -43.71 -14.68
N PRO B 52 -9.40 -43.13 -13.56
CA PRO B 52 -9.35 -43.85 -12.28
C PRO B 52 -10.67 -43.99 -11.52
N GLY B 53 -11.79 -43.45 -12.03
CA GLY B 53 -13.12 -43.63 -11.43
C GLY B 53 -13.35 -42.81 -10.17
N LYS B 54 -12.79 -41.59 -10.10
CA LYS B 54 -12.99 -40.67 -8.94
C LYS B 54 -14.18 -39.74 -9.16
N LEU B 55 -14.43 -39.33 -10.41
CA LEU B 55 -15.63 -38.54 -10.80
C LEU B 55 -16.35 -39.27 -11.93
N ALA B 56 -17.66 -39.10 -12.02
CA ALA B 56 -18.52 -39.65 -13.11
C ALA B 56 -18.23 -38.89 -14.40
N GLY B 57 -18.26 -37.56 -14.33
CA GLY B 57 -18.14 -36.70 -15.52
C GLY B 57 -18.05 -35.24 -15.15
N THR B 58 -17.57 -34.43 -16.09
CA THR B 58 -17.19 -33.02 -15.86
C THR B 58 -17.66 -32.20 -17.05
N MET B 59 -18.02 -30.95 -16.77
CA MET B 59 -18.23 -29.89 -17.78
C MET B 59 -17.39 -28.68 -17.35
N THR B 60 -16.44 -28.28 -18.18
CA THR B 60 -15.49 -27.20 -17.86
C THR B 60 -15.59 -26.10 -18.93
N LEU B 61 -15.78 -24.86 -18.48
CA LEU B 61 -15.78 -23.69 -19.40
C LEU B 61 -14.80 -22.66 -18.85
N VAL B 62 -13.99 -22.08 -19.74
CA VAL B 62 -13.05 -20.98 -19.41
C VAL B 62 -13.31 -19.85 -20.39
N ALA B 63 -13.34 -18.61 -19.90
CA ALA B 63 -13.50 -17.41 -20.75
C ALA B 63 -12.53 -16.34 -20.28
N ARG B 64 -12.09 -15.50 -21.21
CA ARG B 64 -11.24 -14.33 -20.91
C ARG B 64 -11.65 -13.22 -21.89
N ARG B 65 -11.82 -12.01 -21.35
CA ARG B 65 -12.17 -10.78 -22.11
C ARG B 65 -13.45 -11.02 -22.91
N GLY B 66 -14.40 -11.76 -22.33
CA GLY B 66 -15.72 -12.01 -22.95
C GLY B 66 -15.69 -13.07 -24.06
N GLU B 67 -14.55 -13.73 -24.30
CA GLU B 67 -14.48 -14.83 -25.29
C GLU B 67 -14.38 -16.16 -24.52
N VAL B 68 -15.24 -17.12 -24.85
CA VAL B 68 -15.13 -18.53 -24.39
C VAL B 68 -13.92 -19.14 -25.08
N VAL B 69 -12.91 -19.54 -24.32
CA VAL B 69 -11.65 -20.05 -24.90
C VAL B 69 -11.56 -21.56 -24.67
N TYR B 70 -12.42 -22.11 -23.82
CA TYR B 70 -12.42 -23.57 -23.53
C TYR B 70 -13.82 -23.99 -23.10
N CYS B 71 -14.28 -25.11 -23.65
CA CYS B 71 -15.60 -25.70 -23.35
C CYS B 71 -15.56 -27.18 -23.67
N GLN B 72 -15.54 -28.03 -22.63
CA GLN B 72 -15.33 -29.48 -22.78
C GLN B 72 -16.19 -30.27 -21.80
N ALA B 73 -17.04 -31.12 -22.34
CA ALA B 73 -17.78 -32.17 -21.62
C ALA B 73 -16.93 -33.42 -21.66
N GLN B 74 -16.86 -34.15 -20.56
CA GLN B 74 -16.07 -35.39 -20.43
C GLN B 74 -16.87 -36.38 -19.57
N GLY B 75 -16.75 -37.66 -19.90
CA GLY B 75 -17.30 -38.75 -19.10
C GLY B 75 -18.82 -38.71 -19.10
N LEU B 76 -19.43 -39.14 -17.99
CA LEU B 76 -20.86 -39.53 -17.95
C LEU B 76 -21.59 -38.64 -16.96
N ARG B 77 -22.80 -38.20 -17.34
CA ARG B 77 -23.74 -37.50 -16.45
C ARG B 77 -24.51 -38.53 -15.63
N ASP B 78 -24.69 -39.73 -16.19
CA ASP B 78 -25.43 -40.84 -15.54
C ASP B 78 -24.72 -42.16 -15.88
N VAL B 79 -23.94 -42.68 -14.93
CA VAL B 79 -23.11 -43.91 -15.10
C VAL B 79 -24.04 -45.11 -15.35
N GLU B 80 -25.07 -45.23 -14.52
CA GLU B 80 -26.03 -46.37 -14.50
C GLU B 80 -26.67 -46.49 -15.89
N ARG B 81 -27.08 -45.36 -16.47
CA ARG B 81 -27.77 -45.32 -17.78
C ARG B 81 -26.77 -45.07 -18.92
N GLN B 82 -25.47 -44.97 -18.62
CA GLN B 82 -24.42 -44.83 -19.66
C GLN B 82 -24.68 -43.56 -20.50
N LEU B 83 -25.19 -42.48 -19.89
CA LEU B 83 -25.46 -41.19 -20.59
C LEU B 83 -24.26 -40.24 -20.45
N PRO B 84 -23.76 -39.68 -21.57
CA PRO B 84 -22.59 -38.80 -21.51
C PRO B 84 -22.95 -37.41 -20.98
N VAL B 85 -21.95 -36.73 -20.41
CA VAL B 85 -22.03 -35.27 -20.13
C VAL B 85 -22.09 -34.59 -21.50
N GLU B 86 -23.04 -33.69 -21.67
CA GLU B 86 -23.16 -32.82 -22.87
C GLU B 86 -23.07 -31.37 -22.39
N ARG B 87 -22.83 -30.45 -23.32
CA ARG B 87 -22.78 -28.99 -23.04
C ARG B 87 -24.03 -28.59 -22.26
N ASP B 88 -25.19 -29.20 -22.57
CA ASP B 88 -26.51 -28.79 -22.03
C ASP B 88 -26.89 -29.62 -20.80
N THR B 89 -26.01 -30.45 -20.28
CA THR B 89 -26.32 -31.26 -19.07
C THR B 89 -26.68 -30.30 -17.93
N LEU B 90 -27.67 -30.67 -17.12
CA LEU B 90 -28.12 -29.90 -15.94
C LEU B 90 -27.44 -30.46 -14.69
N PHE B 91 -27.00 -29.57 -13.81
CA PHE B 91 -26.22 -29.90 -12.60
C PHE B 91 -26.87 -29.25 -11.38
N ARG B 92 -26.82 -29.94 -10.24
CA ARG B 92 -27.14 -29.36 -8.92
C ARG B 92 -25.96 -28.45 -8.56
N ILE B 93 -26.13 -27.13 -8.55
CA ILE B 93 -24.99 -26.19 -8.32
C ILE B 93 -24.89 -25.86 -6.83
N TYR B 94 -25.95 -26.22 -6.15
CA TYR B 94 -25.93 -26.06 -4.69
C TYR B 94 -25.55 -24.62 -4.28
N SER B 95 -24.48 -24.44 -3.47
CA SER B 95 -24.18 -23.13 -2.85
C SER B 95 -23.67 -22.13 -3.90
N MET B 96 -23.46 -22.55 -5.14
CA MET B 96 -23.32 -21.59 -6.27
C MET B 96 -24.67 -20.90 -6.52
N THR B 97 -25.72 -21.29 -5.80
CA THR B 97 -26.99 -20.51 -5.69
C THR B 97 -26.75 -19.21 -4.91
N LYS B 98 -25.85 -19.23 -3.94
CA LYS B 98 -25.69 -18.14 -2.93
C LYS B 98 -25.36 -16.82 -3.63
N PRO B 99 -24.42 -16.77 -4.58
CA PRO B 99 -24.10 -15.50 -5.24
C PRO B 99 -25.31 -14.97 -5.98
N ILE B 100 -26.18 -15.85 -6.47
CA ILE B 100 -27.40 -15.42 -7.23
C ILE B 100 -28.36 -14.75 -6.26
N THR B 101 -28.63 -15.38 -5.12
CA THR B 101 -29.47 -14.81 -4.03
C THR B 101 -28.89 -13.47 -3.58
N SER B 102 -27.56 -13.40 -3.48
CA SER B 102 -26.82 -12.22 -2.96
C SER B 102 -27.04 -11.05 -3.93
N ILE B 103 -26.92 -11.32 -5.23
CA ILE B 103 -27.21 -10.33 -6.29
C ILE B 103 -28.68 -9.89 -6.19
N ALA B 104 -29.61 -10.84 -6.05
CA ALA B 104 -31.05 -10.57 -5.94
C ALA B 104 -31.28 -9.55 -4.81
N LEU B 105 -30.71 -9.80 -3.65
CA LEU B 105 -30.94 -8.91 -2.47
C LEU B 105 -30.26 -7.55 -2.70
N MET B 106 -29.07 -7.53 -3.32
CA MET B 106 -28.38 -6.23 -3.54
C MET B 106 -29.07 -5.44 -4.66
N GLN B 107 -29.87 -6.09 -5.53
CA GLN B 107 -30.73 -5.33 -6.47
C GLN B 107 -31.67 -4.42 -5.67
N LEU B 108 -32.20 -4.91 -4.55
CA LEU B 108 -33.16 -4.17 -3.70
C LEU B 108 -32.43 -3.10 -2.88
N TYR B 109 -31.18 -3.36 -2.52
CA TYR B 109 -30.28 -2.36 -1.89
C TYR B 109 -30.18 -1.14 -2.81
N GLU B 110 -29.96 -1.40 -4.10
CA GLU B 110 -29.85 -0.35 -5.15
C GLU B 110 -31.11 0.48 -5.30
N GLN B 111 -32.23 0.00 -4.75
CA GLN B 111 -33.54 0.70 -4.84
C GLN B 111 -33.87 1.38 -3.53
N GLY B 112 -32.95 1.36 -2.56
CA GLY B 112 -33.11 2.07 -1.27
C GLY B 112 -33.94 1.27 -0.28
N ARG B 113 -34.17 -0.02 -0.52
CA ARG B 113 -35.16 -0.84 0.23
C ARG B 113 -34.65 -1.22 1.63
N PHE B 114 -33.34 -1.30 1.84
CA PHE B 114 -32.73 -1.56 3.17
C PHE B 114 -31.29 -1.04 3.16
N LEU B 115 -30.67 -0.97 4.35
CA LEU B 115 -29.22 -0.72 4.51
C LEU B 115 -28.56 -1.92 5.20
N LEU B 116 -27.28 -2.15 4.91
CA LEU B 116 -26.56 -3.34 5.40
C LEU B 116 -26.42 -3.28 6.93
N ASP B 117 -26.39 -2.08 7.51
CA ASP B 117 -26.16 -1.92 8.98
C ASP B 117 -27.50 -1.85 9.72
N GLU B 118 -28.62 -2.11 9.03
CA GLU B 118 -29.95 -2.23 9.67
C GLU B 118 -30.06 -3.58 10.36
N PRO B 119 -30.70 -3.63 11.54
CA PRO B 119 -30.94 -4.89 12.23
C PRO B 119 -31.88 -5.78 11.38
N VAL B 120 -31.61 -7.08 11.33
CA VAL B 120 -32.52 -8.03 10.63
C VAL B 120 -33.92 -7.89 11.24
N HIS B 121 -34.02 -7.62 12.54
CA HIS B 121 -35.32 -7.66 13.24
C HIS B 121 -36.22 -6.50 12.79
N LYS B 122 -35.65 -5.47 12.16
CA LYS B 122 -36.48 -4.41 11.52
C LYS B 122 -37.44 -5.08 10.51
N TYR B 123 -36.98 -6.08 9.78
CA TYR B 123 -37.75 -6.74 8.69
C TYR B 123 -38.36 -8.04 9.21
N ILE B 124 -37.75 -8.65 10.23
CA ILE B 124 -38.23 -9.92 10.85
C ILE B 124 -38.38 -9.66 12.34
N PRO B 125 -39.49 -9.04 12.79
CA PRO B 125 -39.58 -8.55 14.18
C PRO B 125 -39.55 -9.66 15.25
N THR B 126 -39.89 -10.89 14.88
CA THR B 126 -39.83 -12.06 15.79
C THR B 126 -38.37 -12.37 16.16
N TRP B 127 -37.39 -11.80 15.45
CA TRP B 127 -35.95 -12.08 15.66
C TRP B 127 -35.30 -11.07 16.60
N LYS B 128 -36.09 -10.16 17.17
CA LYS B 128 -35.54 -9.02 17.97
C LYS B 128 -34.79 -9.58 19.20
N ASN B 129 -35.25 -10.70 19.76
CA ASN B 129 -34.76 -11.23 21.06
C ASN B 129 -33.89 -12.47 20.87
N LEU B 130 -33.34 -12.68 19.68
CA LEU B 130 -32.35 -13.77 19.45
C LEU B 130 -31.21 -13.65 20.46
N ARG B 131 -30.83 -14.78 21.06
CA ARG B 131 -29.75 -14.81 22.06
C ARG B 131 -28.69 -15.82 21.62
N VAL B 132 -27.57 -15.83 22.33
CA VAL B 132 -26.35 -16.61 21.99
C VAL B 132 -26.34 -17.88 22.85
N TYR B 133 -26.08 -19.02 22.23
CA TYR B 133 -25.98 -20.36 22.88
C TYR B 133 -25.00 -20.25 24.05
N LYS B 134 -25.40 -20.71 25.24
CA LYS B 134 -24.46 -20.88 26.37
C LYS B 134 -24.30 -22.37 26.64
N THR B 135 -25.41 -23.07 26.88
CA THR B 135 -25.35 -24.51 27.20
C THR B 135 -26.74 -25.13 27.11
N GLY B 136 -26.78 -26.47 27.14
CA GLY B 136 -28.01 -27.26 27.16
C GLY B 136 -28.30 -27.87 25.79
N SER B 137 -29.16 -28.87 25.77
CA SER B 137 -29.67 -29.54 24.55
C SER B 137 -31.08 -29.02 24.28
N HIS B 138 -31.40 -28.84 23.00
CA HIS B 138 -32.77 -28.58 22.50
C HIS B 138 -33.73 -29.58 23.13
N PRO B 139 -34.90 -29.18 23.68
CA PRO B 139 -35.41 -27.82 23.63
C PRO B 139 -35.19 -26.98 24.89
N GLN B 140 -34.14 -27.26 25.68
CA GLN B 140 -33.87 -26.55 26.95
C GLN B 140 -32.49 -25.89 26.87
N MET B 141 -32.27 -25.10 25.82
CA MET B 141 -30.97 -24.40 25.61
C MET B 141 -30.97 -23.08 26.36
N LEU B 142 -29.96 -22.85 27.20
CA LEU B 142 -29.73 -21.57 27.91
C LEU B 142 -28.86 -20.67 27.04
N THR B 143 -29.04 -19.35 27.15
CA THR B 143 -28.54 -18.35 26.18
C THR B 143 -28.07 -17.11 26.92
N THR B 144 -27.22 -16.31 26.28
CA THR B 144 -26.74 -14.99 26.78
C THR B 144 -27.12 -13.89 25.78
N ALA B 145 -27.21 -12.66 26.28
CA ALA B 145 -27.48 -11.45 25.47
C ALA B 145 -26.35 -11.26 24.46
N PRO B 146 -26.68 -11.02 23.17
CA PRO B 146 -25.67 -10.66 22.18
C PRO B 146 -25.19 -9.24 22.44
N GLN B 147 -23.93 -8.90 22.08
CA GLN B 147 -23.39 -7.52 22.19
C GLN B 147 -24.26 -6.57 21.36
N ARG B 148 -24.69 -6.98 20.18
CA ARG B 148 -25.55 -6.14 19.31
C ARG B 148 -26.47 -7.04 18.51
N PRO B 149 -27.62 -6.52 18.03
CA PRO B 149 -28.49 -7.30 17.15
C PRO B 149 -27.83 -7.63 15.81
N MET B 150 -28.23 -8.76 15.26
CA MET B 150 -27.84 -9.23 13.91
C MET B 150 -28.20 -8.17 12.87
N THR B 151 -27.34 -7.96 11.87
CA THR B 151 -27.61 -7.02 10.74
C THR B 151 -27.72 -7.80 9.44
N ILE B 152 -28.19 -7.11 8.39
CA ILE B 152 -28.31 -7.68 7.02
C ILE B 152 -26.89 -8.02 6.54
N ARG B 153 -25.92 -7.14 6.81
CA ARG B 153 -24.50 -7.37 6.44
C ARG B 153 -24.03 -8.69 7.05
N ASP B 154 -24.38 -8.96 8.32
CA ASP B 154 -24.05 -10.25 8.98
C ASP B 154 -24.64 -11.41 8.17
N LEU B 155 -25.87 -11.30 7.68
CA LEU B 155 -26.48 -12.40 6.89
C LEU B 155 -25.71 -12.57 5.58
N LEU B 156 -25.40 -11.48 4.91
CA LEU B 156 -24.76 -11.58 3.57
C LEU B 156 -23.32 -12.10 3.70
N THR B 157 -22.73 -12.03 4.90
CA THR B 157 -21.30 -12.40 5.09
C THR B 157 -21.15 -13.66 5.93
N HIS B 158 -22.24 -14.29 6.35
CA HIS B 158 -22.20 -15.48 7.25
C HIS B 158 -21.50 -15.12 8.58
N GLN B 159 -21.73 -13.92 9.09
CA GLN B 159 -21.21 -13.48 10.41
C GLN B 159 -22.37 -13.32 11.41
N SER B 160 -23.56 -13.82 11.09
CA SER B 160 -24.80 -13.60 11.87
C SER B 160 -24.85 -14.47 13.14
N GLY B 161 -24.17 -15.61 13.14
CA GLY B 161 -24.28 -16.60 14.24
C GLY B 161 -25.19 -17.75 13.88
N LEU B 162 -25.87 -17.68 12.72
CA LEU B 162 -26.67 -18.82 12.23
C LEU B 162 -25.71 -19.94 11.85
N THR B 163 -26.23 -21.14 11.65
CA THR B 163 -25.38 -22.27 11.23
C THR B 163 -26.14 -23.11 10.20
N TYR B 164 -25.71 -24.35 10.05
CA TYR B 164 -26.28 -25.38 9.17
C TYR B 164 -26.36 -26.70 9.93
N GLY B 165 -27.48 -27.42 9.81
CA GLY B 165 -27.66 -28.77 10.36
C GLY B 165 -26.46 -29.65 10.03
N PHE B 166 -26.01 -29.65 8.78
CA PHE B 166 -24.95 -30.59 8.31
C PHE B 166 -23.59 -30.28 8.95
N MET B 167 -23.42 -29.16 9.66
CA MET B 167 -22.13 -28.86 10.33
C MET B 167 -21.76 -30.01 11.28
N ASN B 168 -22.73 -30.51 12.05
CA ASN B 168 -22.52 -31.69 12.94
C ASN B 168 -21.41 -31.37 13.95
N ARG B 169 -21.39 -30.14 14.50
CA ARG B 169 -20.31 -29.69 15.41
C ARG B 169 -20.84 -29.27 16.78
N THR B 170 -22.05 -28.73 16.87
CA THR B 170 -22.59 -28.12 18.11
C THR B 170 -24.03 -28.54 18.37
N ASN B 171 -24.49 -28.28 19.59
CA ASN B 171 -25.86 -28.56 20.05
C ASN B 171 -26.84 -27.67 19.27
N VAL B 172 -26.39 -26.51 18.76
CA VAL B 172 -27.24 -25.64 17.91
C VAL B 172 -27.50 -26.36 16.58
N ASP B 173 -26.48 -26.87 15.91
CA ASP B 173 -26.72 -27.57 14.62
C ASP B 173 -27.42 -28.91 14.86
N ALA B 174 -27.30 -29.52 16.04
CA ALA B 174 -28.10 -30.71 16.45
C ALA B 174 -29.59 -30.33 16.43
N ALA B 175 -29.92 -29.16 16.98
CA ALA B 175 -31.29 -28.63 17.01
C ALA B 175 -31.79 -28.38 15.57
N TYR B 176 -30.95 -27.86 14.68
CA TYR B 176 -31.34 -27.65 13.26
C TYR B 176 -31.73 -29.00 12.65
N ARG B 177 -30.92 -30.05 12.90
CA ARG B 177 -31.14 -31.38 12.29
C ARG B 177 -32.46 -31.95 12.83
N SER B 178 -32.71 -31.81 14.14
CA SER B 178 -33.93 -32.36 14.77
C SER B 178 -35.16 -31.61 14.25
N LEU B 179 -35.01 -30.36 13.81
CA LEU B 179 -36.14 -29.58 13.24
C LEU B 179 -36.13 -29.60 11.70
N LYS B 180 -35.15 -30.26 11.07
CA LYS B 180 -35.06 -30.43 9.59
C LYS B 180 -35.03 -29.05 8.88
N LEU B 181 -34.28 -28.10 9.41
CA LEU B 181 -34.24 -26.72 8.87
C LEU B 181 -33.49 -26.67 7.54
N ASP B 182 -32.69 -27.70 7.24
CA ASP B 182 -31.89 -27.74 5.97
C ASP B 182 -32.76 -28.28 4.83
N GLY B 183 -33.88 -28.95 5.16
CA GLY B 183 -34.85 -29.47 4.17
C GLY B 183 -35.65 -30.63 4.74
N GLY B 184 -36.90 -30.80 4.31
CA GLY B 184 -37.78 -31.90 4.72
C GLY B 184 -39.19 -31.73 4.17
N PRO B 185 -40.09 -32.73 4.27
CA PRO B 185 -41.46 -32.61 3.76
C PRO B 185 -42.24 -31.48 4.47
N GLY B 186 -42.89 -30.60 3.70
CA GLY B 186 -43.67 -29.46 4.21
C GLY B 186 -42.80 -28.25 4.56
N HIS B 187 -41.48 -28.36 4.46
CA HIS B 187 -40.52 -27.27 4.81
C HIS B 187 -40.67 -26.14 3.80
N THR B 188 -40.79 -24.92 4.30
CA THR B 188 -40.91 -23.65 3.55
C THR B 188 -39.98 -22.62 4.22
N LEU B 189 -39.66 -21.54 3.53
CA LEU B 189 -38.91 -20.39 4.10
C LEU B 189 -39.65 -19.83 5.32
N ASP B 190 -40.98 -19.73 5.26
CA ASP B 190 -41.79 -19.22 6.40
C ASP B 190 -41.52 -20.08 7.64
N ARG B 191 -41.37 -21.39 7.44
CA ARG B 191 -41.09 -22.34 8.54
C ARG B 191 -39.68 -22.08 9.07
N LEU B 192 -38.70 -21.99 8.17
CA LEU B 192 -37.28 -21.73 8.54
C LEU B 192 -37.22 -20.51 9.47
N ILE B 193 -37.87 -19.43 9.06
CA ILE B 193 -37.84 -18.14 9.79
C ILE B 193 -38.55 -18.27 11.14
N ASP B 194 -39.70 -18.96 11.15
CA ASP B 194 -40.48 -19.20 12.39
C ASP B 194 -39.60 -19.99 13.38
N GLU B 195 -38.94 -21.07 12.93
CA GLU B 195 -38.15 -21.97 13.82
C GLU B 195 -36.86 -21.27 14.27
N LEU B 196 -36.20 -20.51 13.38
CA LEU B 196 -34.96 -19.78 13.72
C LEU B 196 -35.23 -18.74 14.81
N ALA B 197 -36.45 -18.20 14.86
CA ALA B 197 -36.83 -17.15 15.85
C ALA B 197 -36.66 -17.69 17.27
N ARG B 198 -36.65 -19.01 17.44
CA ARG B 198 -36.73 -19.65 18.79
C ARG B 198 -35.43 -20.40 19.09
N LEU B 199 -34.42 -20.28 18.22
CA LEU B 199 -33.13 -20.99 18.43
C LEU B 199 -32.03 -20.00 18.76
N PRO B 200 -31.02 -20.48 19.52
CA PRO B 200 -29.84 -19.68 19.80
C PRO B 200 -28.90 -19.57 18.59
N LEU B 201 -28.13 -18.48 18.59
CA LEU B 201 -27.01 -18.23 17.67
C LEU B 201 -25.75 -18.87 18.24
N GLU B 202 -24.80 -19.22 17.38
CA GLU B 202 -23.49 -19.82 17.76
C GLU B 202 -22.61 -18.79 18.47
N PHE B 203 -22.79 -17.51 18.16
CA PHE B 203 -21.95 -16.42 18.70
C PHE B 203 -22.67 -15.10 18.49
N SER B 204 -22.19 -14.07 19.16
CA SER B 204 -22.76 -12.71 19.08
C SER B 204 -22.54 -12.18 17.66
N PRO B 205 -23.60 -11.70 16.99
CA PRO B 205 -23.52 -11.32 15.58
C PRO B 205 -22.30 -10.45 15.26
N GLY B 206 -21.56 -10.84 14.23
CA GLY B 206 -20.41 -10.09 13.70
C GLY B 206 -19.09 -10.50 14.33
N THR B 207 -19.08 -11.36 15.36
CA THR B 207 -17.85 -11.60 16.15
C THR B 207 -17.10 -12.82 15.62
N ALA B 208 -17.64 -13.51 14.62
CA ALA B 208 -17.00 -14.68 13.98
C ALA B 208 -17.68 -14.92 12.64
N TRP B 209 -17.24 -15.96 11.93
CA TRP B 209 -17.78 -16.38 10.63
C TRP B 209 -18.16 -17.86 10.73
N ASN B 210 -19.34 -18.20 10.28
CA ASN B 210 -19.80 -19.61 10.26
C ASN B 210 -20.75 -19.78 9.10
N TYR B 211 -20.41 -20.66 8.18
CA TYR B 211 -21.22 -21.02 7.00
C TYR B 211 -22.62 -21.42 7.49
N SER B 212 -23.68 -20.94 6.83
CA SER B 212 -25.02 -20.93 7.48
C SER B 212 -26.18 -20.84 6.51
N VAL B 213 -27.37 -21.07 7.05
CA VAL B 213 -28.69 -20.83 6.38
C VAL B 213 -28.94 -19.35 6.15
N ALA B 214 -27.97 -18.46 6.45
CA ALA B 214 -28.14 -16.99 6.33
C ALA B 214 -28.67 -16.66 4.94
N THR B 215 -28.15 -17.33 3.93
CA THR B 215 -28.47 -17.02 2.53
C THR B 215 -29.90 -17.50 2.19
N ASP B 216 -30.39 -18.57 2.82
CA ASP B 216 -31.82 -18.97 2.71
C ASP B 216 -32.66 -17.82 3.28
N VAL B 217 -32.16 -17.18 4.34
CA VAL B 217 -32.83 -16.04 5.02
C VAL B 217 -32.79 -14.85 4.05
N CYS B 218 -31.67 -14.65 3.38
CA CYS B 218 -31.54 -13.59 2.37
C CYS B 218 -32.64 -13.79 1.31
N GLY B 219 -32.85 -15.03 0.85
CA GLY B 219 -33.96 -15.36 -0.06
C GLY B 219 -35.30 -14.95 0.54
N TYR B 220 -35.52 -15.27 1.81
CA TYR B 220 -36.75 -14.86 2.51
C TYR B 220 -36.90 -13.35 2.44
N LEU B 221 -35.82 -12.60 2.61
CA LEU B 221 -35.88 -11.10 2.61
C LEU B 221 -36.17 -10.58 1.20
N VAL B 222 -35.64 -11.22 0.16
CA VAL B 222 -35.95 -10.86 -1.25
C VAL B 222 -37.47 -10.98 -1.45
N GLN B 223 -38.08 -12.06 -0.96
CA GLN B 223 -39.56 -12.30 -1.09
C GLN B 223 -40.32 -11.20 -0.34
N LEU B 224 -39.95 -10.98 0.92
CA LEU B 224 -40.56 -9.96 1.80
C LEU B 224 -40.49 -8.58 1.10
N LEU B 225 -39.32 -8.21 0.55
CA LEU B 225 -39.12 -6.83 0.06
C LEU B 225 -39.73 -6.67 -1.34
N SER B 226 -39.66 -7.69 -2.19
CA SER B 226 -40.13 -7.64 -3.59
C SER B 226 -41.62 -7.93 -3.67
N GLY B 227 -42.17 -8.65 -2.68
CA GLY B 227 -43.54 -9.20 -2.73
C GLY B 227 -43.66 -10.33 -3.73
N MET B 228 -42.54 -10.87 -4.25
CA MET B 228 -42.54 -12.02 -5.20
C MET B 228 -42.02 -13.27 -4.49
N SER B 229 -42.41 -14.45 -4.96
CA SER B 229 -41.75 -15.71 -4.53
C SER B 229 -40.36 -15.77 -5.19
N LEU B 230 -39.40 -16.40 -4.51
CA LEU B 230 -37.97 -16.28 -4.90
C LEU B 230 -37.74 -16.77 -6.33
N ASP B 231 -38.44 -17.83 -6.73
CA ASP B 231 -38.32 -18.42 -8.09
C ASP B 231 -38.77 -17.37 -9.13
N ASP B 232 -39.84 -16.65 -8.87
CA ASP B 232 -40.35 -15.60 -9.79
C ASP B 232 -39.41 -14.40 -9.77
N TYR B 233 -38.86 -14.00 -8.61
CA TYR B 233 -37.94 -12.83 -8.53
C TYR B 233 -36.72 -13.17 -9.39
N PHE B 234 -36.11 -14.33 -9.14
CA PHE B 234 -34.90 -14.79 -9.88
C PHE B 234 -35.21 -14.74 -11.38
N SER B 235 -36.35 -15.30 -11.75
CA SER B 235 -36.71 -15.49 -13.18
C SER B 235 -36.82 -14.10 -13.83
N LYS B 236 -37.51 -13.18 -13.17
CA LYS B 236 -37.83 -11.85 -13.73
C LYS B 236 -36.61 -10.95 -13.74
N HIS B 237 -35.82 -10.98 -12.66
CA HIS B 237 -34.79 -9.95 -12.42
C HIS B 237 -33.40 -10.49 -12.74
N ILE B 238 -33.24 -11.80 -12.98
CA ILE B 238 -31.89 -12.35 -13.28
C ILE B 238 -31.93 -13.24 -14.52
N PHE B 239 -32.72 -14.32 -14.52
CA PHE B 239 -32.59 -15.41 -15.54
C PHE B 239 -33.11 -14.94 -16.91
N GLN B 240 -34.31 -14.35 -16.97
CA GLN B 240 -34.88 -13.84 -18.25
C GLN B 240 -33.96 -12.77 -18.83
N PRO B 241 -33.56 -11.72 -18.07
CA PRO B 241 -32.66 -10.69 -18.62
C PRO B 241 -31.31 -11.25 -19.11
N LEU B 242 -30.73 -12.23 -18.42
CA LEU B 242 -29.41 -12.77 -18.82
C LEU B 242 -29.55 -13.87 -19.87
N GLY B 243 -30.76 -14.31 -20.20
CA GLY B 243 -30.96 -15.42 -21.16
C GLY B 243 -30.51 -16.74 -20.55
N MET B 244 -31.00 -17.06 -19.35
CA MET B 244 -30.66 -18.29 -18.58
C MET B 244 -31.92 -19.15 -18.49
N PRO B 245 -32.31 -19.88 -19.57
CA PRO B 245 -33.58 -20.60 -19.58
C PRO B 245 -33.52 -21.97 -18.87
N ASP B 246 -32.33 -22.37 -18.43
CA ASP B 246 -32.02 -23.73 -17.93
C ASP B 246 -31.54 -23.63 -16.48
N THR B 247 -32.12 -22.70 -15.71
CA THR B 247 -31.77 -22.48 -14.29
C THR B 247 -33.08 -22.36 -13.53
N PHE B 248 -33.26 -23.20 -12.53
CA PHE B 248 -34.56 -23.33 -11.82
C PHE B 248 -34.36 -24.13 -10.54
N PHE B 249 -35.32 -23.97 -9.63
CA PHE B 249 -35.43 -24.76 -8.38
C PHE B 249 -36.00 -26.16 -8.66
N THR B 250 -36.85 -26.30 -9.68
CA THR B 250 -37.49 -27.57 -10.08
C THR B 250 -37.16 -27.86 -11.54
N VAL B 251 -36.55 -29.01 -11.84
CA VAL B 251 -36.26 -29.43 -13.24
C VAL B 251 -37.59 -29.78 -13.90
N PRO B 252 -38.01 -29.09 -14.98
CA PRO B 252 -39.22 -29.45 -15.70
C PRO B 252 -39.11 -30.85 -16.30
N ALA B 253 -40.23 -31.56 -16.39
CA ALA B 253 -40.32 -32.96 -16.87
C ALA B 253 -39.60 -33.10 -18.21
N GLU B 254 -39.81 -32.16 -19.14
CA GLU B 254 -39.28 -32.26 -20.53
C GLU B 254 -37.77 -31.98 -20.55
N LYS B 255 -37.15 -31.54 -19.44
CA LYS B 255 -35.67 -31.34 -19.38
C LYS B 255 -35.00 -32.41 -18.50
N LEU B 256 -35.78 -33.33 -17.93
CA LEU B 256 -35.24 -34.31 -16.95
C LEU B 256 -34.24 -35.25 -17.63
N SER B 257 -34.37 -35.50 -18.93
CA SER B 257 -33.42 -36.37 -19.68
C SER B 257 -32.02 -35.75 -19.64
N ARG B 258 -31.92 -34.42 -19.44
CA ARG B 258 -30.62 -33.70 -19.43
C ARG B 258 -30.00 -33.67 -18.02
N PHE B 259 -30.73 -34.11 -17.00
CA PHE B 259 -30.35 -33.96 -15.58
C PHE B 259 -29.30 -35.02 -15.20
N ALA B 260 -28.17 -34.56 -14.69
CA ALA B 260 -27.07 -35.44 -14.24
C ALA B 260 -27.51 -36.19 -12.99
N ALA B 261 -26.95 -37.38 -12.78
CA ALA B 261 -26.99 -38.08 -11.49
C ALA B 261 -26.03 -37.35 -10.56
N CYS B 262 -26.28 -37.44 -9.25
CA CYS B 262 -25.34 -37.00 -8.21
C CYS B 262 -24.72 -38.22 -7.52
N TYR B 263 -23.40 -38.19 -7.35
CA TYR B 263 -22.56 -39.23 -6.74
C TYR B 263 -21.93 -38.68 -5.44
N GLU B 264 -21.60 -39.58 -4.52
CA GLU B 264 -20.93 -39.24 -3.23
C GLU B 264 -19.68 -40.10 -3.10
N TYR B 265 -18.71 -39.58 -2.36
CA TYR B 265 -17.38 -40.20 -2.19
C TYR B 265 -17.53 -41.55 -1.51
N GLN B 266 -16.70 -42.53 -1.90
CA GLN B 266 -16.57 -43.84 -1.23
C GLN B 266 -15.08 -44.13 -1.05
N PRO B 267 -14.67 -44.77 0.06
CA PRO B 267 -13.25 -45.06 0.31
C PRO B 267 -12.60 -45.71 -0.91
N GLY B 268 -11.29 -45.51 -1.06
CA GLY B 268 -10.52 -45.94 -2.24
C GLY B 268 -10.70 -45.00 -3.42
N ASP B 269 -11.10 -43.74 -3.17
CA ASP B 269 -11.30 -42.71 -4.23
C ASP B 269 -12.26 -43.27 -5.29
N SER B 270 -13.43 -43.70 -4.82
CA SER B 270 -14.54 -44.21 -5.65
C SER B 270 -15.77 -43.38 -5.32
N PHE B 271 -16.91 -43.72 -5.91
CA PHE B 271 -18.17 -43.00 -5.68
C PHE B 271 -19.35 -43.95 -5.85
N SER B 272 -20.46 -43.60 -5.22
CA SER B 272 -21.75 -44.33 -5.30
C SER B 272 -22.85 -43.34 -5.68
N LEU B 273 -23.91 -43.86 -6.29
CA LEU B 273 -25.14 -43.09 -6.63
C LEU B 273 -25.70 -42.45 -5.36
N GLN B 274 -25.91 -41.13 -5.38
CA GLN B 274 -26.47 -40.37 -4.23
C GLN B 274 -27.85 -39.81 -4.61
N ASP B 275 -28.03 -39.41 -5.86
CA ASP B 275 -29.34 -38.92 -6.36
C ASP B 275 -29.51 -39.41 -7.79
N ASP B 276 -30.51 -40.28 -8.01
CA ASP B 276 -31.02 -40.67 -9.34
C ASP B 276 -31.79 -39.49 -9.92
N PRO B 277 -31.43 -38.98 -11.12
CA PRO B 277 -32.16 -37.88 -11.73
C PRO B 277 -33.64 -38.20 -11.99
N GLN B 278 -33.96 -39.46 -12.32
CA GLN B 278 -35.36 -39.95 -12.40
C GLN B 278 -35.81 -40.29 -10.97
N GLY B 279 -36.79 -39.55 -10.45
CA GLY B 279 -37.23 -39.65 -9.05
C GLY B 279 -36.33 -38.86 -8.10
N SER B 280 -35.80 -37.71 -8.55
CA SER B 280 -35.07 -36.76 -7.68
C SER B 280 -36.07 -35.77 -7.07
N ALA B 281 -35.81 -35.32 -5.84
CA ALA B 281 -36.54 -34.20 -5.18
C ALA B 281 -36.44 -32.92 -6.02
N PHE B 282 -35.36 -32.76 -6.79
CA PHE B 282 -35.15 -31.58 -7.68
C PHE B 282 -36.18 -31.55 -8.82
N ALA B 283 -36.88 -32.67 -9.08
CA ALA B 283 -37.88 -32.80 -10.16
C ALA B 283 -39.30 -32.56 -9.63
N LYS B 284 -39.46 -32.41 -8.32
CA LYS B 284 -40.77 -32.14 -7.66
C LYS B 284 -40.80 -30.67 -7.26
N ALA B 285 -41.96 -30.05 -7.39
CA ALA B 285 -42.21 -28.68 -6.89
C ALA B 285 -42.72 -28.80 -5.46
N HIS B 286 -41.86 -29.26 -4.55
CA HIS B 286 -42.07 -29.18 -3.08
C HIS B 286 -42.01 -27.68 -2.73
N GLY B 287 -42.28 -27.31 -1.47
CA GLY B 287 -42.56 -25.90 -1.12
C GLY B 287 -41.33 -25.07 -0.74
N TYR B 288 -40.12 -25.65 -0.77
CA TYR B 288 -38.90 -25.01 -0.20
C TYR B 288 -38.01 -24.45 -1.32
N LEU B 289 -37.87 -23.13 -1.37
CA LEU B 289 -37.01 -22.42 -2.34
C LEU B 289 -35.76 -21.95 -1.59
N SER B 290 -34.68 -22.72 -1.74
CA SER B 290 -33.44 -22.58 -0.94
C SER B 290 -32.50 -21.60 -1.66
N GLY B 291 -32.48 -20.35 -1.23
CA GLY B 291 -31.57 -19.32 -1.77
C GLY B 291 -30.14 -19.66 -1.49
N GLY B 292 -29.96 -20.62 -0.63
CA GLY B 292 -28.66 -21.13 -0.23
C GLY B 292 -28.15 -22.23 -1.11
N GLY B 293 -29.01 -23.19 -1.52
CA GLY B 293 -28.52 -24.33 -2.32
C GLY B 293 -29.54 -25.01 -3.22
N GLY B 294 -30.62 -24.36 -3.64
CA GLY B 294 -31.75 -25.04 -4.31
C GLY B 294 -31.59 -25.23 -5.82
N LEU B 295 -30.76 -24.42 -6.48
CA LEU B 295 -30.84 -24.27 -7.95
C LEU B 295 -30.21 -25.46 -8.70
N VAL B 296 -30.85 -25.78 -9.82
CA VAL B 296 -30.22 -26.59 -10.90
C VAL B 296 -29.89 -25.62 -12.03
N SER B 297 -28.74 -25.80 -12.66
CA SER B 297 -28.28 -24.94 -13.77
C SER B 297 -27.45 -25.79 -14.73
N CYS B 298 -26.92 -25.13 -15.75
CA CYS B 298 -25.98 -25.72 -16.73
C CYS B 298 -24.84 -24.74 -16.91
N VAL B 299 -23.79 -25.16 -17.60
CA VAL B 299 -22.54 -24.37 -17.72
C VAL B 299 -22.83 -23.08 -18.49
N ASP B 300 -23.66 -23.10 -19.54
CA ASP B 300 -23.93 -21.88 -20.36
C ASP B 300 -24.64 -20.86 -19.48
N ASP B 301 -25.68 -21.27 -18.74
CA ASP B 301 -26.44 -20.36 -17.87
C ASP B 301 -25.49 -19.74 -16.83
N TYR B 302 -24.71 -20.55 -16.10
CA TYR B 302 -23.86 -20.00 -15.02
C TYR B 302 -22.76 -19.16 -15.67
N TYR B 303 -22.30 -19.52 -16.88
CA TYR B 303 -21.29 -18.75 -17.63
C TYR B 303 -21.84 -17.34 -17.86
N ARG B 304 -23.10 -17.25 -18.28
CA ARG B 304 -23.71 -15.94 -18.63
C ARG B 304 -23.81 -15.10 -17.35
N PHE B 305 -24.16 -15.71 -16.23
CA PHE B 305 -24.20 -15.04 -14.90
C PHE B 305 -22.80 -14.51 -14.56
N ALA B 306 -21.79 -15.39 -14.59
CA ALA B 306 -20.39 -15.07 -14.27
C ALA B 306 -19.89 -13.97 -15.22
N GLN B 307 -20.14 -14.09 -16.51
CA GLN B 307 -19.67 -13.12 -17.53
C GLN B 307 -20.33 -11.76 -17.24
N ALA B 308 -21.62 -11.75 -16.89
CA ALA B 308 -22.30 -10.50 -16.51
C ALA B 308 -21.53 -9.88 -15.32
N LEU B 309 -21.13 -10.67 -14.33
CA LEU B 309 -20.41 -10.11 -13.16
C LEU B 309 -19.05 -9.57 -13.61
N ALA B 310 -18.33 -10.33 -14.42
CA ALA B 310 -17.00 -9.97 -14.96
C ALA B 310 -17.09 -8.65 -15.73
N ASN B 311 -18.24 -8.35 -16.32
CA ASN B 311 -18.45 -7.12 -17.14
C ASN B 311 -18.90 -5.94 -16.27
N GLY B 312 -19.00 -6.12 -14.95
CA GLY B 312 -19.51 -5.08 -14.04
C GLY B 312 -21.03 -5.10 -13.96
N GLY B 313 -21.66 -6.23 -14.30
CA GLY B 313 -23.08 -6.50 -13.98
C GLY B 313 -24.00 -6.45 -15.18
N GLU B 314 -23.44 -6.39 -16.38
CA GLU B 314 -24.19 -6.19 -17.65
C GLU B 314 -23.74 -7.29 -18.63
N LEU B 315 -24.66 -7.82 -19.43
CA LEU B 315 -24.33 -8.71 -20.56
C LEU B 315 -25.30 -8.46 -21.72
N ASP B 316 -24.78 -8.14 -22.90
CA ASP B 316 -25.59 -7.98 -24.15
C ASP B 316 -26.79 -7.06 -23.88
N GLY B 317 -26.58 -5.93 -23.22
CA GLY B 317 -27.63 -4.91 -22.98
C GLY B 317 -28.47 -5.15 -21.73
N ALA B 318 -28.35 -6.29 -21.07
CA ALA B 318 -29.14 -6.56 -19.84
C ALA B 318 -28.25 -6.34 -18.61
N ARG B 319 -28.69 -5.54 -17.65
CA ARG B 319 -27.94 -5.28 -16.40
C ARG B 319 -28.69 -5.91 -15.22
N ILE B 320 -28.03 -6.75 -14.43
CA ILE B 320 -28.59 -7.40 -13.22
C ILE B 320 -28.16 -6.63 -11.96
N ILE B 321 -27.05 -5.89 -12.01
CA ILE B 321 -26.56 -5.14 -10.83
C ILE B 321 -25.72 -3.97 -11.32
N GLY B 322 -25.68 -2.89 -10.55
CA GLY B 322 -24.77 -1.75 -10.79
C GLY B 322 -23.33 -2.18 -10.65
N ARG B 323 -22.47 -1.65 -11.50
CA ARG B 323 -20.99 -1.84 -11.50
C ARG B 323 -20.43 -1.57 -10.08
N LYS B 324 -20.92 -0.52 -9.42
CA LYS B 324 -20.35 -0.03 -8.14
C LYS B 324 -20.81 -0.96 -7.02
N THR B 325 -22.06 -1.38 -7.08
CA THR B 325 -22.69 -2.28 -6.09
C THR B 325 -21.90 -3.59 -6.08
N LEU B 326 -21.58 -4.10 -7.27
CA LEU B 326 -20.82 -5.37 -7.42
C LEU B 326 -19.41 -5.20 -6.84
N GLU B 327 -18.74 -4.10 -7.18
CA GLU B 327 -17.40 -3.76 -6.62
C GLU B 327 -17.50 -3.87 -5.10
N PHE B 328 -18.53 -3.29 -4.51
CA PHE B 328 -18.79 -3.30 -3.04
C PHE B 328 -18.98 -4.74 -2.55
N MET B 329 -19.71 -5.57 -3.29
CA MET B 329 -19.99 -6.99 -2.93
C MET B 329 -18.69 -7.82 -2.98
N ARG B 330 -17.76 -7.45 -3.86
CA ARG B 330 -16.49 -8.18 -4.13
C ARG B 330 -15.40 -7.80 -3.13
N MET B 331 -15.61 -6.75 -2.34
CA MET B 331 -14.63 -6.34 -1.30
C MET B 331 -14.63 -7.39 -0.20
N ASN B 332 -13.51 -7.55 0.50
CA ASN B 332 -13.44 -8.29 1.78
C ASN B 332 -14.28 -7.52 2.81
N HIS B 333 -15.32 -8.13 3.37
CA HIS B 333 -16.21 -7.50 4.38
C HIS B 333 -15.90 -8.04 5.78
N LEU B 334 -14.87 -8.85 5.93
CA LEU B 334 -14.48 -9.35 7.27
C LEU B 334 -13.77 -8.22 8.00
N PRO B 335 -13.79 -8.26 9.33
CA PRO B 335 -13.19 -7.22 10.15
C PRO B 335 -11.70 -7.08 9.86
N ASP B 336 -11.22 -5.84 9.72
CA ASP B 336 -9.78 -5.49 9.65
C ASP B 336 -9.13 -6.25 8.49
N ASN B 337 -9.88 -6.46 7.40
CA ASN B 337 -9.38 -7.13 6.17
C ASN B 337 -8.75 -8.48 6.54
N LYS B 338 -9.31 -9.19 7.54
CA LYS B 338 -8.85 -10.56 7.91
C LYS B 338 -9.33 -11.58 6.87
N GLY B 339 -8.62 -12.70 6.79
CA GLY B 339 -9.00 -13.90 6.02
C GLY B 339 -9.90 -14.82 6.81
N LEU B 340 -10.60 -15.71 6.13
CA LEU B 340 -11.52 -16.66 6.78
C LEU B 340 -10.85 -17.38 7.96
N PRO B 341 -9.59 -17.86 7.86
CA PRO B 341 -8.97 -18.58 8.97
C PRO B 341 -8.89 -17.79 10.27
N ASP B 342 -8.85 -16.46 10.18
CA ASP B 342 -8.74 -15.58 11.38
C ASP B 342 -10.11 -15.44 12.04
N VAL B 343 -11.22 -15.80 11.39
CA VAL B 343 -12.58 -15.54 11.95
C VAL B 343 -13.45 -16.79 11.94
N ALA B 344 -13.17 -17.76 11.07
CA ALA B 344 -14.05 -18.92 10.84
C ALA B 344 -13.91 -19.91 11.99
N ILE B 345 -14.99 -20.62 12.33
CA ILE B 345 -15.02 -21.55 13.50
C ILE B 345 -15.03 -23.00 13.01
N GLY B 346 -15.14 -23.24 11.69
CA GLY B 346 -15.29 -24.60 11.11
C GLY B 346 -14.13 -24.98 10.22
N SER B 347 -14.40 -25.74 9.14
CA SER B 347 -13.42 -26.22 8.12
C SER B 347 -12.93 -25.07 7.21
N PHE B 348 -13.64 -23.95 7.21
CA PHE B 348 -13.27 -22.72 6.44
C PHE B 348 -12.13 -21.98 7.13
N SER B 349 -11.72 -22.45 8.31
CA SER B 349 -10.57 -21.92 9.08
C SER B 349 -9.28 -22.66 8.69
N GLU B 350 -9.37 -23.66 7.80
CA GLU B 350 -8.20 -24.53 7.49
C GLU B 350 -7.39 -23.92 6.34
N THR B 351 -6.20 -24.47 6.15
CA THR B 351 -5.08 -23.98 5.30
C THR B 351 -5.56 -23.60 3.89
N PRO B 352 -6.47 -24.34 3.21
CA PRO B 352 -6.95 -23.92 1.89
C PRO B 352 -7.69 -22.57 1.76
N TYR B 353 -8.08 -21.96 2.88
CA TYR B 353 -8.77 -20.65 2.93
C TYR B 353 -7.81 -19.56 3.45
N ASP B 354 -6.54 -19.93 3.65
CA ASP B 354 -5.46 -18.98 3.98
C ASP B 354 -5.36 -17.97 2.83
N GLY B 355 -5.35 -16.69 3.17
CA GLY B 355 -5.27 -15.58 2.22
C GLY B 355 -6.54 -15.38 1.42
N THR B 356 -7.69 -15.86 1.90
CA THR B 356 -9.01 -15.63 1.26
C THR B 356 -9.97 -15.00 2.24
N GLY B 357 -10.60 -13.89 1.84
CA GLY B 357 -11.62 -13.21 2.64
C GLY B 357 -13.01 -13.55 2.13
N PHE B 358 -14.00 -12.74 2.49
CA PHE B 358 -15.42 -12.94 2.12
C PHE B 358 -16.14 -11.60 2.09
N GLY B 359 -16.82 -11.34 0.98
CA GLY B 359 -17.68 -10.16 0.81
C GLY B 359 -19.15 -10.57 0.92
N LEU B 360 -19.98 -9.99 0.06
CA LEU B 360 -21.44 -10.13 0.14
C LEU B 360 -21.83 -11.28 -0.77
N GLY B 361 -21.40 -12.49 -0.42
CA GLY B 361 -21.74 -13.73 -1.13
C GLY B 361 -20.65 -14.24 -2.03
N PHE B 362 -19.46 -13.66 -1.99
CA PHE B 362 -18.28 -14.17 -2.72
C PHE B 362 -17.10 -14.31 -1.75
N SER B 363 -16.25 -15.30 -1.95
CA SER B 363 -14.89 -15.34 -1.36
C SER B 363 -14.03 -14.35 -2.14
N VAL B 364 -12.99 -13.78 -1.52
CA VAL B 364 -12.08 -12.83 -2.21
C VAL B 364 -10.66 -13.22 -1.90
N LYS B 365 -9.84 -13.50 -2.91
CA LYS B 365 -8.40 -13.75 -2.69
C LYS B 365 -7.73 -12.44 -2.22
N LEU B 366 -7.10 -12.48 -1.04
CA LEU B 366 -6.39 -11.32 -0.43
C LEU B 366 -4.88 -11.45 -0.67
N ASP B 367 -4.33 -12.66 -0.67
CA ASP B 367 -2.87 -12.89 -0.59
C ASP B 367 -2.53 -14.17 -1.36
N VAL B 368 -1.92 -14.04 -2.53
CA VAL B 368 -1.77 -15.17 -3.47
C VAL B 368 -0.78 -16.19 -2.88
N ALA B 369 0.39 -15.74 -2.46
CA ALA B 369 1.46 -16.62 -1.93
C ALA B 369 0.90 -17.39 -0.73
N LYS B 370 0.17 -16.71 0.14
CA LYS B 370 -0.38 -17.32 1.37
C LYS B 370 -1.40 -18.40 1.01
N SER B 371 -2.19 -18.21 -0.06
CA SER B 371 -3.16 -19.23 -0.56
C SER B 371 -2.40 -20.46 -1.09
N GLN B 372 -1.14 -20.30 -1.50
CA GLN B 372 -0.26 -21.36 -2.06
C GLN B 372 -0.81 -21.82 -3.41
N THR B 373 -1.71 -21.04 -4.00
CA THR B 373 -2.38 -21.37 -5.29
C THR B 373 -2.27 -20.16 -6.22
N VAL B 374 -1.79 -20.39 -7.44
CA VAL B 374 -1.66 -19.32 -8.47
C VAL B 374 -3.03 -18.64 -8.66
N GLY B 375 -2.99 -17.33 -8.90
CA GLY B 375 -4.17 -16.49 -9.08
C GLY B 375 -3.79 -15.04 -8.89
N SER B 376 -4.82 -14.21 -8.82
CA SER B 376 -4.68 -12.75 -8.61
C SER B 376 -5.40 -12.37 -7.32
N VAL B 377 -4.90 -11.32 -6.67
CA VAL B 377 -5.64 -10.59 -5.60
C VAL B 377 -6.98 -10.17 -6.23
N GLY B 378 -8.07 -10.42 -5.52
CA GLY B 378 -9.42 -10.00 -5.94
C GLY B 378 -10.18 -11.15 -6.59
N GLU B 379 -9.53 -12.27 -6.88
CA GLU B 379 -10.24 -13.44 -7.43
C GLU B 379 -11.47 -13.70 -6.56
N TYR B 380 -12.64 -13.79 -7.15
CA TYR B 380 -13.90 -13.98 -6.39
C TYR B 380 -14.77 -15.06 -7.04
N GLY B 381 -15.57 -15.71 -6.21
CA GLY B 381 -16.45 -16.81 -6.61
C GLY B 381 -16.93 -17.60 -5.41
N TRP B 382 -17.42 -18.80 -5.68
CA TRP B 382 -17.88 -19.73 -4.65
C TRP B 382 -18.05 -21.09 -5.30
N GLY B 383 -18.46 -22.09 -4.52
CA GLY B 383 -18.56 -23.48 -4.98
C GLY B 383 -19.85 -24.11 -4.51
N GLY B 384 -20.08 -25.34 -4.96
CA GLY B 384 -21.24 -26.16 -4.53
C GLY B 384 -20.79 -27.42 -3.83
N MET B 385 -21.64 -27.96 -2.95
CA MET B 385 -21.30 -29.16 -2.13
C MET B 385 -21.02 -30.36 -3.03
N ALA B 386 -21.49 -30.37 -4.30
CA ALA B 386 -21.25 -31.48 -5.24
C ALA B 386 -20.03 -31.19 -6.11
N SER B 387 -19.18 -30.25 -5.68
CA SER B 387 -17.82 -29.97 -6.23
C SER B 387 -17.90 -29.12 -7.50
N THR B 388 -19.04 -28.46 -7.73
CA THR B 388 -19.16 -27.37 -8.72
C THR B 388 -18.33 -26.18 -8.22
N ASN B 389 -17.75 -25.41 -9.13
CA ASN B 389 -16.89 -24.27 -8.74
C ASN B 389 -16.90 -23.22 -9.84
N PHE B 390 -16.83 -21.95 -9.47
CA PHE B 390 -16.57 -20.87 -10.44
C PHE B 390 -15.69 -19.82 -9.78
N PHE B 391 -14.90 -19.13 -10.58
CA PHE B 391 -14.19 -17.91 -10.13
C PHE B 391 -14.12 -16.92 -11.27
N ILE B 392 -14.01 -15.65 -10.89
CA ILE B 392 -13.73 -14.49 -11.77
C ILE B 392 -12.47 -13.84 -11.23
N ASP B 393 -11.46 -13.69 -12.08
CA ASP B 393 -10.21 -12.96 -11.77
C ASP B 393 -10.34 -11.59 -12.43
N PRO B 394 -10.63 -10.51 -11.68
CA PRO B 394 -10.87 -9.20 -12.28
C PRO B 394 -9.56 -8.55 -12.78
N GLU B 395 -8.40 -9.00 -12.29
CA GLU B 395 -7.08 -8.50 -12.77
C GLU B 395 -6.81 -9.05 -14.17
N GLU B 396 -7.16 -10.32 -14.42
CA GLU B 396 -6.85 -11.00 -15.71
C GLU B 396 -8.07 -11.00 -16.65
N ASP B 397 -9.25 -10.55 -16.19
CA ASP B 397 -10.52 -10.56 -16.93
C ASP B 397 -10.84 -11.99 -17.37
N LEU B 398 -10.68 -12.93 -16.45
CA LEU B 398 -10.67 -14.38 -16.72
C LEU B 398 -11.72 -15.01 -15.81
N LEU B 399 -12.43 -16.03 -16.27
CA LEU B 399 -13.36 -16.78 -15.41
C LEU B 399 -13.40 -18.25 -15.81
N MET B 400 -13.77 -19.08 -14.84
CA MET B 400 -13.97 -20.53 -15.02
C MET B 400 -15.32 -20.91 -14.42
N VAL B 401 -16.03 -21.80 -15.11
CA VAL B 401 -17.18 -22.54 -14.52
C VAL B 401 -16.86 -24.02 -14.65
N PHE B 402 -16.84 -24.72 -13.52
CA PHE B 402 -16.55 -26.18 -13.46
C PHE B 402 -17.74 -26.88 -12.83
N MET B 403 -18.27 -27.88 -13.52
CA MET B 403 -19.41 -28.70 -13.06
C MET B 403 -18.98 -30.16 -13.00
N THR B 404 -19.23 -30.77 -11.85
CA THR B 404 -19.24 -32.24 -11.64
C THR B 404 -20.29 -32.50 -10.57
N GLN B 405 -20.59 -33.75 -10.28
CA GLN B 405 -21.52 -34.12 -9.19
C GLN B 405 -20.82 -35.17 -8.31
N LEU B 406 -20.06 -34.70 -7.32
CA LEU B 406 -19.36 -35.52 -6.30
C LEU B 406 -19.45 -34.77 -4.97
N ILE B 407 -20.33 -35.24 -4.11
CA ILE B 407 -20.45 -34.79 -2.69
C ILE B 407 -19.45 -35.58 -1.85
N PRO B 408 -18.72 -34.94 -0.88
CA PRO B 408 -18.69 -33.49 -0.73
C PRO B 408 -17.56 -32.78 -1.51
N SER B 409 -17.64 -31.45 -1.59
CA SER B 409 -16.72 -30.58 -2.36
C SER B 409 -15.33 -30.56 -1.71
N SER B 410 -15.24 -30.94 -0.45
CA SER B 410 -13.96 -31.06 0.31
C SER B 410 -13.15 -32.28 -0.16
N THR B 411 -13.72 -33.18 -0.95
CA THR B 411 -13.05 -34.47 -1.28
C THR B 411 -11.75 -34.20 -2.04
N TYR B 412 -11.81 -33.51 -3.17
CA TYR B 412 -10.67 -33.34 -4.09
C TYR B 412 -10.34 -31.85 -4.28
N ALA B 413 -9.09 -31.60 -4.66
CA ALA B 413 -8.53 -30.24 -4.85
C ALA B 413 -8.51 -29.91 -6.36
N VAL B 414 -9.45 -30.48 -7.11
CA VAL B 414 -9.55 -30.31 -8.58
C VAL B 414 -9.70 -28.82 -8.91
N ARG B 415 -10.41 -28.04 -8.08
CA ARG B 415 -10.65 -26.61 -8.38
C ARG B 415 -9.29 -25.87 -8.38
N GLN B 416 -8.33 -26.34 -7.57
CA GLN B 416 -6.97 -25.76 -7.45
C GLN B 416 -6.12 -26.22 -8.63
N GLU B 417 -6.23 -27.49 -9.01
CA GLU B 417 -5.51 -28.02 -10.20
C GLU B 417 -5.95 -27.27 -11.45
N LEU B 418 -7.26 -26.98 -11.55
CA LEU B 418 -7.80 -26.26 -12.72
C LEU B 418 -7.22 -24.84 -12.76
N ARG B 419 -7.12 -24.18 -11.61
CA ARG B 419 -6.54 -22.81 -11.52
C ARG B 419 -5.10 -22.88 -12.00
N ALA B 420 -4.35 -23.91 -11.57
CA ALA B 420 -2.93 -24.10 -11.96
C ALA B 420 -2.85 -24.14 -13.48
N ILE B 421 -3.73 -24.92 -14.11
CA ILE B 421 -3.67 -25.14 -15.58
C ILE B 421 -4.12 -23.86 -16.27
N ILE B 422 -5.22 -23.25 -15.81
CA ILE B 422 -5.82 -22.08 -16.48
C ILE B 422 -4.85 -20.90 -16.40
N ASN B 423 -4.31 -20.64 -15.22
CA ASN B 423 -3.31 -19.57 -15.01
C ASN B 423 -2.07 -19.86 -15.86
N GLY B 424 -1.67 -21.12 -15.96
CA GLY B 424 -0.50 -21.55 -16.73
C GLY B 424 -0.67 -21.28 -18.23
N ALA B 425 -1.90 -21.09 -18.70
CA ALA B 425 -2.21 -20.92 -20.14
C ALA B 425 -2.15 -19.44 -20.54
N LEU B 426 -1.98 -18.53 -19.56
CA LEU B 426 -1.85 -17.08 -19.86
C LEU B 426 -0.48 -16.86 -20.48
N VAL B 427 -0.44 -16.37 -21.73
CA VAL B 427 0.83 -16.18 -22.47
C VAL B 427 0.97 -14.75 -23.00
N ASP B 428 0.27 -13.79 -22.41
CA ASP B 428 0.46 -12.35 -22.72
C ASP B 428 1.06 -11.68 -21.49
N SER C 27 -5.21 33.31 -15.48
CA SER C 27 -4.74 34.39 -16.41
C SER C 27 -3.31 34.12 -16.85
N ASN C 28 -2.28 34.36 -16.01
CA ASN C 28 -0.87 34.17 -16.47
C ASN C 28 -0.29 32.87 -15.86
N ILE C 29 -0.23 31.82 -16.68
CA ILE C 29 0.07 30.43 -16.22
C ILE C 29 1.29 29.91 -16.99
N ILE C 30 2.25 29.38 -16.26
CA ILE C 30 3.43 28.69 -16.87
C ILE C 30 3.58 27.38 -16.11
N ALA C 31 3.69 26.29 -16.87
CA ALA C 31 3.93 24.93 -16.34
C ALA C 31 2.92 24.63 -15.22
N GLY C 32 1.65 24.99 -15.41
CA GLY C 32 0.54 24.69 -14.49
C GLY C 32 0.62 25.47 -13.19
N MET C 33 1.43 26.54 -13.17
CA MET C 33 1.56 27.46 -12.01
C MET C 33 0.96 28.81 -12.39
N ASP C 34 0.13 29.37 -11.51
CA ASP C 34 -0.42 30.74 -11.64
C ASP C 34 0.61 31.74 -11.13
N LEU C 35 1.15 32.60 -12.01
CA LEU C 35 2.21 33.58 -11.67
C LEU C 35 1.69 34.63 -10.69
N ASN C 36 0.42 35.03 -10.83
CA ASN C 36 -0.24 36.00 -9.94
C ASN C 36 -0.24 35.43 -8.52
N ARG C 37 -0.48 34.14 -8.34
CA ARG C 37 -0.48 33.48 -7.01
C ARG C 37 0.94 33.46 -6.49
N LEU C 38 1.92 33.27 -7.39
CA LEU C 38 3.33 33.22 -6.95
C LEU C 38 3.81 34.59 -6.46
N ASP C 39 3.23 35.68 -6.96
CA ASP C 39 3.59 37.05 -6.49
C ASP C 39 3.29 37.15 -5.00
N ARG C 40 2.42 36.29 -4.44
CA ARG C 40 2.16 36.20 -2.98
C ARG C 40 3.46 35.93 -2.22
N ILE C 41 4.48 35.33 -2.85
CA ILE C 41 5.80 35.09 -2.20
C ILE C 41 6.41 36.45 -1.80
N ALA C 42 6.62 37.34 -2.77
CA ALA C 42 7.19 38.69 -2.53
C ALA C 42 6.37 39.42 -1.47
N GLU C 43 5.04 39.41 -1.61
CA GLU C 43 4.10 40.15 -0.71
C GLU C 43 4.28 39.61 0.71
N HIS C 44 4.39 38.29 0.84
CA HIS C 44 4.52 37.62 2.16
C HIS C 44 5.88 37.95 2.78
N LEU C 45 6.97 37.86 2.00
CA LEU C 45 8.32 38.10 2.56
C LEU C 45 8.44 39.57 2.99
N ASP C 46 7.87 40.49 2.20
CA ASP C 46 7.80 41.95 2.52
C ASP C 46 7.09 42.13 3.86
N ARG C 47 5.84 41.68 3.93
CA ARG C 47 4.90 41.98 5.03
C ARG C 47 5.36 41.29 6.32
N ALA C 48 5.90 40.08 6.23
CA ALA C 48 6.12 39.22 7.43
C ALA C 48 7.58 39.26 7.89
N TYR C 49 8.54 39.60 7.03
CA TYR C 49 9.99 39.49 7.36
C TYR C 49 10.77 40.78 7.10
N LEU C 50 10.61 41.37 5.92
CA LEU C 50 11.51 42.47 5.46
C LEU C 50 11.06 43.80 6.07
N HIS C 51 9.80 44.19 5.89
CA HIS C 51 9.25 45.48 6.39
C HIS C 51 9.39 45.53 7.92
N PRO C 52 9.05 44.45 8.67
CA PRO C 52 9.28 44.44 10.11
C PRO C 52 10.72 44.22 10.58
N GLY C 53 11.69 44.01 9.68
CA GLY C 53 13.12 43.87 10.05
C GLY C 53 13.44 42.55 10.75
N LYS C 54 12.83 41.45 10.31
CA LYS C 54 13.18 40.08 10.80
C LYS C 54 14.29 39.45 9.96
N LEU C 55 14.32 39.75 8.66
CA LEU C 55 15.40 39.31 7.72
C LEU C 55 15.95 40.55 7.02
N ALA C 56 17.22 40.48 6.65
CA ALA C 56 17.93 41.55 5.91
C ALA C 56 17.39 41.57 4.47
N GLY C 57 17.37 40.40 3.84
CA GLY C 57 17.00 40.25 2.43
C GLY C 57 16.87 38.79 2.04
N THR C 58 16.21 38.55 0.91
CA THR C 58 15.84 37.19 0.44
C THR C 58 16.11 37.11 -1.05
N MET C 59 16.44 35.91 -1.51
CA MET C 59 16.44 35.51 -2.93
C MET C 59 15.61 34.23 -3.04
N THR C 60 14.52 34.26 -3.81
CA THR C 60 13.60 33.11 -3.95
C THR C 60 13.49 32.71 -5.41
N LEU C 61 13.71 31.42 -5.70
CA LEU C 61 13.51 30.86 -7.06
C LEU C 61 12.56 29.66 -6.96
N VAL C 62 11.62 29.58 -7.90
CA VAL C 62 10.69 28.43 -8.01
C VAL C 62 10.74 27.98 -9.46
N ALA C 63 10.80 26.67 -9.68
CA ALA C 63 10.80 26.08 -11.04
C ALA C 63 9.89 24.86 -11.04
N ARG C 64 9.23 24.63 -12.16
CA ARG C 64 8.35 23.45 -12.38
C ARG C 64 8.54 22.98 -13.82
N ARG C 65 8.75 21.67 -13.99
CA ARG C 65 8.91 20.99 -15.30
C ARG C 65 10.07 21.65 -16.08
N GLY C 66 11.14 22.03 -15.38
CA GLY C 66 12.35 22.60 -15.99
C GLY C 66 12.23 24.08 -16.34
N GLU C 67 11.09 24.72 -16.05
CA GLU C 67 10.90 26.17 -16.33
C GLU C 67 10.97 26.94 -15.01
N VAL C 68 11.79 27.98 -14.96
CA VAL C 68 11.84 28.96 -13.83
C VAL C 68 10.57 29.77 -13.90
N VAL C 69 9.71 29.67 -12.90
CA VAL C 69 8.39 30.36 -12.94
C VAL C 69 8.41 31.55 -11.98
N TYR C 70 9.42 31.64 -11.12
CA TYR C 70 9.53 32.73 -10.14
C TYR C 70 11.00 32.91 -9.77
N CYS C 71 11.42 34.16 -9.71
CA CYS C 71 12.80 34.57 -9.38
C CYS C 71 12.73 36.01 -8.90
N GLN C 72 12.98 36.23 -7.61
CA GLN C 72 12.82 37.55 -6.98
C GLN C 72 13.88 37.79 -5.92
N ALA C 73 14.66 38.85 -6.07
CA ALA C 73 15.51 39.39 -5.00
C ALA C 73 14.70 40.44 -4.26
N GLN C 74 14.81 40.49 -2.93
CA GLN C 74 14.12 41.47 -2.08
C GLN C 74 15.08 41.93 -0.98
N GLY C 75 14.98 43.19 -0.58
CA GLY C 75 15.71 43.77 0.56
C GLY C 75 17.20 43.80 0.29
N LEU C 76 17.99 43.64 1.36
CA LEU C 76 19.43 44.01 1.39
C LEU C 76 20.28 42.77 1.67
N ARG C 77 21.39 42.64 0.96
CA ARG C 77 22.41 41.60 1.22
C ARG C 77 23.36 42.10 2.31
N ASP C 78 23.51 43.42 2.42
CA ASP C 78 24.42 44.08 3.40
C ASP C 78 23.75 45.35 3.90
N VAL C 79 23.16 45.29 5.09
CA VAL C 79 22.34 46.38 5.68
C VAL C 79 23.27 47.58 5.99
N GLU C 80 24.42 47.31 6.59
CA GLU C 80 25.41 48.33 7.02
C GLU C 80 25.82 49.17 5.81
N ARG C 81 26.07 48.53 4.67
CA ARG C 81 26.53 49.21 3.43
C ARG C 81 25.35 49.51 2.51
N GLN C 82 24.12 49.21 2.94
CA GLN C 82 22.88 49.52 2.17
C GLN C 82 22.97 48.92 0.75
N LEU C 83 23.51 47.71 0.63
CA LEU C 83 23.63 46.97 -0.67
C LEU C 83 22.44 46.04 -0.85
N PRO C 84 21.74 46.08 -2.01
CA PRO C 84 20.57 45.24 -2.24
C PRO C 84 20.95 43.79 -2.56
N VAL C 85 20.02 42.89 -2.27
CA VAL C 85 20.07 41.49 -2.78
C VAL C 85 19.87 41.60 -4.29
N GLU C 86 20.77 40.97 -5.06
CA GLU C 86 20.62 40.80 -6.52
C GLU C 86 20.56 39.30 -6.82
N ARG C 87 20.11 38.97 -8.04
CA ARG C 87 20.09 37.58 -8.55
C ARG C 87 21.46 36.93 -8.30
N ASP C 88 22.55 37.68 -8.45
CA ASP C 88 23.94 37.12 -8.42
C ASP C 88 24.54 37.21 -7.01
N THR C 89 23.77 37.61 -5.99
CA THR C 89 24.31 37.71 -4.61
C THR C 89 24.80 36.32 -4.18
N LEU C 90 25.91 36.26 -3.47
CA LEU C 90 26.50 35.01 -2.93
C LEU C 90 26.04 34.84 -1.47
N PHE C 91 25.71 33.62 -1.10
CA PHE C 91 25.16 33.23 0.21
C PHE C 91 25.96 32.08 0.81
N ARG C 92 26.16 32.09 2.12
CA ARG C 92 26.64 30.91 2.90
C ARG C 92 25.48 29.90 2.91
N ILE C 93 25.59 28.76 2.23
CA ILE C 93 24.47 27.79 2.13
C ILE C 93 24.58 26.76 3.24
N TYR C 94 25.75 26.76 3.84
CA TYR C 94 25.95 25.87 5.00
C TYR C 94 25.57 24.42 4.66
N SER C 95 24.65 23.81 5.41
CA SER C 95 24.38 22.34 5.32
C SER C 95 23.66 22.01 4.00
N MET C 96 23.29 22.97 3.19
CA MET C 96 22.93 22.73 1.78
C MET C 96 24.19 22.31 0.98
N THR C 97 25.35 22.32 1.63
CA THR C 97 26.58 21.65 1.14
C THR C 97 26.41 20.13 1.19
N LYS C 98 25.66 19.62 2.16
CA LYS C 98 25.62 18.17 2.49
C LYS C 98 25.15 17.37 1.28
N PRO C 99 24.08 17.77 0.59
CA PRO C 99 23.61 16.99 -0.55
C PRO C 99 24.67 16.95 -1.64
N ILE C 100 25.48 18.00 -1.75
CA ILE C 100 26.55 18.08 -2.79
C ILE C 100 27.62 17.04 -2.46
N THR C 101 28.09 17.03 -1.21
CA THR C 101 29.06 16.02 -0.71
C THR C 101 28.50 14.61 -0.91
N SER C 102 27.20 14.45 -0.66
CA SER C 102 26.51 13.14 -0.69
C SER C 102 26.51 12.63 -2.13
N ILE C 103 26.21 13.51 -3.09
CA ILE C 103 26.29 13.20 -4.54
C ILE C 103 27.74 12.83 -4.89
N ALA C 104 28.71 13.63 -4.45
CA ALA C 104 30.15 13.38 -4.71
C ALA C 104 30.50 11.95 -4.30
N LEU C 105 30.12 11.54 -3.08
CA LEU C 105 30.49 10.20 -2.58
C LEU C 105 29.72 9.11 -3.35
N MET C 106 28.46 9.35 -3.71
CA MET C 106 27.68 8.33 -4.44
C MET C 106 28.15 8.25 -5.89
N GLN C 107 28.86 9.27 -6.41
CA GLN C 107 29.51 9.14 -7.75
C GLN C 107 30.52 8.00 -7.69
N LEU C 108 31.23 7.89 -6.57
CA LEU C 108 32.28 6.85 -6.35
C LEU C 108 31.63 5.49 -6.09
N TYR C 109 30.47 5.48 -5.45
CA TYR C 109 29.65 4.24 -5.29
C TYR C 109 29.35 3.65 -6.67
N GLU C 110 28.92 4.51 -7.60
CA GLU C 110 28.60 4.14 -9.00
C GLU C 110 29.82 3.57 -9.74
N GLN C 111 31.03 3.75 -9.20
CA GLN C 111 32.29 3.29 -9.83
C GLN C 111 32.80 2.04 -9.12
N GLY C 112 32.03 1.52 -8.16
CA GLY C 112 32.37 0.26 -7.47
C GLY C 112 33.36 0.46 -6.35
N ARG C 113 33.59 1.70 -5.93
CA ARG C 113 34.70 2.08 -5.01
C ARG C 113 34.45 1.63 -3.57
N PHE C 114 33.19 1.54 -3.14
CA PHE C 114 32.81 1.08 -1.79
C PHE C 114 31.36 0.57 -1.81
N LEU C 115 30.93 -0.08 -0.73
CA LEU C 115 29.52 -0.42 -0.49
C LEU C 115 29.01 0.27 0.78
N LEU C 116 27.72 0.56 0.83
CA LEU C 116 27.11 1.30 1.96
C LEU C 116 27.20 0.49 3.25
N ASP C 117 27.19 -0.84 3.16
CA ASP C 117 27.20 -1.73 4.35
C ASP C 117 28.63 -2.12 4.71
N GLU C 118 29.64 -1.49 4.10
CA GLU C 118 31.06 -1.70 4.51
C GLU C 118 31.34 -0.87 5.75
N PRO C 119 32.15 -1.41 6.67
CA PRO C 119 32.58 -0.66 7.84
C PRO C 119 33.42 0.55 7.41
N VAL C 120 33.21 1.68 8.06
CA VAL C 120 34.05 2.90 7.81
C VAL C 120 35.52 2.52 8.03
N HIS C 121 35.82 1.64 8.96
CA HIS C 121 37.22 1.37 9.37
C HIS C 121 37.99 0.64 8.25
N LYS C 122 37.28 0.06 7.29
CA LYS C 122 37.96 -0.50 6.10
C LYS C 122 38.75 0.62 5.42
N TYR C 123 38.19 1.84 5.37
CA TYR C 123 38.81 3.00 4.67
C TYR C 123 39.56 3.89 5.65
N ILE C 124 39.16 3.85 6.92
CA ILE C 124 39.82 4.64 8.01
C ILE C 124 40.19 3.68 9.12
N PRO C 125 41.33 2.95 9.00
CA PRO C 125 41.62 1.83 9.90
C PRO C 125 41.82 2.23 11.37
N THR C 126 42.15 3.50 11.63
CA THR C 126 42.31 4.02 13.00
C THR C 126 40.95 4.06 13.72
N TRP C 127 39.84 3.88 13.00
CA TRP C 127 38.47 3.98 13.56
C TRP C 127 37.93 2.60 13.94
N LYS C 128 38.75 1.55 13.83
CA LYS C 128 38.29 0.15 14.00
C LYS C 128 37.73 -0.05 15.42
N ASN C 129 38.31 0.64 16.41
CA ASN C 129 38.04 0.39 17.85
C ASN C 129 37.21 1.53 18.46
N LEU C 130 36.46 2.28 17.65
CA LEU C 130 35.49 3.27 18.15
C LEU C 130 34.53 2.58 19.12
N ARG C 131 34.29 3.21 20.28
CA ARG C 131 33.41 2.70 21.33
C ARG C 131 32.35 3.75 21.65
N VAL C 132 31.34 3.36 22.42
CA VAL C 132 30.14 4.18 22.73
C VAL C 132 30.34 4.83 24.11
N TYR C 133 30.04 6.13 24.21
CA TYR C 133 30.10 6.93 25.45
C TYR C 133 29.32 6.20 26.56
N LYS C 134 29.93 5.98 27.71
CA LYS C 134 29.20 5.51 28.92
C LYS C 134 29.16 6.65 29.94
N THR C 135 30.31 7.17 30.33
CA THR C 135 30.36 8.25 31.35
C THR C 135 31.75 8.87 31.37
N GLY C 136 31.88 10.00 32.06
CA GLY C 136 33.14 10.72 32.28
C GLY C 136 33.23 11.95 31.41
N SER C 137 34.11 12.87 31.78
CA SER C 137 34.46 14.09 30.99
C SER C 137 35.77 13.83 30.28
N HIS C 138 35.88 14.34 29.05
CA HIS C 138 37.15 14.43 28.28
C HIS C 138 38.24 15.01 29.18
N PRO C 139 39.46 14.44 29.26
CA PRO C 139 39.89 13.31 28.44
C PRO C 139 39.83 11.93 29.12
N GLN C 140 38.92 11.73 30.08
CA GLN C 140 38.83 10.45 30.84
C GLN C 140 37.41 9.86 30.66
N MET C 141 37.00 9.73 29.41
CA MET C 141 35.66 9.19 29.06
C MET C 141 35.72 7.67 29.00
N LEU C 142 34.84 7.01 29.76
CA LEU C 142 34.67 5.54 29.73
C LEU C 142 33.64 5.19 28.65
N THR C 143 33.80 4.04 28.02
CA THR C 143 33.08 3.65 26.79
C THR C 143 32.70 2.18 26.85
N THR C 144 31.71 1.77 26.05
CA THR C 144 31.25 0.37 25.91
C THR C 144 31.38 -0.07 24.45
N ALA C 145 31.49 -1.38 24.23
CA ALA C 145 31.57 -2.00 22.89
C ALA C 145 30.29 -1.69 22.10
N PRO C 146 30.42 -1.21 20.85
CA PRO C 146 29.26 -1.05 19.97
C PRO C 146 28.76 -2.43 19.51
N GLN C 147 27.47 -2.56 19.21
CA GLN C 147 26.86 -3.83 18.74
C GLN C 147 27.51 -4.22 17.40
N ARG C 148 27.78 -3.24 16.52
CA ARG C 148 28.47 -3.48 15.23
C ARG C 148 29.28 -2.25 14.88
N PRO C 149 30.31 -2.39 14.02
CA PRO C 149 31.05 -1.25 13.52
C PRO C 149 30.18 -0.30 12.69
N MET C 150 30.53 0.98 12.76
CA MET C 150 29.98 2.07 11.93
C MET C 150 30.13 1.69 10.44
N THR C 151 29.12 2.00 9.62
CA THR C 151 29.16 1.79 8.16
C THR C 151 29.12 3.13 7.44
N ILE C 152 29.37 3.09 6.14
CA ILE C 152 29.30 4.29 5.27
C ILE C 152 27.85 4.76 5.24
N ARG C 153 26.90 3.85 5.17
CA ARG C 153 25.45 4.18 5.19
C ARG C 153 25.16 4.98 6.47
N ASP C 154 25.70 4.56 7.62
CA ASP C 154 25.54 5.32 8.89
C ASP C 154 26.05 6.76 8.70
N LEU C 155 27.19 6.97 8.04
CA LEU C 155 27.74 8.33 7.81
C LEU C 155 26.78 9.13 6.94
N LEU C 156 26.30 8.53 5.87
CA LEU C 156 25.45 9.27 4.89
C LEU C 156 24.09 9.59 5.52
N THR C 157 23.70 8.89 6.57
CA THR C 157 22.32 9.03 7.13
C THR C 157 22.34 9.67 8.53
N HIS C 158 23.51 10.05 9.03
CA HIS C 158 23.67 10.61 10.42
C HIS C 158 23.18 9.59 11.45
N GLN C 159 23.44 8.31 11.22
CA GLN C 159 23.12 7.22 12.18
C GLN C 159 24.42 6.63 12.76
N SER C 160 25.56 7.28 12.55
CA SER C 160 26.92 6.74 12.89
C SER C 160 27.21 6.83 14.39
N GLY C 161 26.58 7.77 15.10
CA GLY C 161 26.89 8.06 16.51
C GLY C 161 27.79 9.27 16.66
N LEU C 162 28.27 9.82 15.54
CA LEU C 162 29.05 11.08 15.59
C LEU C 162 28.09 12.21 15.99
N THR C 163 28.65 13.35 16.35
CA THR C 163 27.80 14.51 16.69
C THR C 163 28.43 15.78 16.12
N TYR C 164 28.05 16.91 16.71
CA TYR C 164 28.54 18.26 16.41
C TYR C 164 28.80 19.00 17.73
N GLY C 165 29.90 19.75 17.80
CA GLY C 165 30.22 20.64 18.93
C GLY C 165 29.04 21.49 19.31
N PHE C 166 28.38 22.10 18.33
CA PHE C 166 27.31 23.10 18.58
C PHE C 166 26.07 22.43 19.18
N MET C 167 25.98 21.11 19.24
CA MET C 167 24.79 20.44 19.83
C MET C 167 24.61 20.92 21.27
N ASN C 168 25.69 21.01 22.04
CA ASN C 168 25.69 21.57 23.40
C ASN C 168 24.73 20.75 24.28
N ARG C 169 24.75 19.42 24.17
CA ARG C 169 23.80 18.52 24.87
C ARG C 169 24.52 17.47 25.72
N THR C 170 25.72 17.02 25.32
CA THR C 170 26.43 15.89 25.98
C THR C 170 27.91 16.18 26.16
N ASN C 171 28.52 15.37 27.00
CA ASN C 171 29.98 15.38 27.30
C ASN C 171 30.75 15.05 26.02
N VAL C 172 30.17 14.30 25.08
CA VAL C 172 30.83 14.01 23.78
C VAL C 172 30.92 15.32 22.99
N ASP C 173 29.82 16.06 22.84
CA ASP C 173 29.89 17.32 22.06
C ASP C 173 30.72 18.38 22.84
N ALA C 174 30.82 18.30 24.16
CA ALA C 174 31.72 19.16 24.98
C ALA C 174 33.17 18.91 24.55
N ALA C 175 33.52 17.64 24.36
CA ALA C 175 34.85 17.23 23.89
C ALA C 175 35.09 17.77 22.47
N TYR C 176 34.09 17.74 21.59
CA TYR C 176 34.24 18.29 20.22
C TYR C 176 34.60 19.78 20.33
N ARG C 177 33.89 20.51 21.19
CA ARG C 177 34.07 21.99 21.33
C ARG C 177 35.48 22.26 21.87
N SER C 178 35.94 21.48 22.85
CA SER C 178 37.26 21.69 23.48
C SER C 178 38.36 21.36 22.44
N LEU C 179 38.08 20.50 21.46
CA LEU C 179 39.07 20.18 20.40
C LEU C 179 38.80 20.98 19.12
N LYS C 180 37.76 21.82 19.08
CA LYS C 180 37.43 22.71 17.94
C LYS C 180 37.21 21.89 16.66
N LEU C 181 36.50 20.78 16.74
CA LEU C 181 36.30 19.87 15.58
C LEU C 181 35.35 20.49 14.54
N ASP C 182 34.58 21.51 14.94
CA ASP C 182 33.60 22.16 14.03
C ASP C 182 34.31 23.23 13.19
N GLY C 183 35.47 23.69 13.64
CA GLY C 183 36.30 24.68 12.95
C GLY C 183 37.21 25.41 13.93
N GLY C 184 38.37 25.84 13.47
CA GLY C 184 39.39 26.50 14.30
C GLY C 184 40.64 26.77 13.49
N PRO C 185 41.59 27.59 14.01
CA PRO C 185 42.86 27.81 13.34
C PRO C 185 43.66 26.50 13.16
N GLY C 186 44.14 26.25 11.94
CA GLY C 186 44.92 25.04 11.60
C GLY C 186 44.05 23.79 11.37
N HIS C 187 42.72 23.91 11.50
CA HIS C 187 41.79 22.76 11.41
C HIS C 187 41.76 22.26 9.95
N THR C 188 41.92 20.95 9.75
CA THR C 188 41.89 20.24 8.46
C THR C 188 41.04 18.98 8.63
N LEU C 189 40.56 18.39 7.53
CA LEU C 189 39.84 17.09 7.58
C LEU C 189 40.74 16.02 8.20
N ASP C 190 42.04 16.03 7.88
CA ASP C 190 43.00 15.03 8.42
C ASP C 190 42.96 15.12 9.96
N ARG C 191 42.87 16.34 10.49
CA ARG C 191 42.80 16.57 11.95
C ARG C 191 41.48 16.02 12.49
N LEU C 192 40.36 16.36 11.85
CA LEU C 192 39.02 15.90 12.28
C LEU C 192 39.05 14.37 12.43
N ILE C 193 39.59 13.68 11.43
CA ILE C 193 39.59 12.19 11.40
C ILE C 193 40.55 11.68 12.49
N ASP C 194 41.71 12.31 12.66
CA ASP C 194 42.69 11.92 13.69
C ASP C 194 42.03 12.05 15.07
N GLU C 195 41.35 13.17 15.35
CA GLU C 195 40.75 13.44 16.69
C GLU C 195 39.52 12.54 16.92
N LEU C 196 38.69 12.32 15.89
CA LEU C 196 37.50 11.45 16.01
C LEU C 196 37.90 10.03 16.34
N ALA C 197 39.10 9.59 15.91
CA ALA C 197 39.58 8.20 16.12
C ALA C 197 39.67 7.91 17.62
N ARG C 198 39.76 8.96 18.45
CA ARG C 198 40.05 8.80 19.90
C ARG C 198 38.86 9.25 20.74
N LEU C 199 37.73 9.55 20.13
CA LEU C 199 36.52 10.01 20.88
C LEU C 199 35.44 8.94 20.84
N PRO C 200 34.58 8.92 21.88
CA PRO C 200 33.43 8.05 21.89
C PRO C 200 32.30 8.53 20.98
N LEU C 201 31.48 7.57 20.55
CA LEU C 201 30.22 7.81 19.80
C LEU C 201 29.09 8.02 20.82
N GLU C 202 28.03 8.71 20.40
CA GLU C 202 26.84 9.00 21.26
C GLU C 202 26.05 7.72 21.49
N PHE C 203 26.10 6.78 20.54
CA PHE C 203 25.31 5.54 20.58
C PHE C 203 25.93 4.53 19.61
N SER C 204 25.51 3.29 19.74
CA SER C 204 25.96 2.19 18.87
C SER C 204 25.50 2.45 17.45
N PRO C 205 26.42 2.42 16.47
CA PRO C 205 26.09 2.82 15.11
C PRO C 205 24.79 2.21 14.58
N GLY C 206 23.93 3.05 14.02
CA GLY C 206 22.66 2.62 13.39
C GLY C 206 21.48 2.60 14.35
N THR C 207 21.68 2.79 15.65
CA THR C 207 20.59 2.57 16.65
C THR C 207 19.85 3.88 16.94
N ALA C 208 20.27 4.99 16.35
CA ALA C 208 19.59 6.30 16.50
C ALA C 208 20.06 7.23 15.40
N TRP C 209 19.55 8.45 15.40
CA TRP C 209 19.89 9.50 14.41
C TRP C 209 20.36 10.72 15.20
N ASN C 210 21.49 11.28 14.78
CA ASN C 210 22.01 12.51 15.43
C ASN C 210 22.78 13.29 14.37
N TYR C 211 22.34 14.50 14.11
CA TYR C 211 22.97 15.44 13.14
C TYR C 211 24.44 15.57 13.54
N SER C 212 25.36 15.54 12.59
CA SER C 212 26.77 15.26 12.92
C SER C 212 27.76 15.77 11.85
N VAL C 213 29.04 15.72 12.21
CA VAL C 213 30.20 15.90 11.33
C VAL C 213 30.33 14.75 10.32
N ALA C 214 29.38 13.82 10.27
CA ALA C 214 29.46 12.61 9.41
C ALA C 214 29.75 13.03 7.97
N THR C 215 29.12 14.09 7.53
CA THR C 215 29.19 14.53 6.13
C THR C 215 30.55 15.18 5.86
N ASP C 216 31.18 15.80 6.85
CA ASP C 216 32.60 16.26 6.73
C ASP C 216 33.48 15.04 6.52
N VAL C 217 33.12 13.93 7.18
CA VAL C 217 33.86 12.64 7.07
C VAL C 217 33.61 12.08 5.67
N CYS C 218 32.40 12.20 5.18
CA CYS C 218 32.07 11.82 3.79
C CYS C 218 33.00 12.59 2.84
N GLY C 219 33.18 13.88 3.04
CA GLY C 219 34.14 14.69 2.26
C GLY C 219 35.55 14.10 2.35
N TYR C 220 35.98 13.72 3.55
CA TYR C 220 37.29 13.07 3.75
C TYR C 220 37.36 11.81 2.87
N LEU C 221 36.28 11.03 2.81
CA LEU C 221 36.27 9.75 2.05
C LEU C 221 36.31 10.03 0.54
N VAL C 222 35.67 11.09 0.08
CA VAL C 222 35.73 11.51 -1.35
C VAL C 222 37.20 11.79 -1.71
N GLN C 223 37.93 12.49 -0.85
CA GLN C 223 39.37 12.82 -1.06
C GLN C 223 40.18 11.50 -1.10
N LEU C 224 40.01 10.67 -0.09
CA LEU C 224 40.69 9.36 0.03
C LEU C 224 40.43 8.53 -1.25
N LEU C 225 39.19 8.45 -1.73
CA LEU C 225 38.86 7.50 -2.83
C LEU C 225 39.22 8.12 -4.18
N SER C 226 39.05 9.43 -4.36
CA SER C 226 39.33 10.12 -5.65
C SER C 226 40.82 10.45 -5.78
N GLY C 227 41.54 10.59 -4.66
CA GLY C 227 42.90 11.15 -4.61
C GLY C 227 42.92 12.65 -4.89
N MET C 228 41.75 13.31 -4.91
CA MET C 228 41.65 14.78 -5.14
C MET C 228 41.30 15.48 -3.83
N SER C 229 41.62 16.77 -3.68
CA SER C 229 41.10 17.58 -2.56
C SER C 229 39.63 17.90 -2.89
N LEU C 230 38.79 18.04 -1.86
CA LEU C 230 37.31 18.06 -2.02
C LEU C 230 36.91 19.22 -2.93
N ASP C 231 37.59 20.37 -2.84
CA ASP C 231 37.30 21.56 -3.69
C ASP C 231 37.52 21.20 -5.16
N ASP C 232 38.60 20.48 -5.46
CA ASP C 232 38.92 20.06 -6.87
C ASP C 232 37.91 18.99 -7.31
N TYR C 233 37.54 18.04 -6.44
CA TYR C 233 36.58 16.96 -6.82
C TYR C 233 35.28 17.65 -7.21
N PHE C 234 34.76 18.48 -6.31
CA PHE C 234 33.48 19.21 -6.54
C PHE C 234 33.54 19.94 -7.87
N SER C 235 34.63 20.66 -8.08
CA SER C 235 34.77 21.57 -9.25
C SER C 235 34.73 20.72 -10.52
N LYS C 236 35.48 19.62 -10.53
CA LYS C 236 35.65 18.78 -11.74
C LYS C 236 34.39 17.96 -12.00
N HIS C 237 33.79 17.39 -10.96
CA HIS C 237 32.75 16.35 -11.12
C HIS C 237 31.34 16.91 -10.90
N ILE C 238 31.20 18.15 -10.41
CA ILE C 238 29.85 18.73 -10.18
C ILE C 238 29.74 20.13 -10.76
N PHE C 239 30.57 21.09 -10.34
CA PHE C 239 30.33 22.53 -10.61
C PHE C 239 30.62 22.85 -12.09
N GLN C 240 31.77 22.42 -12.63
CA GLN C 240 32.11 22.65 -14.06
C GLN C 240 31.05 22.00 -14.96
N PRO C 241 30.73 20.69 -14.81
CA PRO C 241 29.73 20.06 -15.65
C PRO C 241 28.34 20.71 -15.57
N LEU C 242 27.91 21.17 -14.39
CA LEU C 242 26.58 21.81 -14.25
C LEU C 242 26.60 23.30 -14.61
N GLY C 243 27.77 23.89 -14.85
CA GLY C 243 27.86 25.35 -15.12
C GLY C 243 27.56 26.15 -13.87
N MET C 244 28.24 25.83 -12.76
CA MET C 244 28.10 26.51 -11.43
C MET C 244 29.41 27.24 -11.11
N PRO C 245 29.63 28.45 -11.71
CA PRO C 245 30.91 29.13 -11.56
C PRO C 245 31.03 29.94 -10.26
N ASP C 246 29.93 30.00 -9.49
CA ASP C 246 29.78 30.91 -8.32
C ASP C 246 29.53 30.06 -7.07
N THR C 247 30.16 28.90 -6.99
CA THR C 247 30.06 27.98 -5.84
C THR C 247 31.47 27.55 -5.47
N PHE C 248 31.84 27.76 -4.21
CA PHE C 248 33.23 27.58 -3.74
C PHE C 248 33.28 27.59 -2.23
N PHE C 249 34.36 27.02 -1.69
CA PHE C 249 34.69 27.02 -0.25
C PHE C 249 35.31 28.36 0.15
N THR C 250 36.01 29.03 -0.78
CA THR C 250 36.64 30.36 -0.56
C THR C 250 36.07 31.33 -1.59
N VAL C 251 35.49 32.44 -1.14
CA VAL C 251 35.00 33.51 -2.05
C VAL C 251 36.23 34.22 -2.62
N PRO C 252 36.43 34.22 -3.95
CA PRO C 252 37.56 34.94 -4.54
C PRO C 252 37.43 36.44 -4.29
N ALA C 253 38.56 37.13 -4.15
CA ALA C 253 38.62 38.57 -3.84
C ALA C 253 37.72 39.37 -4.79
N GLU C 254 37.76 39.06 -6.10
CA GLU C 254 37.01 39.83 -7.14
C GLU C 254 35.50 39.58 -7.05
N LYS C 255 35.04 38.58 -6.27
CA LYS C 255 33.59 38.29 -6.12
C LYS C 255 33.09 38.70 -4.72
N LEU C 256 33.97 39.24 -3.89
CA LEU C 256 33.62 39.59 -2.50
C LEU C 256 32.56 40.70 -2.48
N SER C 257 32.53 41.56 -3.50
CA SER C 257 31.52 42.65 -3.59
C SER C 257 30.11 42.05 -3.64
N ARG C 258 29.97 40.80 -4.11
CA ARG C 258 28.65 40.14 -4.31
C ARG C 258 28.23 39.39 -3.05
N PHE C 259 29.12 39.25 -2.07
CA PHE C 259 28.95 38.37 -0.89
C PHE C 259 28.05 39.06 0.13
N ALA C 260 26.96 38.38 0.51
CA ALA C 260 25.99 38.87 1.50
C ALA C 260 26.66 38.89 2.88
N ALA C 261 26.20 39.79 3.74
CA ALA C 261 26.47 39.73 5.18
C ALA C 261 25.65 38.57 5.76
N CYS C 262 26.11 38.01 6.86
CA CYS C 262 25.32 37.06 7.67
C CYS C 262 24.87 37.74 8.96
N TYR C 263 23.60 37.56 9.28
CA TYR C 263 22.91 38.13 10.46
C TYR C 263 22.47 36.97 11.37
N GLU C 264 22.32 37.28 12.67
CA GLU C 264 21.83 36.33 13.68
C GLU C 264 20.65 36.96 14.41
N TYR C 265 19.78 36.11 14.92
CA TYR C 265 18.51 36.49 15.57
C TYR C 265 18.84 37.32 16.82
N GLN C 266 18.01 38.31 17.11
CA GLN C 266 18.03 39.10 18.38
C GLN C 266 16.61 39.19 18.90
N PRO C 267 16.40 39.16 20.25
CA PRO C 267 15.05 39.21 20.81
C PRO C 267 14.22 40.36 20.21
N GLY C 268 12.90 40.17 20.19
CA GLY C 268 11.96 41.10 19.51
C GLY C 268 11.93 40.90 18.01
N ASP C 269 12.30 39.72 17.53
CA ASP C 269 12.30 39.38 16.08
C ASP C 269 13.11 40.43 15.31
N SER C 270 14.34 40.64 15.74
CA SER C 270 15.32 41.56 15.13
C SER C 270 16.57 40.75 14.80
N PHE C 271 17.62 41.41 14.30
CA PHE C 271 18.88 40.72 13.94
C PHE C 271 20.06 41.67 14.11
N SER C 272 21.24 41.10 14.30
CA SER C 272 22.54 41.82 14.38
C SER C 272 23.51 41.18 13.39
N LEU C 273 24.53 41.94 12.99
CA LEU C 273 25.65 41.49 12.14
C LEU C 273 26.33 40.30 12.82
N GLN C 274 26.48 39.19 12.09
CA GLN C 274 27.19 37.98 12.57
C GLN C 274 28.48 37.77 11.76
N ASP C 275 28.46 38.08 10.47
CA ASP C 275 29.65 37.97 9.60
C ASP C 275 29.61 39.11 8.58
N ASP C 276 30.60 40.02 8.68
CA ASP C 276 30.90 41.05 7.66
C ASP C 276 31.54 40.35 6.46
N PRO C 277 30.97 40.52 5.24
CA PRO C 277 31.53 39.91 4.04
C PRO C 277 32.97 40.37 3.77
N GLN C 278 33.29 41.64 4.07
CA GLN C 278 34.68 42.17 4.02
C GLN C 278 35.36 41.74 5.33
N GLY C 279 36.38 40.89 5.23
CA GLY C 279 37.05 40.26 6.40
C GLY C 279 36.29 39.06 6.94
N SER C 280 35.63 38.28 6.08
CA SER C 280 35.02 36.98 6.46
C SER C 280 36.04 35.84 6.37
N ALA C 281 35.94 34.83 7.22
CA ALA C 281 36.66 33.55 7.14
C ALA C 281 36.40 32.85 5.79
N PHE C 282 35.22 33.06 5.21
CA PHE C 282 34.83 32.49 3.89
C PHE C 282 35.67 33.08 2.75
N ALA C 283 36.39 34.18 3.00
CA ALA C 283 37.24 34.87 1.98
C ALA C 283 38.70 34.43 2.10
N LYS C 284 39.04 33.65 3.12
CA LYS C 284 40.41 33.13 3.35
C LYS C 284 40.44 31.65 2.98
N ALA C 285 41.54 31.19 2.41
CA ALA C 285 41.77 29.78 2.04
C ALA C 285 42.40 29.07 3.25
N HIS C 286 41.63 28.91 4.32
CA HIS C 286 42.15 28.48 5.65
C HIS C 286 42.41 26.97 5.74
N GLY C 287 42.09 26.16 4.74
CA GLY C 287 42.59 24.76 4.69
C GLY C 287 41.69 23.73 5.36
N TYR C 288 40.53 24.12 5.89
CA TYR C 288 39.41 23.20 6.24
C TYR C 288 38.34 23.22 5.13
N LEU C 289 38.16 22.08 4.46
CA LEU C 289 37.10 21.93 3.40
C LEU C 289 35.96 21.11 3.99
N SER C 290 34.92 21.80 4.43
CA SER C 290 33.79 21.25 5.22
C SER C 290 32.72 20.74 4.26
N GLY C 291 32.70 19.44 3.99
CA GLY C 291 31.65 18.80 3.17
C GLY C 291 30.30 18.92 3.83
N GLY C 292 30.37 19.28 5.08
CA GLY C 292 29.17 19.47 5.90
C GLY C 292 28.58 20.86 5.77
N GLY C 293 29.40 21.93 5.77
CA GLY C 293 28.81 23.29 5.64
C GLY C 293 29.70 24.36 5.09
N GLY C 294 30.68 24.05 4.23
CA GLY C 294 31.71 25.04 3.86
C GLY C 294 31.32 25.95 2.71
N LEU C 295 30.34 25.58 1.87
CA LEU C 295 30.20 26.22 0.55
C LEU C 295 29.52 27.57 0.63
N VAL C 296 29.97 28.47 -0.23
CA VAL C 296 29.19 29.68 -0.61
C VAL C 296 28.68 29.43 -2.03
N SER C 297 27.43 29.81 -2.26
CA SER C 297 26.78 29.65 -3.59
C SER C 297 25.88 30.84 -3.84
N CYS C 298 25.17 30.80 -4.95
CA CYS C 298 24.12 31.75 -5.34
C CYS C 298 22.91 30.94 -5.81
N VAL C 299 21.80 31.60 -6.03
CA VAL C 299 20.52 30.93 -6.34
C VAL C 299 20.62 30.22 -7.70
N ASP C 300 21.30 30.81 -8.69
CA ASP C 300 21.40 30.20 -10.05
C ASP C 300 22.17 28.88 -9.93
N ASP C 301 23.33 28.91 -9.25
CA ASP C 301 24.17 27.71 -9.08
C ASP C 301 23.36 26.61 -8.36
N TYR C 302 22.72 26.93 -7.22
CA TYR C 302 22.01 25.89 -6.45
C TYR C 302 20.81 25.42 -7.27
N TYR C 303 20.19 26.33 -8.02
CA TYR C 303 19.05 26.00 -8.90
C TYR C 303 19.50 24.92 -9.90
N ARG C 304 20.67 25.10 -10.49
CA ARG C 304 21.16 24.18 -11.55
C ARG C 304 21.42 22.81 -10.93
N PHE C 305 21.95 22.79 -9.70
CA PHE C 305 22.16 21.55 -8.94
C PHE C 305 20.82 20.86 -8.69
N ALA C 306 19.88 21.59 -8.11
CA ALA C 306 18.52 21.08 -7.80
C ALA C 306 17.82 20.60 -9.07
N GLN C 307 17.87 21.39 -10.15
CA GLN C 307 17.20 21.05 -11.43
C GLN C 307 17.84 19.77 -11.98
N ALA C 308 19.17 19.64 -11.90
CA ALA C 308 19.83 18.39 -12.31
C ALA C 308 19.23 17.22 -11.51
N LEU C 309 19.03 17.37 -10.21
CA LEU C 309 18.48 16.26 -9.37
C LEU C 309 17.05 15.97 -9.81
N ALA C 310 16.24 17.01 -10.01
CA ALA C 310 14.82 16.92 -10.43
C ALA C 310 14.72 16.17 -11.76
N ASN C 311 15.77 16.25 -12.60
CA ASN C 311 15.78 15.63 -13.96
C ASN C 311 16.28 14.19 -13.88
N GLY C 312 16.60 13.67 -12.70
CA GLY C 312 17.20 12.34 -12.54
C GLY C 312 18.72 12.39 -12.72
N GLY C 313 19.34 13.56 -12.52
CA GLY C 313 20.80 13.67 -12.34
C GLY C 313 21.53 14.28 -13.52
N GLU C 314 20.79 14.86 -14.46
CA GLU C 314 21.33 15.36 -15.76
C GLU C 314 20.79 16.78 -15.95
N LEU C 315 21.61 17.68 -16.49
CA LEU C 315 21.16 19.02 -16.95
C LEU C 315 21.96 19.44 -18.19
N ASP C 316 21.27 19.76 -19.29
CA ASP C 316 21.89 20.29 -20.53
C ASP C 316 23.08 19.41 -20.94
N GLY C 317 22.88 18.10 -20.95
CA GLY C 317 23.88 17.12 -21.45
C GLY C 317 24.86 16.65 -20.39
N ALA C 318 24.91 17.27 -19.21
CA ALA C 318 25.89 16.91 -18.17
C ALA C 318 25.19 16.08 -17.09
N ARG C 319 25.75 14.92 -16.75
CA ARG C 319 25.18 14.02 -15.73
C ARG C 319 26.13 13.97 -14.52
N ILE C 320 25.62 14.27 -13.33
CA ILE C 320 26.39 14.25 -12.06
C ILE C 320 26.09 12.97 -11.27
N ILE C 321 24.96 12.31 -11.53
CA ILE C 321 24.63 11.02 -10.86
C ILE C 321 23.69 10.23 -11.75
N GLY C 322 23.71 8.91 -11.64
CA GLY C 322 22.73 8.02 -12.26
C GLY C 322 21.35 8.28 -11.70
N ARG C 323 20.33 8.23 -12.56
CA ARG C 323 18.88 8.33 -12.22
C ARG C 323 18.53 7.38 -11.06
N LYS C 324 19.07 6.16 -11.11
CA LYS C 324 18.69 5.07 -10.19
C LYS C 324 19.37 5.29 -8.83
N THR C 325 20.62 5.75 -8.88
CA THR C 325 21.44 6.02 -7.69
C THR C 325 20.73 7.12 -6.88
N LEU C 326 20.26 8.16 -7.57
CA LEU C 326 19.53 9.29 -6.96
C LEU C 326 18.23 8.79 -6.33
N GLU C 327 17.47 7.98 -7.07
CA GLU C 327 16.24 7.33 -6.56
C GLU C 327 16.57 6.67 -5.22
N PHE C 328 17.66 5.91 -5.18
CA PHE C 328 18.16 5.20 -3.98
C PHE C 328 18.47 6.20 -2.85
N MET C 329 19.13 7.32 -3.17
CA MET C 329 19.49 8.37 -2.18
C MET C 329 18.24 9.05 -1.62
N ARG C 330 17.16 9.09 -2.39
CA ARG C 330 15.88 9.79 -2.06
C ARG C 330 14.95 8.91 -1.24
N MET C 331 15.27 7.65 -1.11
CA MET C 331 14.42 6.75 -0.29
C MET C 331 14.65 7.11 1.18
N ASN C 332 13.66 6.82 2.03
CA ASN C 332 13.82 6.81 3.49
C ASN C 332 14.80 5.67 3.86
N HIS C 333 15.93 5.98 4.47
CA HIS C 333 16.95 4.97 4.88
C HIS C 333 16.90 4.68 6.38
N LEU C 334 15.92 5.25 7.06
CA LEU C 334 15.74 4.98 8.50
C LEU C 334 15.10 3.63 8.64
N PRO C 335 15.29 2.99 9.81
CA PRO C 335 14.76 1.65 10.06
C PRO C 335 13.23 1.66 10.00
N ASP C 336 12.67 0.65 9.32
CA ASP C 336 11.23 0.34 9.31
C ASP C 336 10.45 1.55 8.80
N ASN C 337 11.05 2.32 7.88
CA ASN C 337 10.41 3.50 7.26
C ASN C 337 9.88 4.45 8.35
N LYS C 338 10.59 4.57 9.48
CA LYS C 338 10.28 5.54 10.55
C LYS C 338 10.68 6.96 10.11
N GLY C 339 10.02 7.96 10.71
CA GLY C 339 10.36 9.38 10.59
C GLY C 339 11.42 9.81 11.59
N LEU C 340 12.04 10.96 11.34
CA LEU C 340 13.09 11.49 12.24
C LEU C 340 12.66 11.47 13.70
N PRO C 341 11.43 11.90 14.06
CA PRO C 341 11.04 11.97 15.47
C PRO C 341 11.08 10.60 16.18
N ASP C 342 10.96 9.51 15.45
CA ASP C 342 11.00 8.14 16.02
C ASP C 342 12.44 7.72 16.32
N VAL C 343 13.46 8.39 15.77
CA VAL C 343 14.87 7.90 15.91
C VAL C 343 15.82 9.01 16.38
N ALA C 344 15.46 10.28 16.17
CA ALA C 344 16.36 11.43 16.42
C ALA C 344 16.42 11.71 17.92
N ILE C 345 17.58 12.17 18.40
CA ILE C 345 17.84 12.38 19.86
C ILE C 345 17.87 13.89 20.15
N GLY C 346 17.78 14.76 19.13
CA GLY C 346 17.91 16.22 19.28
C GLY C 346 16.64 16.97 18.93
N SER C 347 16.79 18.17 18.37
CA SER C 347 15.70 19.08 17.91
C SER C 347 15.00 18.54 16.64
N PHE C 348 15.64 17.59 15.97
CA PHE C 348 15.11 16.91 14.75
C PHE C 348 14.04 15.90 15.15
N SER C 349 13.83 15.68 16.44
CA SER C 349 12.76 14.81 17.00
C SER C 349 11.49 15.64 17.23
N GLU C 350 11.49 16.94 16.94
CA GLU C 350 10.36 17.85 17.24
C GLU C 350 9.34 17.84 16.11
N THR C 351 8.16 18.40 16.39
CA THR C 351 6.89 18.35 15.61
C THR C 351 7.11 18.72 14.14
N PRO C 352 7.94 19.73 13.76
CA PRO C 352 8.19 20.03 12.35
C PRO C 352 8.86 18.96 11.48
N TYR C 353 9.37 17.88 12.08
CA TYR C 353 10.01 16.75 11.37
C TYR C 353 9.07 15.53 11.42
N ASP C 354 7.87 15.70 11.97
CA ASP C 354 6.82 14.65 11.99
C ASP C 354 6.48 14.30 10.53
N GLY C 355 6.49 13.01 10.21
CA GLY C 355 6.16 12.53 8.85
C GLY C 355 7.27 12.81 7.85
N THR C 356 8.51 13.06 8.31
CA THR C 356 9.69 13.25 7.44
C THR C 356 10.79 12.27 7.80
N GLY C 357 11.29 11.53 6.80
CA GLY C 357 12.40 10.58 6.98
C GLY C 357 13.71 11.18 6.49
N PHE C 358 14.71 10.35 6.25
CA PHE C 358 16.06 10.78 5.82
C PHE C 358 16.71 9.64 5.01
N GLY C 359 17.20 10.00 3.85
CA GLY C 359 17.99 9.11 2.96
C GLY C 359 19.45 9.48 3.03
N LEU C 360 20.10 9.47 1.88
CA LEU C 360 21.57 9.60 1.79
C LEU C 360 21.87 11.06 1.54
N GLY C 361 21.55 11.92 2.51
CA GLY C 361 21.85 13.36 2.44
C GLY C 361 20.63 14.20 2.11
N PHE C 362 19.44 13.61 2.05
CA PHE C 362 18.17 14.36 1.87
C PHE C 362 17.16 13.93 2.93
N SER C 363 16.34 14.85 3.41
CA SER C 363 15.09 14.53 4.15
C SER C 363 14.08 14.04 3.12
N VAL C 364 13.14 13.21 3.51
CA VAL C 364 12.07 12.68 2.60
C VAL C 364 10.74 12.83 3.29
N LYS C 365 9.78 13.53 2.69
CA LYS C 365 8.42 13.58 3.25
C LYS C 365 7.77 12.20 3.09
N LEU C 366 7.33 11.61 4.20
CA LEU C 366 6.67 10.26 4.23
C LEU C 366 5.16 10.41 4.29
N ASP C 367 4.66 11.44 4.99
CA ASP C 367 3.23 11.50 5.43
C ASP C 367 2.85 12.97 5.49
N VAL C 368 2.09 13.45 4.50
CA VAL C 368 1.85 14.91 4.32
C VAL C 368 1.00 15.42 5.49
N ALA C 369 -0.12 14.76 5.79
CA ALA C 369 -1.06 15.21 6.86
C ALA C 369 -0.29 15.29 8.17
N LYS C 370 0.54 14.30 8.45
CA LYS C 370 1.29 14.22 9.72
C LYS C 370 2.29 15.40 9.81
N SER C 371 2.89 15.80 8.69
CA SER C 371 3.82 16.96 8.63
C SER C 371 3.06 18.27 8.93
N GLN C 372 1.75 18.29 8.69
CA GLN C 372 0.85 19.45 8.90
C GLN C 372 1.20 20.55 7.89
N THR C 373 1.98 20.23 6.86
CA THR C 373 2.45 21.19 5.84
C THR C 373 2.15 20.64 4.44
N VAL C 374 1.48 21.45 3.61
CA VAL C 374 1.11 21.03 2.23
C VAL C 374 2.37 20.60 1.49
N GLY C 375 2.21 19.59 0.63
CA GLY C 375 3.31 19.04 -0.17
C GLY C 375 2.94 17.65 -0.67
N SER C 376 3.95 16.95 -1.17
CA SER C 376 3.79 15.58 -1.70
C SER C 376 4.69 14.62 -0.92
N VAL C 377 4.25 13.39 -0.78
CA VAL C 377 5.10 12.25 -0.39
C VAL C 377 6.30 12.24 -1.34
N GLY C 378 7.50 12.11 -0.79
CA GLY C 378 8.77 12.04 -1.54
C GLY C 378 9.45 13.40 -1.66
N GLU C 379 8.80 14.48 -1.23
CA GLU C 379 9.46 15.82 -1.22
C GLU C 379 10.83 15.66 -0.56
N TYR C 380 11.89 16.09 -1.21
CA TYR C 380 13.27 15.90 -0.66
C TYR C 380 14.06 17.19 -0.79
N GLY C 381 14.99 17.36 0.13
CA GLY C 381 15.88 18.52 0.17
C GLY C 381 16.58 18.62 1.52
N TRP C 382 17.09 19.80 1.80
CA TRP C 382 17.75 20.09 3.09
C TRP C 382 17.86 21.59 3.20
N GLY C 383 18.43 22.07 4.31
CA GLY C 383 18.52 23.51 4.61
C GLY C 383 19.89 23.86 5.12
N GLY C 384 20.10 25.16 5.34
CA GLY C 384 21.35 25.67 5.94
C GLY C 384 21.06 26.41 7.24
N MET C 385 22.05 26.43 8.12
CA MET C 385 22.01 27.06 9.46
C MET C 385 21.56 28.52 9.37
N ALA C 386 21.81 29.20 8.25
CA ALA C 386 21.48 30.63 8.05
C ALA C 386 20.13 30.77 7.35
N SER C 387 19.31 29.72 7.37
CA SER C 387 17.87 29.71 6.96
C SER C 387 17.73 29.61 5.44
N THR C 388 18.78 29.19 4.75
CA THR C 388 18.69 28.77 3.33
C THR C 388 17.90 27.46 3.29
N ASN C 389 17.16 27.24 2.21
CA ASN C 389 16.31 26.03 2.11
C ASN C 389 16.10 25.71 0.64
N PHE C 390 16.04 24.42 0.32
CA PHE C 390 15.59 23.98 -1.02
C PHE C 390 14.78 22.70 -0.86
N PHE C 391 13.84 22.48 -1.78
CA PHE C 391 13.15 21.17 -1.89
C PHE C 391 12.86 20.89 -3.36
N ILE C 392 12.74 19.59 -3.65
CA ILE C 392 12.28 19.03 -4.95
C ILE C 392 11.09 18.13 -4.62
N ASP C 393 9.96 18.41 -5.25
CA ASP C 393 8.75 17.56 -5.17
C ASP C 393 8.71 16.72 -6.45
N PRO C 394 9.05 15.41 -6.39
CA PRO C 394 9.12 14.60 -7.60
C PRO C 394 7.72 14.26 -8.15
N GLU C 395 6.67 14.35 -7.33
CA GLU C 395 5.28 14.11 -7.76
C GLU C 395 4.81 15.30 -8.63
N GLU C 396 5.19 16.52 -8.25
CA GLU C 396 4.71 17.75 -8.94
C GLU C 396 5.76 18.28 -9.93
N ASP C 397 6.97 17.71 -9.95
CA ASP C 397 8.12 18.16 -10.80
C ASP C 397 8.41 19.62 -10.48
N LEU C 398 8.43 19.94 -9.20
CA LEU C 398 8.45 21.33 -8.68
C LEU C 398 9.64 21.46 -7.74
N LEU C 399 10.32 22.61 -7.74
CA LEU C 399 11.41 22.83 -6.77
C LEU C 399 11.45 24.30 -6.37
N MET C 400 12.03 24.54 -5.20
CA MET C 400 12.26 25.89 -4.66
C MET C 400 13.69 25.98 -4.16
N VAL C 401 14.33 27.12 -4.40
CA VAL C 401 15.59 27.51 -3.71
C VAL C 401 15.34 28.84 -3.02
N PHE C 402 15.53 28.87 -1.71
CA PHE C 402 15.32 30.07 -0.87
C PHE C 402 16.62 30.40 -0.16
N MET C 403 17.07 31.64 -0.34
CA MET C 403 18.32 32.15 0.28
C MET C 403 17.97 33.38 1.13
N THR C 404 18.47 33.34 2.35
CA THR C 404 18.58 34.49 3.27
C THR C 404 19.79 34.20 4.14
N GLN C 405 20.18 35.14 5.00
CA GLN C 405 21.29 34.90 5.97
C GLN C 405 20.78 35.35 7.34
N LEU C 406 20.16 34.41 8.07
CA LEU C 406 19.65 34.59 9.45
C LEU C 406 19.90 33.28 10.19
N ILE C 407 20.93 33.28 11.03
CA ILE C 407 21.24 32.17 11.99
C ILE C 407 20.42 32.41 13.25
N PRO C 408 19.82 31.36 13.87
CA PRO C 408 19.75 30.01 13.30
C PRO C 408 18.49 29.73 12.46
N SER C 409 18.51 28.63 11.70
CA SER C 409 17.43 28.24 10.76
C SER C 409 16.17 27.83 11.51
N SER C 410 16.29 27.49 12.80
CA SER C 410 15.16 27.15 13.70
C SER C 410 14.33 28.40 14.05
N THR C 411 14.80 29.61 13.76
CA THR C 411 14.13 30.86 14.22
C THR C 411 12.71 30.93 13.63
N TYR C 412 12.57 30.90 12.31
CA TYR C 412 11.26 31.16 11.63
C TYR C 412 10.85 29.95 10.77
N ALA C 413 9.55 29.84 10.49
CA ALA C 413 8.96 28.78 9.65
C ALA C 413 8.68 29.31 8.24
N VAL C 414 9.49 30.24 7.77
CA VAL C 414 9.35 30.85 6.41
C VAL C 414 9.38 29.74 5.35
N ARG C 415 10.17 28.69 5.53
CA ARG C 415 10.28 27.61 4.51
C ARG C 415 8.91 26.92 4.35
N GLN C 416 8.13 26.86 5.42
CA GLN C 416 6.77 26.23 5.44
C GLN C 416 5.77 27.21 4.83
N GLU C 417 5.87 28.50 5.12
CA GLU C 417 4.98 29.52 4.53
C GLU C 417 5.20 29.54 3.02
N LEU C 418 6.46 29.39 2.58
CA LEU C 418 6.77 29.41 1.13
C LEU C 418 6.14 28.18 0.47
N ARG C 419 6.19 27.02 1.12
CA ARG C 419 5.56 25.77 0.60
C ARG C 419 4.05 26.02 0.46
N ALA C 420 3.43 26.67 1.45
CA ALA C 420 1.98 26.97 1.44
C ALA C 420 1.66 27.77 0.18
N ILE C 421 2.47 28.79 -0.10
CA ILE C 421 2.20 29.73 -1.22
C ILE C 421 2.47 29.01 -2.53
N ILE C 422 3.60 28.30 -2.61
CA ILE C 422 4.04 27.66 -3.87
C ILE C 422 3.03 26.57 -4.25
N ASN C 423 2.66 25.72 -3.28
CA ASN C 423 1.68 24.64 -3.51
C ASN C 423 0.33 25.27 -3.88
N GLY C 424 -0.02 26.39 -3.26
CA GLY C 424 -1.29 27.09 -3.51
C GLY C 424 -1.35 27.64 -4.93
N ALA C 425 -0.21 27.74 -5.63
CA ALA C 425 -0.17 28.34 -6.98
C ALA C 425 -0.35 27.25 -8.05
N LEU C 426 -0.40 25.98 -7.65
CA LEU C 426 -0.64 24.87 -8.63
C LEU C 426 -2.09 24.94 -9.07
N VAL C 427 -2.35 25.15 -10.35
CA VAL C 427 -3.73 25.32 -10.90
C VAL C 427 -4.00 24.34 -12.04
N ASP C 428 -3.22 23.27 -12.10
CA ASP C 428 -3.55 22.00 -12.83
C ASP C 428 -4.96 21.52 -12.51
N ASN D 28 -31.42 5.47 -21.11
CA ASN D 28 -31.20 6.95 -21.03
C ASN D 28 -30.02 7.24 -20.08
N ILE D 29 -28.85 7.54 -20.65
CA ILE D 29 -27.56 7.59 -19.90
C ILE D 29 -26.94 8.98 -20.07
N ILE D 30 -26.52 9.59 -18.98
CA ILE D 30 -25.70 10.83 -19.00
C ILE D 30 -24.49 10.58 -18.11
N ALA D 31 -23.29 10.86 -18.62
CA ALA D 31 -22.03 10.80 -17.86
C ALA D 31 -21.92 9.46 -17.11
N GLY D 32 -22.28 8.36 -17.78
CA GLY D 32 -22.15 6.98 -17.26
C GLY D 32 -23.13 6.67 -16.15
N MET D 33 -24.16 7.50 -16.00
CA MET D 33 -25.25 7.33 -15.02
C MET D 33 -26.53 6.99 -15.77
N ASP D 34 -27.26 5.98 -15.29
CA ASP D 34 -28.58 5.61 -15.85
C ASP D 34 -29.65 6.49 -15.19
N LEU D 35 -30.32 7.32 -15.97
CA LEU D 35 -31.32 8.30 -15.46
C LEU D 35 -32.55 7.57 -14.92
N ASN D 36 -32.93 6.46 -15.56
CA ASN D 36 -34.07 5.60 -15.12
C ASN D 36 -33.77 5.10 -13.70
N ARG D 37 -32.52 4.71 -13.46
CA ARG D 37 -32.10 4.23 -12.11
C ARG D 37 -32.16 5.40 -11.13
N LEU D 38 -31.81 6.60 -11.56
CA LEU D 38 -31.81 7.78 -10.65
C LEU D 38 -33.24 8.18 -10.29
N ASP D 39 -34.24 7.88 -11.13
CA ASP D 39 -35.65 8.17 -10.80
C ASP D 39 -36.05 7.43 -9.53
N ARG D 40 -35.33 6.34 -9.18
CA ARG D 40 -35.51 5.63 -7.88
C ARG D 40 -35.35 6.59 -6.69
N ILE D 41 -34.61 7.69 -6.84
CA ILE D 41 -34.46 8.72 -5.76
C ILE D 41 -35.84 9.27 -5.40
N ALA D 42 -36.54 9.86 -6.37
CA ALA D 42 -37.88 10.46 -6.17
C ALA D 42 -38.83 9.41 -5.57
N GLU D 43 -38.84 8.21 -6.16
CA GLU D 43 -39.75 7.10 -5.78
C GLU D 43 -39.49 6.75 -4.32
N HIS D 44 -38.21 6.66 -3.95
CA HIS D 44 -37.78 6.27 -2.58
C HIS D 44 -38.18 7.39 -1.59
N LEU D 45 -37.90 8.65 -1.91
CA LEU D 45 -38.18 9.77 -0.97
C LEU D 45 -39.70 9.87 -0.76
N ASP D 46 -40.48 9.70 -1.84
CA ASP D 46 -41.97 9.69 -1.79
C ASP D 46 -42.44 8.58 -0.83
N ARG D 47 -42.04 7.35 -1.12
CA ARG D 47 -42.60 6.14 -0.49
C ARG D 47 -42.14 6.05 0.96
N ALA D 48 -40.91 6.46 1.27
CA ALA D 48 -40.26 6.19 2.58
C ALA D 48 -40.35 7.40 3.53
N TYR D 49 -40.50 8.62 3.01
CA TYR D 49 -40.40 9.86 3.83
C TYR D 49 -41.60 10.80 3.63
N LEU D 50 -41.96 11.11 2.39
CA LEU D 50 -42.93 12.20 2.11
C LEU D 50 -44.37 11.72 2.32
N HIS D 51 -44.76 10.64 1.65
CA HIS D 51 -46.14 10.07 1.73
C HIS D 51 -46.44 9.69 3.18
N PRO D 52 -45.54 9.01 3.92
CA PRO D 52 -45.78 8.74 5.35
C PRO D 52 -45.59 9.93 6.32
N GLY D 53 -45.19 11.11 5.85
CA GLY D 53 -45.10 12.33 6.70
C GLY D 53 -43.90 12.32 7.64
N LYS D 54 -42.77 11.79 7.21
CA LYS D 54 -41.49 11.83 7.99
C LYS D 54 -40.69 13.09 7.66
N LEU D 55 -40.74 13.56 6.41
CA LEU D 55 -40.10 14.83 5.96
C LEU D 55 -41.17 15.70 5.29
N ALA D 56 -41.00 17.02 5.35
CA ALA D 56 -41.89 18.02 4.73
C ALA D 56 -41.69 18.00 3.21
N GLY D 57 -40.43 18.08 2.80
CA GLY D 57 -40.05 18.18 1.40
C GLY D 57 -38.55 18.09 1.23
N THR D 58 -38.13 17.79 0.00
CA THR D 58 -36.73 17.49 -0.35
C THR D 58 -36.37 18.21 -1.65
N MET D 59 -35.10 18.58 -1.77
CA MET D 59 -34.46 19.01 -3.04
C MET D 59 -33.20 18.16 -3.22
N THR D 60 -33.12 17.36 -4.27
CA THR D 60 -31.99 16.42 -4.50
C THR D 60 -31.33 16.74 -5.85
N LEU D 61 -30.02 16.95 -5.84
CA LEU D 61 -29.22 17.17 -7.07
C LEU D 61 -28.08 16.16 -7.10
N VAL D 62 -27.84 15.56 -8.26
CA VAL D 62 -26.71 14.63 -8.50
C VAL D 62 -25.98 15.12 -9.74
N ALA D 63 -24.66 15.15 -9.71
CA ALA D 63 -23.81 15.53 -10.87
C ALA D 63 -22.66 14.57 -10.99
N ARG D 64 -22.24 14.29 -12.22
CA ARG D 64 -21.05 13.50 -12.52
C ARG D 64 -20.31 14.13 -13.70
N ARG D 65 -19.00 14.27 -13.58
CA ARG D 65 -18.10 14.79 -14.65
C ARG D 65 -18.57 16.18 -15.10
N GLY D 66 -19.04 17.00 -14.16
CA GLY D 66 -19.47 18.39 -14.42
C GLY D 66 -20.86 18.51 -15.04
N GLU D 67 -21.57 17.40 -15.24
CA GLU D 67 -22.95 17.42 -15.78
C GLU D 67 -23.93 17.11 -14.64
N VAL D 68 -24.96 17.95 -14.48
CA VAL D 68 -26.11 17.67 -13.57
C VAL D 68 -26.92 16.55 -14.21
N VAL D 69 -27.03 15.42 -13.54
CA VAL D 69 -27.74 14.25 -14.13
C VAL D 69 -29.09 14.08 -13.45
N TYR D 70 -29.33 14.75 -12.32
CA TYR D 70 -30.59 14.60 -11.55
C TYR D 70 -30.80 15.86 -10.74
N CYS D 71 -32.05 16.33 -10.74
CA CYS D 71 -32.48 17.56 -10.04
C CYS D 71 -33.99 17.48 -9.84
N GLN D 72 -34.44 17.28 -8.60
CA GLN D 72 -35.87 17.02 -8.31
C GLN D 72 -36.25 17.67 -6.99
N ALA D 73 -37.22 18.59 -7.05
CA ALA D 73 -37.93 19.12 -5.86
C ALA D 73 -39.13 18.21 -5.63
N GLN D 74 -39.42 17.92 -4.36
CA GLN D 74 -40.56 17.05 -3.97
C GLN D 74 -41.17 17.63 -2.69
N GLY D 75 -42.49 17.51 -2.55
CA GLY D 75 -43.21 17.87 -1.33
C GLY D 75 -43.16 19.36 -1.08
N LEU D 76 -43.17 19.75 0.21
CA LEU D 76 -43.50 21.12 0.64
C LEU D 76 -42.31 21.74 1.37
N ARG D 77 -42.02 23.00 1.07
CA ARG D 77 -41.03 23.81 1.82
C ARG D 77 -41.70 24.39 3.07
N ASP D 78 -43.02 24.60 3.02
CA ASP D 78 -43.81 25.19 4.12
C ASP D 78 -45.18 24.49 4.16
N VAL D 79 -45.34 23.54 5.09
CA VAL D 79 -46.55 22.67 5.18
C VAL D 79 -47.76 23.53 5.58
N GLU D 80 -47.57 24.42 6.56
CA GLU D 80 -48.63 25.30 7.12
C GLU D 80 -49.23 26.13 5.98
N ARG D 81 -48.38 26.70 5.12
CA ARG D 81 -48.81 27.57 3.99
C ARG D 81 -49.01 26.74 2.71
N GLN D 82 -48.79 25.43 2.74
CA GLN D 82 -48.98 24.53 1.56
C GLN D 82 -48.13 25.03 0.37
N LEU D 83 -46.91 25.52 0.65
CA LEU D 83 -45.97 25.99 -0.40
C LEU D 83 -45.02 24.86 -0.81
N PRO D 84 -44.88 24.59 -2.13
CA PRO D 84 -44.06 23.48 -2.59
C PRO D 84 -42.56 23.81 -2.54
N VAL D 85 -41.74 22.77 -2.41
CA VAL D 85 -40.27 22.88 -2.65
C VAL D 85 -40.12 23.21 -4.14
N GLU D 86 -39.32 24.23 -4.43
CA GLU D 86 -38.92 24.59 -5.82
C GLU D 86 -37.39 24.49 -5.90
N ARG D 87 -36.86 24.45 -7.11
CA ARG D 87 -35.41 24.43 -7.37
C ARG D 87 -34.73 25.56 -6.59
N ASP D 88 -35.41 26.72 -6.49
CA ASP D 88 -34.81 27.96 -5.91
C ASP D 88 -35.17 28.09 -4.41
N THR D 89 -35.78 27.10 -3.79
CA THR D 89 -36.10 27.16 -2.35
C THR D 89 -34.79 27.35 -1.56
N LEU D 90 -34.84 28.19 -0.53
CA LEU D 90 -33.71 28.47 0.37
C LEU D 90 -33.81 27.57 1.60
N PHE D 91 -32.68 27.03 2.04
CA PHE D 91 -32.58 26.04 3.14
C PHE D 91 -31.53 26.51 4.15
N ARG D 92 -31.80 26.25 5.42
CA ARG D 92 -30.76 26.34 6.48
C ARG D 92 -29.80 25.16 6.28
N ILE D 93 -28.56 25.38 5.89
CA ILE D 93 -27.60 24.24 5.58
C ILE D 93 -26.80 23.91 6.82
N TYR D 94 -26.87 24.82 7.75
CA TYR D 94 -26.22 24.56 9.06
C TYR D 94 -24.74 24.22 8.86
N SER D 95 -24.29 23.06 9.36
CA SER D 95 -22.84 22.71 9.42
C SER D 95 -22.28 22.44 8.02
N MET D 96 -23.10 22.43 6.98
CA MET D 96 -22.59 22.52 5.58
C MET D 96 -22.01 23.92 5.34
N THR D 97 -22.11 24.81 6.34
CA THR D 97 -21.33 26.07 6.38
C THR D 97 -19.84 25.78 6.61
N LYS D 98 -19.54 24.72 7.36
CA LYS D 98 -18.17 24.46 7.88
C LYS D 98 -17.16 24.33 6.75
N PRO D 99 -17.47 23.57 5.68
CA PRO D 99 -16.51 23.44 4.58
C PRO D 99 -16.24 24.79 3.93
N ILE D 100 -17.24 25.67 3.92
CA ILE D 100 -17.10 27.03 3.31
C ILE D 100 -16.12 27.85 4.14
N THR D 101 -16.33 27.87 5.45
CA THR D 101 -15.41 28.54 6.42
C THR D 101 -14.00 27.97 6.27
N SER D 102 -13.90 26.66 6.11
CA SER D 102 -12.63 25.90 6.05
C SER D 102 -11.87 26.33 4.79
N ILE D 103 -12.58 26.44 3.67
CA ILE D 103 -12.00 26.96 2.40
C ILE D 103 -11.54 28.40 2.63
N ALA D 104 -12.38 29.25 3.24
CA ALA D 104 -12.06 30.67 3.50
C ALA D 104 -10.73 30.76 4.24
N LEU D 105 -10.56 29.99 5.31
CA LEU D 105 -9.33 30.04 6.12
C LEU D 105 -8.14 29.50 5.32
N MET D 106 -8.33 28.43 4.54
CA MET D 106 -7.20 27.86 3.77
C MET D 106 -6.84 28.77 2.59
N GLN D 107 -7.73 29.68 2.16
CA GLN D 107 -7.34 30.73 1.17
C GLN D 107 -6.22 31.56 1.76
N LEU D 108 -6.31 31.87 3.05
CA LEU D 108 -5.32 32.72 3.78
C LEU D 108 -4.03 31.91 4.04
N TYR D 109 -4.15 30.61 4.25
CA TYR D 109 -3.00 29.68 4.36
C TYR D 109 -2.16 29.79 3.07
N GLU D 110 -2.84 29.76 1.93
CA GLU D 110 -2.23 29.91 0.58
C GLU D 110 -1.48 31.23 0.41
N GLN D 111 -1.74 32.20 1.27
CA GLN D 111 -1.14 33.56 1.20
C GLN D 111 -0.03 33.70 2.23
N GLY D 112 0.26 32.64 2.99
CA GLY D 112 1.37 32.65 3.96
C GLY D 112 0.96 33.25 5.29
N ARG D 113 -0.34 33.39 5.56
CA ARG D 113 -0.86 34.21 6.69
C ARG D 113 -0.74 33.45 8.03
N PHE D 114 -0.75 32.13 8.01
CA PHE D 114 -0.55 31.27 9.22
C PHE D 114 -0.06 29.89 8.79
N LEU D 115 0.38 29.09 9.75
CA LEU D 115 0.68 27.65 9.54
C LEU D 115 -0.21 26.80 10.45
N LEU D 116 -0.52 25.58 10.02
CA LEU D 116 -1.47 24.70 10.73
C LEU D 116 -0.89 24.31 12.09
N ASP D 117 0.43 24.24 12.22
CA ASP D 117 1.08 23.77 13.46
C ASP D 117 1.39 24.96 14.38
N GLU D 118 0.92 26.15 14.05
CA GLU D 118 1.06 27.33 14.93
C GLU D 118 0.02 27.25 16.05
N PRO D 119 0.38 27.66 17.28
CA PRO D 119 -0.57 27.71 18.38
C PRO D 119 -1.67 28.74 18.06
N VAL D 120 -2.90 28.43 18.39
CA VAL D 120 -4.05 29.38 18.25
C VAL D 120 -3.70 30.66 19.01
N HIS D 121 -2.98 30.56 20.13
CA HIS D 121 -2.79 31.71 21.04
C HIS D 121 -1.86 32.75 20.38
N LYS D 122 -1.12 32.36 19.34
CA LYS D 122 -0.35 33.35 18.56
C LYS D 122 -1.31 34.42 18.04
N TYR D 123 -2.51 34.02 17.60
CA TYR D 123 -3.51 34.92 16.98
C TYR D 123 -4.56 35.36 18.00
N ILE D 124 -4.76 34.54 19.03
CA ILE D 124 -5.74 34.84 20.13
C ILE D 124 -4.99 34.74 21.45
N PRO D 125 -4.24 35.78 21.86
CA PRO D 125 -3.29 35.66 22.97
C PRO D 125 -3.92 35.35 24.34
N THR D 126 -5.20 35.69 24.50
CA THR D 126 -5.99 35.41 25.73
C THR D 126 -6.18 33.90 25.91
N TRP D 127 -5.89 33.09 24.87
CA TRP D 127 -6.09 31.62 24.89
C TRP D 127 -4.83 30.89 25.29
N LYS D 128 -3.76 31.59 25.64
CA LYS D 128 -2.42 31.00 25.89
C LYS D 128 -2.51 30.02 27.06
N ASN D 129 -3.35 30.32 28.06
CA ASN D 129 -3.38 29.54 29.33
C ASN D 129 -4.66 28.70 29.42
N LEU D 130 -5.26 28.32 28.30
CA LEU D 130 -6.37 27.33 28.29
C LEU D 130 -5.89 26.05 28.98
N ARG D 131 -6.73 25.50 29.85
CA ARG D 131 -6.40 24.26 30.59
C ARG D 131 -7.51 23.23 30.32
N VAL D 132 -7.28 22.00 30.76
CA VAL D 132 -8.14 20.82 30.49
C VAL D 132 -9.04 20.58 31.71
N TYR D 133 -10.33 20.35 31.46
CA TYR D 133 -11.36 20.04 32.49
C TYR D 133 -10.85 18.87 33.34
N LYS D 134 -10.86 19.02 34.66
CA LYS D 134 -10.63 17.89 35.60
C LYS D 134 -11.94 17.58 36.32
N THR D 135 -12.54 18.57 36.96
CA THR D 135 -13.78 18.36 37.74
C THR D 135 -14.40 19.70 38.11
N GLY D 136 -15.63 19.66 38.61
CA GLY D 136 -16.36 20.83 39.13
C GLY D 136 -17.41 21.29 38.14
N SER D 137 -18.37 22.07 38.64
CA SER D 137 -19.41 22.76 37.86
C SER D 137 -19.00 24.21 37.67
N HIS D 138 -19.30 24.75 36.49
CA HIS D 138 -19.22 26.20 36.19
C HIS D 138 -19.94 26.98 37.28
N PRO D 139 -19.36 28.05 37.88
CA PRO D 139 -18.10 28.64 37.45
C PRO D 139 -16.85 28.25 38.26
N GLN D 140 -16.84 27.07 38.88
CA GLN D 140 -15.73 26.63 39.77
C GLN D 140 -15.14 25.33 39.25
N MET D 141 -14.77 25.33 37.98
CA MET D 141 -14.20 24.16 37.29
C MET D 141 -12.70 24.12 37.55
N LEU D 142 -12.21 22.98 38.04
CA LEU D 142 -10.76 22.72 38.23
C LEU D 142 -10.22 22.11 36.94
N THR D 143 -8.95 22.39 36.64
CA THR D 143 -8.33 22.13 35.32
C THR D 143 -6.90 21.61 35.50
N THR D 144 -6.38 20.95 34.47
CA THR D 144 -4.97 20.47 34.41
C THR D 144 -4.27 21.08 33.20
N ALA D 145 -2.94 21.20 33.26
CA ALA D 145 -2.11 21.74 32.16
C ALA D 145 -2.21 20.81 30.96
N PRO D 146 -2.48 21.35 29.74
CA PRO D 146 -2.50 20.53 28.52
C PRO D 146 -1.07 20.10 28.17
N GLN D 147 -0.91 18.97 27.47
CA GLN D 147 0.43 18.47 27.04
C GLN D 147 1.05 19.49 26.09
N ARG D 148 0.24 20.10 25.22
CA ARG D 148 0.73 21.17 24.31
C ARG D 148 -0.42 22.14 24.07
N PRO D 149 -0.12 23.40 23.68
CA PRO D 149 -1.17 24.34 23.31
C PRO D 149 -1.92 23.90 22.03
N MET D 150 -3.18 24.29 21.98
CA MET D 150 -4.08 24.14 20.82
C MET D 150 -3.42 24.75 19.57
N THR D 151 -3.58 24.10 18.41
CA THR D 151 -3.09 24.61 17.10
C THR D 151 -4.26 24.91 16.17
N ILE D 152 -3.98 25.57 15.05
CA ILE D 152 -4.99 25.88 14.01
C ILE D 152 -5.46 24.56 13.41
N ARG D 153 -4.55 23.60 13.19
CA ARG D 153 -4.91 22.26 12.67
C ARG D 153 -5.92 21.62 13.61
N ASP D 154 -5.73 21.74 14.94
CA ASP D 154 -6.72 21.23 15.93
C ASP D 154 -8.08 21.87 15.68
N LEU D 155 -8.14 23.17 15.40
CA LEU D 155 -9.45 23.85 15.17
C LEU D 155 -10.07 23.30 13.89
N LEU D 156 -9.28 23.19 12.84
CA LEU D 156 -9.83 22.76 11.53
C LEU D 156 -10.29 21.30 11.57
N THR D 157 -9.80 20.51 12.54
CA THR D 157 -10.08 19.05 12.58
C THR D 157 -10.98 18.68 13.75
N HIS D 158 -11.43 19.63 14.56
CA HIS D 158 -12.24 19.40 15.77
C HIS D 158 -11.45 18.50 16.75
N GLN D 159 -10.14 18.71 16.85
CA GLN D 159 -9.28 18.00 17.82
C GLN D 159 -8.77 18.98 18.90
N SER D 160 -9.34 20.17 18.98
CA SER D 160 -8.86 21.29 19.85
C SER D 160 -9.25 21.06 21.32
N GLY D 161 -10.32 20.33 21.59
CA GLY D 161 -10.85 20.17 22.96
C GLY D 161 -12.06 21.06 23.20
N LEU D 162 -12.39 21.93 22.23
CA LEU D 162 -13.64 22.74 22.33
C LEU D 162 -14.83 21.80 22.18
N THR D 163 -16.01 22.28 22.48
CA THR D 163 -17.22 21.44 22.32
C THR D 163 -18.36 22.30 21.79
N TYR D 164 -19.59 21.82 22.01
CA TYR D 164 -20.86 22.47 21.65
C TYR D 164 -21.85 22.32 22.80
N GLY D 165 -22.58 23.39 23.11
CA GLY D 165 -23.66 23.37 24.11
C GLY D 165 -24.58 22.18 23.90
N PHE D 166 -25.01 21.96 22.66
CA PHE D 166 -26.05 20.93 22.34
C PHE D 166 -25.52 19.51 22.59
N MET D 167 -24.23 19.30 22.84
CA MET D 167 -23.71 17.92 23.08
C MET D 167 -24.45 17.31 24.27
N ASN D 168 -24.66 18.07 25.35
CA ASN D 168 -25.45 17.64 26.53
C ASN D 168 -24.80 16.39 27.15
N ARG D 169 -23.48 16.36 27.25
CA ARG D 169 -22.73 15.17 27.74
C ARG D 169 -21.85 15.49 28.94
N THR D 170 -21.32 16.71 29.06
CA THR D 170 -20.33 17.08 30.10
C THR D 170 -20.65 18.41 30.75
N ASN D 171 -19.98 18.67 31.87
CA ASN D 171 -20.07 19.93 32.64
C ASN D 171 -19.51 21.07 31.78
N VAL D 172 -18.61 20.78 30.84
CA VAL D 172 -18.07 21.83 29.93
C VAL D 172 -19.20 22.27 28.98
N ASP D 173 -19.92 21.35 28.36
CA ASP D 173 -21.02 21.75 27.45
C ASP D 173 -22.18 22.32 28.25
N ALA D 174 -22.36 21.97 29.53
CA ALA D 174 -23.34 22.61 30.46
C ALA D 174 -23.00 24.10 30.59
N ALA D 175 -21.71 24.40 30.76
CA ALA D 175 -21.21 25.79 30.86
C ALA D 175 -21.47 26.53 29.54
N TYR D 176 -21.27 25.90 28.38
CA TYR D 176 -21.56 26.53 27.07
C TYR D 176 -23.05 26.93 27.04
N ARG D 177 -23.94 26.03 27.46
CA ARG D 177 -25.41 26.26 27.41
C ARG D 177 -25.76 27.42 28.35
N SER D 178 -25.17 27.46 29.55
CA SER D 178 -25.47 28.51 30.55
C SER D 178 -24.94 29.87 30.03
N LEU D 179 -23.93 29.87 29.17
CA LEU D 179 -23.39 31.13 28.59
C LEU D 179 -23.94 31.37 27.17
N LYS D 180 -24.76 30.47 26.63
CA LYS D 180 -25.41 30.61 25.30
C LYS D 180 -24.36 30.82 24.19
N LEU D 181 -23.28 30.04 24.21
CA LEU D 181 -22.18 30.22 23.22
C LEU D 181 -22.59 29.74 21.83
N ASP D 182 -23.66 28.95 21.75
CA ASP D 182 -24.14 28.38 20.47
C ASP D 182 -25.03 29.42 19.76
N GLY D 183 -25.56 30.41 20.50
CA GLY D 183 -26.38 31.51 19.96
C GLY D 183 -27.27 32.12 21.05
N GLY D 184 -27.56 33.42 20.96
CA GLY D 184 -28.40 34.14 21.94
C GLY D 184 -28.46 35.63 21.61
N PRO D 185 -29.35 36.42 22.24
CA PRO D 185 -29.43 37.86 21.98
C PRO D 185 -28.13 38.59 22.34
N GLY D 186 -27.60 39.42 21.43
CA GLY D 186 -26.35 40.17 21.61
C GLY D 186 -25.10 39.33 21.36
N HIS D 187 -25.25 38.04 21.03
CA HIS D 187 -24.10 37.10 20.85
C HIS D 187 -23.34 37.50 19.57
N THR D 188 -22.02 37.61 19.70
CA THR D 188 -21.07 37.95 18.61
C THR D 188 -19.89 36.98 18.67
N LEU D 189 -19.12 36.87 17.60
CA LEU D 189 -17.86 36.09 17.59
C LEU D 189 -16.91 36.63 18.68
N ASP D 190 -16.82 37.94 18.85
CA ASP D 190 -15.93 38.56 19.87
C ASP D 190 -16.33 38.01 21.25
N ARG D 191 -17.62 37.85 21.49
CA ARG D 191 -18.15 37.31 22.77
C ARG D 191 -17.73 35.84 22.90
N LEU D 192 -17.95 35.05 21.85
CA LEU D 192 -17.60 33.60 21.84
C LEU D 192 -16.15 33.45 22.28
N ILE D 193 -15.27 34.22 21.65
CA ILE D 193 -13.80 34.12 21.88
C ILE D 193 -13.47 34.58 23.30
N ASP D 194 -14.07 35.69 23.75
CA ASP D 194 -13.85 36.24 25.11
C ASP D 194 -14.28 35.16 26.14
N GLU D 195 -15.46 34.52 25.99
CA GLU D 195 -16.01 33.51 26.95
C GLU D 195 -15.18 32.22 26.88
N LEU D 196 -14.80 31.77 25.68
CA LEU D 196 -14.00 30.52 25.54
C LEU D 196 -12.65 30.67 26.24
N ALA D 197 -12.11 31.90 26.34
CA ALA D 197 -10.79 32.16 26.97
C ALA D 197 -10.82 31.70 28.43
N ARG D 198 -12.00 31.60 29.03
CA ARG D 198 -12.16 31.39 30.48
C ARG D 198 -12.77 30.02 30.78
N LEU D 199 -12.93 29.17 29.76
CA LEU D 199 -13.52 27.82 29.94
C LEU D 199 -12.45 26.75 29.73
N PRO D 200 -12.64 25.59 30.39
CA PRO D 200 -11.78 24.45 30.17
C PRO D 200 -12.07 23.74 28.83
N LEU D 201 -11.05 23.05 28.34
CA LEU D 201 -11.14 22.12 27.19
C LEU D 201 -11.57 20.74 27.69
N GLU D 202 -12.20 19.95 26.84
CA GLU D 202 -12.65 18.56 27.15
C GLU D 202 -11.45 17.63 27.31
N PHE D 203 -10.35 17.93 26.62
CA PHE D 203 -9.15 17.07 26.60
C PHE D 203 -7.96 17.90 26.09
N SER D 204 -6.77 17.36 26.27
CA SER D 204 -5.52 18.01 25.83
C SER D 204 -5.51 18.08 24.31
N PRO D 205 -5.30 19.28 23.72
CA PRO D 205 -5.46 19.46 22.29
C PRO D 205 -4.76 18.37 21.46
N GLY D 206 -5.49 17.80 20.51
CA GLY D 206 -4.94 16.82 19.55
C GLY D 206 -5.11 15.38 20.02
N THR D 207 -5.56 15.14 21.25
CA THR D 207 -5.53 13.77 21.84
C THR D 207 -6.86 13.07 21.62
N ALA D 208 -7.85 13.77 21.07
CA ALA D 208 -9.17 13.19 20.76
C ALA D 208 -9.87 14.08 19.74
N TRP D 209 -11.08 13.69 19.37
CA TRP D 209 -11.93 14.42 18.41
C TRP D 209 -13.27 14.68 19.08
N ASN D 210 -13.76 15.91 18.97
CA ASN D 210 -15.08 16.27 19.53
C ASN D 210 -15.63 17.42 18.68
N TYR D 211 -16.78 17.19 18.06
CA TYR D 211 -17.50 18.18 17.23
C TYR D 211 -17.70 19.44 18.08
N SER D 212 -17.48 20.63 17.52
CA SER D 212 -17.24 21.83 18.34
C SER D 212 -17.50 23.15 17.61
N VAL D 213 -17.52 24.23 18.40
CA VAL D 213 -17.54 25.64 17.93
C VAL D 213 -16.21 26.01 17.28
N ALA D 214 -15.26 25.07 17.11
CA ALA D 214 -13.93 25.34 16.53
C ALA D 214 -14.06 26.12 15.22
N THR D 215 -15.02 25.74 14.43
CA THR D 215 -15.20 26.31 13.08
C THR D 215 -15.76 27.73 13.18
N ASP D 216 -16.55 28.06 14.21
CA ASP D 216 -16.96 29.46 14.49
C ASP D 216 -15.70 30.26 14.80
N VAL D 217 -14.75 29.62 15.48
CA VAL D 217 -13.44 30.24 15.84
C VAL D 217 -12.64 30.43 14.54
N CYS D 218 -12.68 29.43 13.65
CA CYS D 218 -12.04 29.57 12.33
C CYS D 218 -12.61 30.82 11.63
N GLY D 219 -13.92 31.02 11.67
CA GLY D 219 -14.54 32.24 11.09
C GLY D 219 -13.97 33.48 11.76
N TYR D 220 -13.83 33.47 13.07
CA TYR D 220 -13.21 34.60 13.81
C TYR D 220 -11.81 34.85 13.25
N LEU D 221 -11.04 33.78 12.97
CA LEU D 221 -9.64 33.91 12.48
C LEU D 221 -9.63 34.47 11.05
N VAL D 222 -10.60 34.09 10.21
CA VAL D 222 -10.72 34.66 8.84
C VAL D 222 -10.90 36.19 8.97
N GLN D 223 -11.74 36.66 9.89
CA GLN D 223 -11.98 38.12 10.13
C GLN D 223 -10.68 38.78 10.59
N LEU D 224 -10.06 38.22 11.62
CA LEU D 224 -8.79 38.70 12.20
C LEU D 224 -7.73 38.80 11.09
N LEU D 225 -7.59 37.80 10.23
CA LEU D 225 -6.45 37.75 9.26
C LEU D 225 -6.78 38.61 8.04
N SER D 226 -8.02 38.63 7.59
CA SER D 226 -8.45 39.36 6.36
C SER D 226 -8.73 40.83 6.68
N GLY D 227 -9.05 41.14 7.93
CA GLY D 227 -9.60 42.46 8.33
C GLY D 227 -11.01 42.69 7.79
N MET D 228 -11.67 41.66 7.28
CA MET D 228 -13.07 41.76 6.78
C MET D 228 -14.01 41.05 7.76
N SER D 229 -15.28 41.43 7.79
CA SER D 229 -16.32 40.64 8.48
C SER D 229 -16.61 39.39 7.63
N LEU D 230 -16.97 38.27 8.27
CA LEU D 230 -17.00 36.94 7.62
C LEU D 230 -17.98 36.96 6.44
N ASP D 231 -19.10 37.66 6.57
CA ASP D 231 -20.12 37.75 5.49
C ASP D 231 -19.50 38.44 4.26
N ASP D 232 -18.69 39.48 4.46
CA ASP D 232 -18.03 40.21 3.35
C ASP D 232 -16.92 39.32 2.77
N TYR D 233 -16.16 38.60 3.60
CA TYR D 233 -15.05 37.74 3.11
C TYR D 233 -15.68 36.68 2.20
N PHE D 234 -16.67 35.96 2.71
CA PHE D 234 -17.38 34.88 1.98
C PHE D 234 -17.86 35.44 0.63
N SER D 235 -18.51 36.59 0.68
CA SER D 235 -19.18 37.17 -0.50
C SER D 235 -18.11 37.48 -1.56
N LYS D 236 -17.02 38.10 -1.14
CA LYS D 236 -15.97 38.59 -2.07
C LYS D 236 -15.13 37.43 -2.60
N HIS D 237 -14.78 36.48 -1.73
CA HIS D 237 -13.73 35.48 -2.05
C HIS D 237 -14.35 34.13 -2.40
N ILE D 238 -15.65 33.93 -2.22
CA ILE D 238 -16.29 32.62 -2.54
C ILE D 238 -17.56 32.81 -3.36
N PHE D 239 -18.57 33.52 -2.85
CA PHE D 239 -19.94 33.51 -3.45
C PHE D 239 -19.97 34.29 -4.77
N GLN D 240 -19.41 35.51 -4.81
CA GLN D 240 -19.36 36.30 -6.07
C GLN D 240 -18.58 35.54 -7.13
N PRO D 241 -17.34 35.09 -6.87
CA PRO D 241 -16.56 34.34 -7.89
C PRO D 241 -17.25 33.07 -8.39
N LEU D 242 -17.95 32.34 -7.52
CA LEU D 242 -18.62 31.08 -7.94
C LEU D 242 -20.01 31.34 -8.50
N GLY D 243 -20.52 32.56 -8.45
CA GLY D 243 -21.89 32.86 -8.94
C GLY D 243 -22.94 32.25 -8.02
N MET D 244 -22.82 32.50 -6.70
CA MET D 244 -23.73 31.99 -5.65
C MET D 244 -24.49 33.17 -5.04
N PRO D 245 -25.55 33.68 -5.71
CA PRO D 245 -26.22 34.90 -5.27
C PRO D 245 -27.24 34.67 -4.15
N ASP D 246 -27.48 33.40 -3.81
CA ASP D 246 -28.57 32.97 -2.90
C ASP D 246 -27.97 32.25 -1.69
N THR D 247 -26.83 32.75 -1.21
CA THR D 247 -26.13 32.20 -0.02
C THR D 247 -25.74 33.37 0.87
N PHE D 248 -26.16 33.33 2.13
CA PHE D 248 -26.04 34.46 3.07
C PHE D 248 -26.34 33.99 4.49
N PHE D 249 -25.87 34.77 5.46
CA PHE D 249 -26.17 34.63 6.90
C PHE D 249 -27.56 35.19 7.23
N THR D 250 -28.01 36.20 6.48
CA THR D 250 -29.35 36.83 6.67
C THR D 250 -30.14 36.73 5.35
N VAL D 251 -31.33 36.14 5.38
CA VAL D 251 -32.21 36.06 4.17
C VAL D 251 -32.75 37.46 3.91
N PRO D 252 -32.46 38.08 2.74
CA PRO D 252 -33.04 39.38 2.41
C PRO D 252 -34.57 39.29 2.33
N ALA D 253 -35.24 40.38 2.70
CA ALA D 253 -36.72 40.45 2.80
C ALA D 253 -37.34 40.00 1.47
N GLU D 254 -36.78 40.43 0.33
CA GLU D 254 -37.36 40.13 -1.01
C GLU D 254 -37.15 38.65 -1.40
N LYS D 255 -36.37 37.87 -0.65
CA LYS D 255 -36.17 36.42 -0.94
C LYS D 255 -36.83 35.55 0.14
N LEU D 256 -37.48 36.16 1.11
CA LEU D 256 -38.08 35.43 2.26
C LEU D 256 -39.21 34.52 1.76
N SER D 257 -39.87 34.87 0.67
CA SER D 257 -40.96 34.05 0.08
C SER D 257 -40.41 32.68 -0.33
N ARG D 258 -39.10 32.58 -0.61
CA ARG D 258 -38.46 31.33 -1.08
C ARG D 258 -37.95 30.48 0.10
N PHE D 259 -37.97 31.01 1.31
CA PHE D 259 -37.34 30.40 2.51
C PHE D 259 -38.21 29.26 3.04
N ALA D 260 -37.63 28.07 3.16
CA ALA D 260 -38.31 26.87 3.69
C ALA D 260 -38.56 27.06 5.18
N ALA D 261 -39.61 26.43 5.68
CA ALA D 261 -39.82 26.21 7.13
C ALA D 261 -38.81 25.14 7.59
N CYS D 262 -38.43 25.18 8.86
CA CYS D 262 -37.67 24.09 9.51
C CYS D 262 -38.57 23.30 10.46
N TYR D 263 -38.47 21.98 10.39
CA TYR D 263 -39.26 20.99 11.17
C TYR D 263 -38.30 20.18 12.05
N GLU D 264 -38.83 19.65 13.15
CA GLU D 264 -38.08 18.80 14.11
C GLU D 264 -38.85 17.51 14.32
N TYR D 265 -38.11 16.46 14.65
CA TYR D 265 -38.66 15.09 14.76
C TYR D 265 -39.68 15.05 15.91
N GLN D 266 -40.73 14.25 15.74
CA GLN D 266 -41.72 13.94 16.80
C GLN D 266 -41.93 12.43 16.81
N PRO D 267 -42.12 11.81 17.99
CA PRO D 267 -42.33 10.36 18.08
C PRO D 267 -43.39 9.88 17.08
N GLY D 268 -43.27 8.62 16.65
CA GLY D 268 -44.09 8.03 15.57
C GLY D 268 -43.63 8.46 14.18
N ASP D 269 -42.37 8.86 14.05
CA ASP D 269 -41.78 9.28 12.75
C ASP D 269 -42.65 10.37 12.12
N SER D 270 -42.87 11.44 12.89
CA SER D 270 -43.62 12.64 12.48
C SER D 270 -42.73 13.85 12.72
N PHE D 271 -43.25 15.06 12.50
CA PHE D 271 -42.48 16.31 12.67
C PHE D 271 -43.43 17.45 13.05
N SER D 272 -42.86 18.45 13.71
CA SER D 272 -43.56 19.69 14.11
C SER D 272 -42.75 20.88 13.62
N LEU D 273 -43.44 22.01 13.44
CA LEU D 273 -42.83 23.31 13.06
C LEU D 273 -41.79 23.67 14.11
N GLN D 274 -40.57 23.91 13.64
CA GLN D 274 -39.45 24.31 14.52
C GLN D 274 -39.05 25.76 14.21
N ASP D 275 -39.09 26.20 12.96
CA ASP D 275 -38.81 27.62 12.58
C ASP D 275 -39.75 28.01 11.44
N ASP D 276 -40.64 28.98 11.71
CA ASP D 276 -41.46 29.69 10.69
C ASP D 276 -40.52 30.61 9.89
N PRO D 277 -40.45 30.48 8.55
CA PRO D 277 -39.63 31.36 7.72
C PRO D 277 -40.01 32.85 7.87
N GLN D 278 -41.29 33.14 8.05
CA GLN D 278 -41.77 34.51 8.38
C GLN D 278 -41.60 34.70 9.89
N GLY D 279 -40.73 35.63 10.29
CA GLY D 279 -40.32 35.82 11.70
C GLY D 279 -39.25 34.82 12.14
N SER D 280 -38.35 34.42 11.25
CA SER D 280 -37.15 33.60 11.61
C SER D 280 -36.01 34.51 12.03
N ALA D 281 -35.17 34.07 12.96
CA ALA D 281 -33.89 34.74 13.32
C ALA D 281 -32.97 34.85 12.08
N PHE D 282 -33.08 33.92 11.12
CA PHE D 282 -32.28 33.92 9.86
C PHE D 282 -32.65 35.13 8.98
N ALA D 283 -33.78 35.80 9.24
CA ALA D 283 -34.29 36.96 8.44
C ALA D 283 -33.87 38.29 9.09
N LYS D 284 -33.27 38.24 10.29
CA LYS D 284 -32.77 39.44 11.00
C LYS D 284 -31.25 39.47 10.90
N ALA D 285 -30.67 40.66 10.77
CA ALA D 285 -29.21 40.87 10.82
C ALA D 285 -28.83 41.09 12.29
N HIS D 286 -28.97 40.05 13.12
CA HIS D 286 -28.38 39.99 14.48
C HIS D 286 -26.86 39.94 14.28
N GLY D 287 -26.08 40.05 15.35
CA GLY D 287 -24.63 40.33 15.25
C GLY D 287 -23.74 39.11 15.16
N TYR D 288 -24.29 37.90 15.08
CA TYR D 288 -23.52 36.62 15.14
C TYR D 288 -23.38 36.01 13.75
N LEU D 289 -22.15 35.95 13.24
CA LEU D 289 -21.82 35.31 11.93
C LEU D 289 -21.15 33.96 12.23
N SER D 290 -21.94 32.89 12.19
CA SER D 290 -21.55 31.54 12.63
C SER D 290 -20.90 30.79 11.46
N GLY D 291 -19.57 30.76 11.43
CA GLY D 291 -18.80 29.99 10.43
C GLY D 291 -19.06 28.51 10.57
N GLY D 292 -19.66 28.17 11.66
CA GLY D 292 -20.01 26.78 11.97
C GLY D 292 -21.36 26.38 11.43
N GLY D 293 -22.39 27.24 11.53
CA GLY D 293 -23.74 26.83 11.08
C GLY D 293 -24.68 27.95 10.65
N GLY D 294 -24.20 29.11 10.21
CA GLY D 294 -25.06 30.29 10.03
C GLY D 294 -25.75 30.38 8.68
N LEU D 295 -25.26 29.69 7.65
CA LEU D 295 -25.63 30.04 6.25
C LEU D 295 -27.00 29.50 5.85
N VAL D 296 -27.68 30.30 5.05
CA VAL D 296 -28.83 29.85 4.23
C VAL D 296 -28.33 29.80 2.80
N SER D 297 -28.71 28.75 2.08
CA SER D 297 -28.30 28.54 0.68
C SER D 297 -29.45 27.85 -0.04
N CYS D 298 -29.21 27.51 -1.30
CA CYS D 298 -30.11 26.70 -2.14
C CYS D 298 -29.26 25.65 -2.84
N VAL D 299 -29.92 24.72 -3.53
CA VAL D 299 -29.23 23.55 -4.14
C VAL D 299 -28.28 24.04 -5.25
N ASP D 300 -28.66 25.04 -6.03
CA ASP D 300 -27.83 25.56 -7.15
C ASP D 300 -26.52 26.12 -6.58
N ASP D 301 -26.64 26.98 -5.58
CA ASP D 301 -25.46 27.63 -4.94
C ASP D 301 -24.54 26.55 -4.37
N TYR D 302 -25.05 25.60 -3.57
CA TYR D 302 -24.18 24.60 -2.91
C TYR D 302 -23.62 23.70 -3.99
N TYR D 303 -24.40 23.41 -5.04
CA TYR D 303 -23.94 22.60 -6.18
C TYR D 303 -22.69 23.25 -6.78
N ARG D 304 -22.74 24.56 -6.98
CA ARG D 304 -21.63 25.28 -7.67
C ARG D 304 -20.39 25.23 -6.77
N PHE D 305 -20.57 25.36 -5.46
CA PHE D 305 -19.47 25.21 -4.47
C PHE D 305 -18.89 23.80 -4.57
N ALA D 306 -19.74 22.77 -4.48
CA ALA D 306 -19.32 21.36 -4.51
C ALA D 306 -18.62 21.06 -5.84
N GLN D 307 -19.19 21.54 -6.95
CA GLN D 307 -18.64 21.29 -8.31
C GLN D 307 -17.27 21.96 -8.39
N ALA D 308 -17.11 23.17 -7.85
CA ALA D 308 -15.80 23.85 -7.81
C ALA D 308 -14.80 22.94 -7.08
N LEU D 309 -15.21 22.32 -5.96
CA LEU D 309 -14.26 21.45 -5.20
C LEU D 309 -13.93 20.23 -6.05
N ALA D 310 -14.94 19.61 -6.66
CA ALA D 310 -14.82 18.41 -7.51
C ALA D 310 -13.83 18.69 -8.66
N ASN D 311 -13.74 19.95 -9.11
CA ASN D 311 -12.90 20.36 -10.27
C ASN D 311 -11.48 20.69 -9.81
N GLY D 312 -11.16 20.55 -8.52
CA GLY D 312 -9.87 20.97 -7.96
C GLY D 312 -9.83 22.44 -7.62
N GLY D 313 -10.99 23.06 -7.40
CA GLY D 313 -11.10 24.39 -6.76
C GLY D 313 -11.48 25.50 -7.72
N GLU D 314 -11.87 25.17 -8.95
CA GLU D 314 -12.15 26.13 -10.05
C GLU D 314 -13.52 25.82 -10.63
N LEU D 315 -14.28 26.83 -11.03
CA LEU D 315 -15.52 26.68 -11.83
C LEU D 315 -15.67 27.85 -12.80
N ASP D 316 -15.79 27.56 -14.10
CA ASP D 316 -16.06 28.57 -15.16
C ASP D 316 -15.06 29.73 -15.03
N GLY D 317 -13.78 29.43 -14.86
CA GLY D 317 -12.70 30.44 -14.81
C GLY D 317 -12.47 31.05 -13.44
N ALA D 318 -13.32 30.80 -12.44
CA ALA D 318 -13.11 31.36 -11.08
C ALA D 318 -12.51 30.29 -10.17
N ARG D 319 -11.42 30.60 -9.48
CA ARG D 319 -10.77 29.66 -8.54
C ARG D 319 -10.93 30.16 -7.10
N ILE D 320 -11.45 29.31 -6.21
CA ILE D 320 -11.63 29.63 -4.76
C ILE D 320 -10.47 29.03 -3.94
N ILE D 321 -9.81 27.99 -4.44
CA ILE D 321 -8.69 27.35 -3.71
C ILE D 321 -7.77 26.66 -4.72
N GLY D 322 -6.49 26.56 -4.37
CA GLY D 322 -5.51 25.76 -5.13
C GLY D 322 -5.89 24.29 -5.13
N ARG D 323 -5.70 23.62 -6.26
CA ARG D 323 -5.88 22.15 -6.44
C ARG D 323 -5.16 21.37 -5.33
N LYS D 324 -3.94 21.79 -4.98
CA LYS D 324 -3.06 21.01 -4.07
C LYS D 324 -3.52 21.25 -2.63
N THR D 325 -3.95 22.48 -2.34
CA THR D 325 -4.42 22.89 -0.99
C THR D 325 -5.66 22.06 -0.67
N LEU D 326 -6.56 21.91 -1.65
CA LEU D 326 -7.79 21.12 -1.51
C LEU D 326 -7.45 19.64 -1.26
N GLU D 327 -6.54 19.10 -2.07
CA GLU D 327 -6.04 17.71 -1.91
C GLU D 327 -5.61 17.55 -0.44
N PHE D 328 -4.84 18.50 0.08
CA PHE D 328 -4.34 18.52 1.49
C PHE D 328 -5.53 18.53 2.47
N MET D 329 -6.56 19.34 2.20
CA MET D 329 -7.76 19.44 3.07
C MET D 329 -8.54 18.12 3.09
N ARG D 330 -8.53 17.39 1.96
CA ARG D 330 -9.27 16.13 1.71
C ARG D 330 -8.58 14.92 2.36
N MET D 331 -7.33 15.05 2.77
CA MET D 331 -6.59 13.93 3.41
C MET D 331 -7.19 13.70 4.80
N ASN D 332 -7.07 12.47 5.30
CA ASN D 332 -7.33 12.15 6.71
C ASN D 332 -6.26 12.85 7.57
N HIS D 333 -6.66 13.74 8.48
CA HIS D 333 -5.73 14.48 9.37
C HIS D 333 -5.76 13.93 10.79
N LEU D 334 -6.50 12.84 11.02
CA LEU D 334 -6.51 12.17 12.32
C LEU D 334 -5.19 11.44 12.50
N PRO D 335 -4.73 11.25 13.75
CA PRO D 335 -3.46 10.59 14.03
C PRO D 335 -3.44 9.16 13.46
N ASP D 336 -2.32 8.80 12.86
CA ASP D 336 -2.01 7.41 12.43
C ASP D 336 -3.12 6.91 11.49
N ASN D 337 -3.68 7.80 10.67
CA ASN D 337 -4.74 7.48 9.67
C ASN D 337 -5.88 6.71 10.36
N LYS D 338 -6.21 7.04 11.61
CA LYS D 338 -7.37 6.47 12.34
C LYS D 338 -8.68 7.06 11.81
N GLY D 339 -9.78 6.32 11.99
CA GLY D 339 -11.16 6.73 11.73
C GLY D 339 -11.78 7.41 12.94
N LEU D 340 -12.86 8.17 12.73
CA LEU D 340 -13.53 8.90 13.82
C LEU D 340 -13.81 8.01 15.02
N PRO D 341 -14.31 6.77 14.87
CA PRO D 341 -14.62 5.93 16.03
C PRO D 341 -13.41 5.63 16.93
N ASP D 342 -12.19 5.68 16.38
CA ASP D 342 -10.96 5.44 17.18
C ASP D 342 -10.61 6.67 18.02
N VAL D 343 -11.15 7.86 17.71
CA VAL D 343 -10.67 9.10 18.38
C VAL D 343 -11.82 9.92 18.96
N ALA D 344 -13.04 9.75 18.45
CA ALA D 344 -14.21 10.57 18.80
C ALA D 344 -14.73 10.14 20.17
N ILE D 345 -15.26 11.10 20.93
CA ILE D 345 -15.73 10.86 22.33
C ILE D 345 -17.27 10.86 22.37
N GLY D 346 -17.95 11.19 21.26
CA GLY D 346 -19.41 11.43 21.21
C GLY D 346 -20.12 10.45 20.31
N SER D 347 -21.19 10.87 19.63
CA SER D 347 -22.02 10.07 18.68
C SER D 347 -21.29 9.80 17.36
N PHE D 348 -20.21 10.55 17.09
CA PHE D 348 -19.35 10.38 15.89
C PHE D 348 -18.43 9.16 16.07
N SER D 349 -18.47 8.53 17.26
CA SER D 349 -17.73 7.29 17.58
C SER D 349 -18.57 6.07 17.23
N GLU D 350 -19.83 6.26 16.77
CA GLU D 350 -20.77 5.15 16.54
C GLU D 350 -20.58 4.60 15.12
N THR D 351 -21.21 3.44 14.89
CA THR D 351 -21.04 2.52 13.75
C THR D 351 -21.14 3.24 12.39
N PRO D 352 -22.04 4.21 12.18
CA PRO D 352 -22.10 4.91 10.88
C PRO D 352 -20.88 5.76 10.48
N TYR D 353 -19.91 5.98 11.37
CA TYR D 353 -18.67 6.73 11.10
C TYR D 353 -17.48 5.75 11.05
N ASP D 354 -17.76 4.45 11.17
CA ASP D 354 -16.75 3.37 10.97
C ASP D 354 -16.16 3.51 9.57
N GLY D 355 -14.84 3.55 9.47
CA GLY D 355 -14.16 3.65 8.16
C GLY D 355 -14.23 5.04 7.55
N THR D 356 -14.52 6.07 8.35
CA THR D 356 -14.49 7.49 7.92
C THR D 356 -13.53 8.30 8.80
N GLY D 357 -12.63 9.04 8.17
CA GLY D 357 -11.70 9.95 8.85
C GLY D 357 -12.16 11.38 8.74
N PHE D 358 -11.28 12.33 9.00
CA PHE D 358 -11.59 13.78 8.98
C PHE D 358 -10.34 14.56 8.62
N GLY D 359 -10.48 15.44 7.63
CA GLY D 359 -9.44 16.39 7.24
C GLY D 359 -9.78 17.78 7.74
N LEU D 360 -9.54 18.77 6.89
CA LEU D 360 -9.63 20.19 7.27
C LEU D 360 -11.02 20.66 6.89
N GLY D 361 -12.05 20.11 7.55
CA GLY D 361 -13.45 20.52 7.37
C GLY D 361 -14.24 19.54 6.52
N PHE D 362 -13.68 18.41 6.15
CA PHE D 362 -14.43 17.33 5.45
C PHE D 362 -14.21 16.00 6.16
N SER D 363 -15.23 15.15 6.15
CA SER D 363 -15.07 13.71 6.48
C SER D 363 -14.42 13.06 5.27
N VAL D 364 -13.69 11.97 5.45
CA VAL D 364 -13.01 11.25 4.34
C VAL D 364 -13.31 9.77 4.52
N LYS D 365 -13.90 9.13 3.52
CA LYS D 365 -14.07 7.64 3.57
C LYS D 365 -12.69 6.99 3.44
N LEU D 366 -12.31 6.17 4.43
CA LEU D 366 -11.03 5.43 4.47
C LEU D 366 -11.23 4.00 3.99
N ASP D 367 -12.37 3.38 4.31
CA ASP D 367 -12.56 1.92 4.22
C ASP D 367 -14.03 1.66 3.90
N VAL D 368 -14.35 1.30 2.66
CA VAL D 368 -15.76 1.26 2.20
C VAL D 368 -16.50 0.12 2.91
N ALA D 369 -15.94 -1.09 2.90
CA ALA D 369 -16.61 -2.26 3.52
C ALA D 369 -16.89 -1.96 5.00
N LYS D 370 -15.92 -1.36 5.69
CA LYS D 370 -16.05 -1.07 7.13
C LYS D 370 -17.20 -0.09 7.37
N SER D 371 -17.39 0.89 6.47
CA SER D 371 -18.52 1.85 6.55
C SER D 371 -19.88 1.14 6.37
N GLN D 372 -19.88 -0.01 5.69
CA GLN D 372 -21.07 -0.85 5.36
C GLN D 372 -21.97 -0.10 4.37
N THR D 373 -21.44 0.94 3.73
CA THR D 373 -22.19 1.82 2.79
C THR D 373 -21.39 1.95 1.48
N VAL D 374 -22.03 1.70 0.36
CA VAL D 374 -21.39 1.76 -0.98
C VAL D 374 -20.82 3.16 -1.20
N GLY D 375 -19.67 3.22 -1.85
CA GLY D 375 -18.93 4.44 -2.15
C GLY D 375 -17.50 4.12 -2.54
N SER D 376 -16.67 5.14 -2.59
CA SER D 376 -15.24 5.05 -2.91
C SER D 376 -14.44 5.58 -1.74
N VAL D 377 -13.24 5.03 -1.59
CA VAL D 377 -12.17 5.63 -0.73
C VAL D 377 -12.00 7.08 -1.19
N GLY D 378 -11.99 8.00 -0.24
CA GLY D 378 -11.76 9.43 -0.48
C GLY D 378 -13.06 10.21 -0.63
N GLU D 379 -14.21 9.56 -0.61
CA GLU D 379 -15.51 10.27 -0.57
C GLU D 379 -15.42 11.33 0.52
N TYR D 380 -15.69 12.59 0.21
CA TYR D 380 -15.58 13.67 1.19
C TYR D 380 -16.81 14.58 1.13
N GLY D 381 -17.13 15.16 2.28
CA GLY D 381 -18.27 16.05 2.43
C GLY D 381 -18.60 16.28 3.88
N TRP D 382 -19.82 16.74 4.12
CA TRP D 382 -20.33 16.99 5.48
C TRP D 382 -21.83 17.21 5.37
N GLY D 383 -22.49 17.49 6.48
CA GLY D 383 -23.96 17.55 6.59
C GLY D 383 -24.38 18.69 7.46
N GLY D 384 -25.69 18.91 7.55
CA GLY D 384 -26.28 19.92 8.43
C GLY D 384 -27.21 19.30 9.44
N MET D 385 -27.38 19.96 10.59
CA MET D 385 -28.27 19.56 11.71
C MET D 385 -29.69 19.25 11.22
N ALA D 386 -30.13 19.92 10.14
CA ALA D 386 -31.51 19.78 9.61
C ALA D 386 -31.55 18.75 8.49
N SER D 387 -30.54 17.89 8.40
CA SER D 387 -30.49 16.67 7.56
C SER D 387 -30.15 17.01 6.11
N THR D 388 -29.58 18.18 5.87
CA THR D 388 -28.91 18.52 4.60
C THR D 388 -27.64 17.67 4.52
N ASN D 389 -27.23 17.30 3.31
CA ASN D 389 -26.04 16.44 3.14
C ASN D 389 -25.45 16.68 1.75
N PHE D 390 -24.13 16.62 1.64
CA PHE D 390 -23.44 16.60 0.33
C PHE D 390 -22.24 15.68 0.42
N PHE D 391 -21.89 15.08 -0.71
CA PHE D 391 -20.59 14.38 -0.85
C PHE D 391 -20.04 14.56 -2.26
N ILE D 392 -18.73 14.46 -2.35
CA ILE D 392 -17.94 14.40 -3.60
C ILE D 392 -17.16 13.09 -3.55
N ASP D 393 -17.34 12.24 -4.56
CA ASP D 393 -16.54 11.02 -4.78
C ASP D 393 -15.50 11.35 -5.84
N PRO D 394 -14.22 11.57 -5.47
CA PRO D 394 -13.20 11.96 -6.43
C PRO D 394 -12.78 10.79 -7.33
N GLU D 395 -13.04 9.54 -6.94
CA GLU D 395 -12.74 8.36 -7.78
C GLU D 395 -13.77 8.27 -8.93
N GLU D 396 -15.03 8.59 -8.66
CA GLU D 396 -16.13 8.46 -9.66
C GLU D 396 -16.44 9.81 -10.32
N ASP D 397 -15.85 10.91 -9.84
CA ASP D 397 -16.13 12.30 -10.29
C ASP D 397 -17.63 12.58 -10.14
N LEU D 398 -18.18 12.20 -9.00
CA LEU D 398 -19.63 12.16 -8.73
C LEU D 398 -19.90 12.99 -7.48
N LEU D 399 -21.02 13.72 -7.43
CA LEU D 399 -21.39 14.46 -6.21
C LEU D 399 -22.90 14.50 -6.06
N MET D 400 -23.33 14.64 -4.80
CA MET D 400 -24.76 14.81 -4.44
C MET D 400 -24.90 16.01 -3.52
N VAL D 401 -25.95 16.80 -3.74
CA VAL D 401 -26.44 17.79 -2.74
C VAL D 401 -27.89 17.42 -2.41
N PHE D 402 -28.14 17.14 -1.15
CA PHE D 402 -29.50 16.81 -0.63
C PHE D 402 -29.91 17.85 0.41
N MET D 403 -31.09 18.43 0.20
CA MET D 403 -31.67 19.45 1.10
C MET D 403 -33.02 18.97 1.59
N THR D 404 -33.19 19.02 2.91
CA THR D 404 -34.49 18.91 3.61
C THR D 404 -34.35 19.74 4.88
N GLN D 405 -35.42 19.92 5.64
CA GLN D 405 -35.35 20.63 6.95
C GLN D 405 -36.03 19.74 7.99
N LEU D 406 -35.26 18.84 8.59
CA LEU D 406 -35.69 17.93 9.69
C LEU D 406 -34.52 17.82 10.67
N ILE D 407 -34.64 18.52 11.79
CA ILE D 407 -33.73 18.43 12.96
C ILE D 407 -34.19 17.25 13.82
N PRO D 408 -33.29 16.38 14.36
CA PRO D 408 -31.87 16.38 14.00
C PRO D 408 -31.49 15.45 12.85
N SER D 409 -30.26 15.62 12.34
CA SER D 409 -29.71 14.90 11.16
C SER D 409 -29.48 13.43 11.52
N SER D 410 -29.38 13.10 12.81
CA SER D 410 -29.25 11.70 13.30
C SER D 410 -30.55 10.91 13.14
N THR D 411 -31.68 11.56 12.83
CA THR D 411 -33.01 10.89 12.86
C THR D 411 -33.04 9.74 11.85
N TYR D 412 -32.78 10.02 10.57
CA TYR D 412 -32.96 9.03 9.48
C TYR D 412 -31.64 8.76 8.75
N ALA D 413 -31.57 7.61 8.10
CA ALA D 413 -30.40 7.13 7.32
C ALA D 413 -30.60 7.42 5.83
N VAL D 414 -31.40 8.44 5.51
CA VAL D 414 -31.75 8.80 4.11
C VAL D 414 -30.47 9.09 3.32
N ARG D 415 -29.44 9.70 3.92
CA ARG D 415 -28.22 10.06 3.14
C ARG D 415 -27.53 8.76 2.67
N GLN D 416 -27.67 7.66 3.42
CA GLN D 416 -27.09 6.34 3.10
C GLN D 416 -27.95 5.65 2.03
N GLU D 417 -29.26 5.76 2.13
CA GLU D 417 -30.19 5.20 1.11
C GLU D 417 -29.93 5.90 -0.23
N LEU D 418 -29.68 7.21 -0.20
CA LEU D 418 -29.44 8.00 -1.42
C LEU D 418 -28.12 7.53 -2.04
N ARG D 419 -27.10 7.25 -1.22
CA ARG D 419 -25.79 6.77 -1.73
C ARG D 419 -26.02 5.42 -2.40
N ALA D 420 -26.84 4.55 -1.80
CA ALA D 420 -27.15 3.22 -2.36
C ALA D 420 -27.73 3.40 -3.77
N ILE D 421 -28.69 4.32 -3.91
CA ILE D 421 -29.40 4.52 -5.20
C ILE D 421 -28.44 5.14 -6.20
N ILE D 422 -27.71 6.17 -5.77
CA ILE D 422 -26.84 6.97 -6.69
C ILE D 422 -25.70 6.07 -7.18
N ASN D 423 -25.06 5.33 -6.29
CA ASN D 423 -23.95 4.42 -6.65
C ASN D 423 -24.52 3.31 -7.55
N GLY D 424 -25.74 2.86 -7.28
CA GLY D 424 -26.41 1.81 -8.07
C GLY D 424 -26.66 2.25 -9.50
N ALA D 425 -26.63 3.55 -9.78
CA ALA D 425 -26.99 4.09 -11.12
C ALA D 425 -25.73 4.21 -11.99
N LEU D 426 -24.55 3.94 -11.44
CA LEU D 426 -23.30 3.92 -12.27
C LEU D 426 -23.33 2.70 -13.19
N VAL D 427 -23.35 2.93 -14.51
CA VAL D 427 -23.45 1.83 -15.52
C VAL D 427 -22.32 1.89 -16.53
N ASP D 428 -21.20 2.55 -16.22
CA ASP D 428 -19.98 2.54 -17.08
C ASP D 428 -18.88 1.76 -16.38
#